data_8EOP
#
_entry.id   8EOP
#
_cell.length_a   1.00
_cell.length_b   1.00
_cell.length_c   1.00
_cell.angle_alpha   90.00
_cell.angle_beta   90.00
_cell.angle_gamma   90.00
#
_symmetry.space_group_name_H-M   'P 1'
#
loop_
_entity.id
_entity.type
_entity.pdbx_description
1 polymer 'Phospholipid-transporting ATPase ABCA7'
2 branched 2-acetamido-2-deoxy-beta-D-glucopyranose-(1-4)-2-acetamido-2-deoxy-beta-D-glucopyranose
3 branched beta-D-mannopyranose-(1-4)-2-acetamido-2-deoxy-beta-D-glucopyranose-(1-4)-2-acetamido-2-deoxy-beta-D-glucopyranose
4 non-polymer 2-acetamido-2-deoxy-beta-D-glucopyranose
5 non-polymer "ADENOSINE-5'-TRIPHOSPHATE"
6 non-polymer 'MAGNESIUM ION'
#
_entity_poly.entity_id   1
_entity_poly.type   'polypeptide(L)'
_entity_poly.pdbx_seq_one_letter_code
;MAFWTQLMLLLWKNFMYRRRQPVQLLVELLWPLFLFFILVAVRHSHPPLEHHECHFPNKPLPSAGTVPWLQGLICNVNNT
CFPQLTPGEEPGRLSNFNDSLVSRLLADARTVLGGASAHRTLAGLGKLIATLRAARSTAQPQPTKQSPLEPPMLDVAELL
TSLLRTESLGLALGQAQEPLHSLLEAAEDLAQELLALRSLVELRALLQRPRGTSGPLELLSEALCSVRGPSSTVGPSLNW
YEASDLMELVGQEPESALPDSSLSPACSELIGALDSHPLSRLLWRRLKPLILGKLLFAPDTPFTRKLMAQVNRTFEELTL
LRDVREVWEMLGPRIFTFMNDSSNVAMLQRLLQMQDEGRRQPRPGGRDHMEALRSFLDPGSGGYSWQDAHADVGHLVGTL
GRVTECLSLDKLEAAPSEAALVSRALQLLAEHRFWAGVVFLGPEDSSDPTEHPTPDLGPGHVRIKIRMDIDVVTRTNKIR
DRFWDPGPAADPLTDLRYVWGGFVYLQDLVERAAVRVLSGANPRAGLYLQQMPYPCYVDDVFLRVLSRSLPLFLTLAWIY
SVTLTVKAVVREKETRLRDTMRAMGLSRAVLWLGWFLSCLGPFLLSAALLVLVLKLGDILPYSHPGVVFLFLAAFAVATV
TQSFLLSAFFSRANLAAACGGLAYFSLYLPYVLCVAWRDRLPAGGRVAASLLSPVAFGFGCESLALLEEQGEGAQWHNVG
TRPTADVFSLAQVSGLLLLDAALYGLATWYLEAVCPGQYGIPEPWNFPFRRSYWCGPRPPKSPAPCPTPLDPKVLVEEAP
PGLSPGVSVRSLEKRFPGSPQPALRGLSLDFYQGHITAFLGHNGAGKTTTLSILSGLFPPSGGSAFILGHDVRSSMAAIR
PHLGVCPQYNVLFDMLTVDEHVWFYGRLKGLSAAVVGPEQDRLLQDVGLVSKQSVQTRHLSGGMQRKLSVAIAFVGGSQV
VILDQPTAGVDPASRRGIWELLLKYREGRTLILSTHHLDEAELLGDRVAVVAGGRLCCCGSPLFLRRHLGSGYYLTLVKA
RLPLTTNEKADTDMEGSVDTRQEKKNGSQGSRVGTPQLLALVQHWVPGARLVEELPHELVLVLPYTGAHDGSFATLFREL
DTRLAELRLTGYGISDTSLEEIFLKVVEECAADTDMEDGSCGQHLCTGIAGLDVTLRLKMPPQETALENGEPAGSAPETD
QGSGPDAVGRVQGWALTRQQLQALLLKRFLLARRSRRGLFAQIVLPALFVGLALVFSLIVPPFGHYPALRLSPTMYGAQV
SFFSEDAPGDPGRARLLEALLQEAGLEEPPVQHSSHRFSAPEVPAEVAKVLASGNWTPESPSPACQCSRPGARRLLPDCP
AAAGGPPPPQAVTGSGEVVQNLTGRNLSDFLVKTYPRLVRQGLKTKKWVNEVRYGGFSLGGRDPGLPSGQELGRSVEELW
ALLSPLPGGALDRVLKNLTAWAHSLDAQDSLKIWFNNKGWHSMVAFVNRASNAILRAHLPPGPARHAHSITTLNHPLNLT
KEQLSEGALMASSVDVLVSICVVFAMSFVPASFTLVLIEERVTRAKHLQLMGGLSPTLYWLGNFLWDMCNYLVPACIVVL
IFLAFQQRAYVAPANLPALLLLLLLYGWSITPLMYPASFFFSVPSTAYVVLTCINLFIGINGSMATFVLELFSDQKLQEV
SRILKQVFLIFPHFCLGRGLIDMVRNQAMADAFERLGDRQFQSPLRWEVVGKNLLAMVIQGPLFLLFTLLLQHRSQLLPQ
PRVRSLPLLGEEDEDVARERERVVQGATQGDVLVLRNLTKVYRGQRMPAVDRLCLGIPPGECFGLLGVNGAGKTSTFRMV
TGDTLASRGEAVLAGHSVAREPSAAHLSMGYCPQSDAIFELLTGREHLELLARLRGVPEAQVAQTAGSGLARLGLSWYAD
RPAGTYSGGNKRKLATALALVGDPAVVFLDQPTTGMDPSARRFLWNSLLAVVREGRSVMLTSHSMEECEALCSRLAIMVN
GRFRCLGSPQHLKGRFAAGHTLTLRVPAARSQPAAAFVAAEFPGAELREAHGGRLRFQLPPGGRCALARVFGELAVHGAE
HGVEDFSVSQTMLEEVFLYFSKDQGKDEDTEEQKEAGVGVDPAPGLQHPKRVSQFLDDPSTAETVL
;
_entity_poly.pdbx_strand_id   A
#
# COMPACT_ATOMS: atom_id res chain seq x y z
N ALA A 2 26.85 -40.06 -6.52
CA ALA A 2 25.75 -39.76 -7.43
C ALA A 2 25.13 -38.40 -7.11
N PHE A 3 25.92 -37.54 -6.46
CA PHE A 3 25.46 -36.20 -6.11
C PHE A 3 25.09 -35.41 -7.36
N TRP A 4 26.01 -35.33 -8.31
CA TRP A 4 25.78 -34.55 -9.52
C TRP A 4 24.70 -35.19 -10.39
N THR A 5 24.67 -36.53 -10.44
CA THR A 5 23.64 -37.21 -11.21
C THR A 5 22.26 -36.93 -10.65
N GLN A 6 22.11 -37.00 -9.32
CA GLN A 6 20.83 -36.70 -8.70
C GLN A 6 20.44 -35.24 -8.92
N LEU A 7 21.41 -34.33 -8.82
CA LEU A 7 21.11 -32.92 -9.08
C LEU A 7 20.63 -32.72 -10.51
N MET A 8 21.29 -33.38 -11.48
CA MET A 8 20.87 -33.27 -12.87
C MET A 8 19.46 -33.83 -13.06
N LEU A 9 19.16 -34.96 -12.41
CA LEU A 9 17.82 -35.53 -12.52
C LEU A 9 16.77 -34.58 -11.99
N LEU A 10 17.02 -33.98 -10.81
CA LEU A 10 16.05 -33.06 -10.24
C LEU A 10 15.85 -31.83 -11.12
N LEU A 11 16.94 -31.26 -11.61
CA LEU A 11 16.82 -30.10 -12.49
C LEU A 11 16.09 -30.45 -13.78
N TRP A 12 16.34 -31.65 -14.32
CA TRP A 12 15.64 -32.05 -15.54
C TRP A 12 14.15 -32.21 -15.30
N LYS A 13 13.77 -32.80 -14.16
CA LYS A 13 12.35 -32.95 -13.86
C LYS A 13 11.68 -31.59 -13.69
N ASN A 14 12.34 -30.67 -12.99
CA ASN A 14 11.78 -29.33 -12.83
C ASN A 14 11.67 -28.61 -14.16
N PHE A 15 12.66 -28.79 -15.03
CA PHE A 15 12.60 -28.20 -16.36
C PHE A 15 11.46 -28.77 -17.19
N MET A 16 11.22 -30.08 -17.08
CA MET A 16 10.09 -30.68 -17.79
C MET A 16 8.77 -30.13 -17.29
N TYR A 17 8.63 -29.99 -15.97
CA TYR A 17 7.42 -29.36 -15.43
C TYR A 17 7.25 -27.95 -15.95
N ARG A 18 8.34 -27.17 -16.00
CA ARG A 18 8.25 -25.81 -16.51
C ARG A 18 7.84 -25.79 -17.98
N ARG A 19 8.41 -26.70 -18.78
CA ARG A 19 8.16 -26.70 -20.21
C ARG A 19 6.76 -27.16 -20.56
N ARG A 20 6.21 -28.12 -19.80
CA ARG A 20 4.88 -28.63 -20.11
C ARG A 20 3.81 -27.53 -19.98
N GLN A 21 3.91 -26.72 -18.93
CA GLN A 21 2.96 -25.63 -18.69
C GLN A 21 3.67 -24.29 -18.75
N PRO A 22 3.55 -23.56 -19.86
CA PRO A 22 4.28 -22.28 -19.98
C PRO A 22 3.53 -21.08 -19.45
N VAL A 23 2.21 -21.18 -19.36
CA VAL A 23 1.40 -20.01 -18.96
C VAL A 23 1.72 -19.60 -17.53
N GLN A 24 1.88 -20.57 -16.64
CA GLN A 24 2.25 -20.24 -15.27
C GLN A 24 3.61 -19.57 -15.21
N LEU A 25 4.56 -20.04 -16.01
CA LEU A 25 5.88 -19.42 -16.05
C LEU A 25 5.77 -17.97 -16.52
N LEU A 26 4.99 -17.74 -17.59
CA LEU A 26 4.86 -16.38 -18.11
C LEU A 26 4.21 -15.46 -17.09
N VAL A 27 3.16 -15.93 -16.42
CA VAL A 27 2.47 -15.08 -15.45
C VAL A 27 3.36 -14.81 -14.24
N GLU A 28 4.15 -15.79 -13.81
CA GLU A 28 5.07 -15.55 -12.70
C GLU A 28 6.14 -14.53 -13.08
N LEU A 29 6.68 -14.63 -14.29
CA LEU A 29 7.70 -13.66 -14.72
C LEU A 29 7.12 -12.27 -14.94
N LEU A 30 5.84 -12.15 -15.29
CA LEU A 30 5.28 -10.86 -15.62
C LEU A 30 4.45 -10.24 -14.48
N TRP A 31 4.25 -10.95 -13.38
CA TRP A 31 3.45 -10.41 -12.28
C TRP A 31 4.01 -9.15 -11.63
N PRO A 32 5.29 -9.07 -11.23
CA PRO A 32 5.70 -7.96 -10.37
C PRO A 32 5.96 -6.64 -11.08
N LEU A 33 5.46 -6.47 -12.31
CA LEU A 33 5.77 -5.28 -13.09
C LEU A 33 4.58 -4.39 -13.42
N PHE A 34 3.36 -4.73 -13.00
CA PHE A 34 2.20 -3.95 -13.41
C PHE A 34 2.22 -2.54 -12.83
N LEU A 35 2.48 -2.43 -11.53
CA LEU A 35 2.50 -1.12 -10.90
C LEU A 35 3.62 -0.25 -11.47
N PHE A 36 4.78 -0.85 -11.72
CA PHE A 36 5.88 -0.09 -12.30
C PHE A 36 5.57 0.32 -13.73
N PHE A 37 4.86 -0.52 -14.49
CA PHE A 37 4.40 -0.11 -15.82
C PHE A 37 3.49 1.10 -15.72
N ILE A 38 2.55 1.09 -14.78
CA ILE A 38 1.65 2.22 -14.61
C ILE A 38 2.44 3.48 -14.23
N LEU A 39 3.40 3.34 -13.32
CA LEU A 39 4.21 4.49 -12.90
C LEU A 39 5.01 5.06 -14.06
N VAL A 40 5.61 4.20 -14.87
CA VAL A 40 6.37 4.67 -16.02
C VAL A 40 5.45 5.36 -17.02
N ALA A 41 4.26 4.81 -17.25
CA ALA A 41 3.32 5.43 -18.15
C ALA A 41 2.93 6.82 -17.67
N VAL A 42 2.70 6.98 -16.36
CA VAL A 42 2.37 8.29 -15.81
C VAL A 42 3.57 9.24 -15.96
N ARG A 43 4.77 8.76 -15.65
CA ARG A 43 5.97 9.60 -15.70
C ARG A 43 6.23 10.09 -17.12
N HIS A 44 5.94 9.26 -18.12
CA HIS A 44 6.18 9.64 -19.51
C HIS A 44 5.37 10.87 -19.89
N SER A 45 4.22 11.10 -19.24
CA SER A 45 3.36 12.23 -19.54
C SER A 45 3.51 13.37 -18.54
N HIS A 46 4.55 13.35 -17.71
CA HIS A 46 4.80 14.38 -16.71
C HIS A 46 6.22 14.90 -16.91
N PRO A 47 6.42 15.79 -17.90
CA PRO A 47 7.77 16.25 -18.19
C PRO A 47 8.33 17.06 -17.04
N PRO A 48 9.65 17.04 -16.84
CA PRO A 48 10.26 17.92 -15.83
C PRO A 48 10.06 19.38 -16.20
N LEU A 49 9.99 20.23 -15.17
CA LEU A 49 9.74 21.65 -15.34
C LEU A 49 10.94 22.46 -14.90
N GLU A 50 11.31 23.44 -15.72
CA GLU A 50 12.38 24.37 -15.40
C GLU A 50 11.80 25.77 -15.23
N HIS A 51 12.28 26.49 -14.24
CA HIS A 51 11.79 27.83 -13.92
C HIS A 51 12.75 28.89 -14.41
N HIS A 52 12.20 29.94 -15.02
CA HIS A 52 12.99 31.03 -15.53
C HIS A 52 13.54 31.89 -14.41
N GLU A 53 14.56 32.69 -14.74
CA GLU A 53 15.12 33.64 -13.79
C GLU A 53 14.10 34.73 -13.47
N CYS A 54 14.01 35.10 -12.19
CA CYS A 54 13.07 36.14 -11.78
C CYS A 54 13.55 36.78 -10.49
N HIS A 55 13.18 38.04 -10.31
CA HIS A 55 13.60 38.86 -9.18
C HIS A 55 12.40 39.19 -8.30
N PHE A 56 12.61 39.13 -6.98
CA PHE A 56 11.57 39.41 -6.00
C PHE A 56 11.51 40.89 -5.66
N PRO A 57 10.34 41.39 -5.23
CA PRO A 57 10.19 42.83 -5.02
C PRO A 57 10.55 43.28 -3.61
N ASN A 58 10.48 44.59 -3.37
CA ASN A 58 10.85 45.20 -2.11
C ASN A 58 9.79 44.92 -1.04
N LYS A 59 10.14 45.18 0.22
CA LYS A 59 9.20 45.02 1.33
C LYS A 59 9.59 45.99 2.45
N PRO A 60 8.97 47.16 2.52
CA PRO A 60 9.29 48.10 3.59
C PRO A 60 8.76 47.63 4.93
N LEU A 61 9.38 48.14 5.99
CA LEU A 61 8.99 47.91 7.38
C LEU A 61 8.36 49.17 7.97
N PRO A 62 7.59 49.04 9.05
CA PRO A 62 6.93 50.22 9.62
C PRO A 62 7.90 51.30 10.10
N SER A 63 9.17 50.95 10.34
CA SER A 63 10.15 51.96 10.70
C SER A 63 10.43 52.93 9.56
N ALA A 64 10.01 52.60 8.33
CA ALA A 64 10.20 53.45 7.17
C ALA A 64 9.03 54.38 6.91
N GLY A 65 8.01 54.36 7.75
CA GLY A 65 6.86 55.22 7.59
C GLY A 65 5.59 54.41 7.77
N THR A 66 4.48 54.98 7.31
CA THR A 66 3.18 54.32 7.39
C THR A 66 2.57 54.05 6.03
N VAL A 67 2.56 55.04 5.14
CA VAL A 67 2.02 54.82 3.80
C VAL A 67 2.79 53.74 3.04
N PRO A 68 4.13 53.76 2.97
CA PRO A 68 4.82 52.67 2.29
C PRO A 68 4.59 51.31 2.95
N TRP A 69 4.43 51.27 4.27
CA TRP A 69 4.18 50.00 4.94
C TRP A 69 2.87 49.40 4.47
N LEU A 70 1.81 50.20 4.44
CA LEU A 70 0.52 49.71 3.95
C LEU A 70 0.60 49.35 2.48
N GLN A 71 1.35 50.13 1.70
CA GLN A 71 1.50 49.82 0.27
C GLN A 71 2.14 48.46 0.08
N GLY A 72 3.20 48.17 0.84
CA GLY A 72 3.85 46.87 0.72
C GLY A 72 3.05 45.74 1.33
N LEU A 73 2.18 46.04 2.29
CA LEU A 73 1.34 45.00 2.87
C LEU A 73 0.19 44.63 1.94
N ILE A 74 -0.34 45.60 1.20
CA ILE A 74 -1.50 45.36 0.36
C ILE A 74 -1.11 44.89 -1.04
N CYS A 75 -0.15 45.55 -1.67
CA CYS A 75 0.17 45.22 -3.05
C CYS A 75 0.94 43.91 -3.17
N ASN A 76 1.93 43.69 -2.30
CA ASN A 76 2.81 42.53 -2.42
C ASN A 76 2.32 41.33 -1.61
N VAL A 77 1.06 40.93 -1.82
CA VAL A 77 0.57 39.73 -1.17
C VAL A 77 1.23 38.49 -1.77
N ASN A 78 1.30 38.43 -3.09
CA ASN A 78 2.01 37.36 -3.78
C ASN A 78 3.46 37.76 -4.01
N ASN A 79 4.33 36.76 -4.07
CA ASN A 79 5.73 36.98 -4.46
C ASN A 79 5.90 36.79 -5.97
N THR A 80 5.16 37.61 -6.72
CA THR A 80 5.20 37.58 -8.18
C THR A 80 6.55 38.12 -8.62
N CYS A 81 7.46 37.22 -8.99
CA CYS A 81 8.83 37.59 -9.34
C CYS A 81 8.91 37.84 -10.84
N PHE A 82 9.32 39.06 -11.20
CA PHE A 82 9.43 39.45 -12.60
C PHE A 82 10.80 39.04 -13.15
N PRO A 83 10.85 38.42 -14.33
CA PRO A 83 12.17 38.12 -14.92
C PRO A 83 13.02 39.36 -15.15
N GLN A 84 12.41 40.47 -15.53
CA GLN A 84 13.13 41.72 -15.68
C GLN A 84 13.50 42.29 -14.32
N LEU A 85 14.58 43.07 -14.28
CA LEU A 85 15.07 43.61 -13.02
C LEU A 85 14.08 44.61 -12.44
N THR A 86 13.73 44.41 -11.18
CA THR A 86 12.86 45.34 -10.49
C THR A 86 13.61 46.64 -10.19
N PRO A 87 12.96 47.80 -10.32
CA PRO A 87 13.67 49.06 -10.04
C PRO A 87 14.16 49.18 -8.61
N GLY A 88 13.63 48.39 -7.68
CA GLY A 88 14.11 48.45 -6.30
C GLY A 88 15.54 48.01 -6.14
N GLU A 89 15.99 47.03 -6.94
CA GLU A 89 17.34 46.52 -6.83
C GLU A 89 18.40 47.54 -7.21
N GLU A 90 18.03 48.57 -7.96
CA GLU A 90 19.00 49.60 -8.34
C GLU A 90 19.46 50.35 -7.09
N PRO A 91 20.76 50.50 -6.86
CA PRO A 91 21.21 51.20 -5.66
C PRO A 91 20.71 52.63 -5.55
N GLY A 92 20.62 53.35 -6.67
CA GLY A 92 20.12 54.72 -6.63
C GLY A 92 18.65 54.79 -6.25
N ARG A 93 17.83 53.93 -6.85
CA ARG A 93 16.39 53.94 -6.59
C ARG A 93 16.10 53.31 -5.24
N LEU A 94 14.97 53.71 -4.66
CA LEU A 94 14.55 53.21 -3.36
C LEU A 94 13.07 52.83 -3.30
N SER A 95 12.22 53.38 -4.14
CA SER A 95 10.78 53.16 -4.08
C SER A 95 10.36 52.25 -5.22
N ASN A 96 10.04 50.99 -4.88
CA ASN A 96 9.58 50.04 -5.89
C ASN A 96 8.23 50.47 -6.46
N PHE A 97 7.31 50.88 -5.60
CA PHE A 97 6.01 51.35 -6.05
C PHE A 97 6.14 52.79 -6.53
N ASN A 98 5.71 53.05 -7.75
CA ASN A 98 6.05 54.31 -8.41
C ASN A 98 4.87 54.68 -9.31
N ASP A 99 4.79 55.96 -9.67
CA ASP A 99 3.77 56.57 -10.54
C ASP A 99 2.36 56.07 -10.26
N SER A 100 2.07 55.71 -9.00
CA SER A 100 0.74 55.26 -8.62
C SER A 100 -0.13 56.46 -8.25
N LEU A 101 -1.38 56.19 -7.86
CA LEU A 101 -2.30 57.27 -7.53
C LEU A 101 -1.85 58.02 -6.28
N VAL A 102 -1.56 57.30 -5.21
CA VAL A 102 -1.24 57.97 -3.94
C VAL A 102 0.09 58.68 -4.03
N SER A 103 1.10 58.05 -4.65
CA SER A 103 2.41 58.67 -4.74
C SER A 103 2.37 59.91 -5.61
N ARG A 104 1.71 59.83 -6.77
CA ARG A 104 1.58 60.99 -7.64
C ARG A 104 0.80 62.10 -6.96
N LEU A 105 -0.26 61.74 -6.24
CA LEU A 105 -1.05 62.74 -5.52
C LEU A 105 -0.20 63.46 -4.48
N LEU A 106 0.57 62.70 -3.71
CA LEU A 106 1.42 63.30 -2.69
C LEU A 106 2.48 64.21 -3.31
N ALA A 107 3.12 63.75 -4.39
CA ALA A 107 4.15 64.55 -5.03
C ALA A 107 3.56 65.83 -5.62
N ASP A 108 2.40 65.75 -6.26
CA ASP A 108 1.81 66.92 -6.87
C ASP A 108 1.31 67.90 -5.81
N ALA A 109 0.78 67.38 -4.70
CA ALA A 109 0.40 68.25 -3.60
C ALA A 109 1.61 68.96 -3.02
N ARG A 110 2.72 68.24 -2.85
CA ARG A 110 3.96 68.86 -2.40
C ARG A 110 4.37 69.98 -3.35
N THR A 111 4.35 69.71 -4.65
CA THR A 111 4.78 70.72 -5.63
C THR A 111 3.87 71.94 -5.59
N VAL A 112 2.56 71.74 -5.56
CA VAL A 112 1.64 72.87 -5.62
C VAL A 112 1.71 73.69 -4.33
N LEU A 113 1.88 73.03 -3.18
CA LEU A 113 1.96 73.78 -1.93
C LEU A 113 3.28 74.54 -1.81
N GLY A 114 4.37 73.96 -2.30
CA GLY A 114 5.65 74.65 -2.27
C GLY A 114 5.81 75.71 -3.34
N GLY A 115 5.01 75.65 -4.40
CA GLY A 115 5.17 76.59 -5.51
C GLY A 115 4.86 78.03 -5.14
N ALA A 116 3.76 78.25 -4.42
CA ALA A 116 3.26 79.59 -4.15
C ALA A 116 2.95 79.76 -2.67
N SER A 117 3.86 79.31 -1.81
CA SER A 117 3.70 79.52 -0.38
C SER A 117 3.79 81.01 -0.04
N ALA A 118 4.72 81.73 -0.67
CA ALA A 118 4.88 83.15 -0.39
C ALA A 118 3.66 83.95 -0.81
N HIS A 119 3.03 83.58 -1.92
CA HIS A 119 1.84 84.28 -2.37
C HIS A 119 0.71 84.16 -1.35
N ARG A 120 0.50 82.95 -0.81
CA ARG A 120 -0.54 82.78 0.20
C ARG A 120 -0.17 83.41 1.53
N THR A 121 1.13 83.45 1.85
CA THR A 121 1.55 84.19 3.04
C THR A 121 1.22 85.68 2.90
N LEU A 122 1.49 86.25 1.72
CA LEU A 122 1.13 87.65 1.48
C LEU A 122 -0.38 87.85 1.51
N ALA A 123 -1.13 86.90 0.97
CA ALA A 123 -2.59 86.99 1.01
C ALA A 123 -3.10 86.98 2.45
N GLY A 124 -2.54 86.11 3.29
CA GLY A 124 -2.90 86.10 4.70
C GLY A 124 -2.39 87.30 5.47
N LEU A 125 -1.37 87.98 4.96
CA LEU A 125 -0.87 89.19 5.61
C LEU A 125 -1.95 90.28 5.63
N GLY A 126 -2.68 90.45 4.53
CA GLY A 126 -3.71 91.45 4.45
C GLY A 126 -4.91 91.16 5.35
N SER A 182 -3.64 92.26 -6.57
CA SER A 182 -2.92 91.96 -5.34
C SER A 182 -3.01 90.47 -5.00
N LEU A 183 -3.59 90.17 -3.84
CA LEU A 183 -3.74 88.78 -3.43
C LEU A 183 -4.68 88.03 -4.37
N LEU A 184 -5.65 88.71 -4.96
CA LEU A 184 -6.55 88.07 -5.90
C LEU A 184 -5.82 87.58 -7.13
N GLU A 185 -4.82 88.35 -7.59
CA GLU A 185 -4.02 87.90 -8.74
C GLU A 185 -3.24 86.64 -8.41
N ALA A 186 -2.64 86.57 -7.23
CA ALA A 186 -1.92 85.38 -6.82
C ALA A 186 -2.85 84.18 -6.69
N ALA A 187 -4.05 84.39 -6.13
CA ALA A 187 -5.03 83.31 -6.03
C ALA A 187 -5.45 82.83 -7.41
N GLU A 188 -5.65 83.75 -8.35
CA GLU A 188 -5.99 83.37 -9.71
C GLU A 188 -4.86 82.58 -10.37
N ASP A 189 -3.61 83.00 -10.13
CA ASP A 189 -2.47 82.28 -10.68
C ASP A 189 -2.40 80.86 -10.11
N LEU A 190 -2.64 80.70 -8.82
CA LEU A 190 -2.63 79.38 -8.21
C LEU A 190 -3.77 78.52 -8.77
N ALA A 191 -4.96 79.12 -8.92
CA ALA A 191 -6.08 78.37 -9.49
C ALA A 191 -5.83 78.00 -10.95
N GLN A 192 -5.01 78.77 -11.64
CA GLN A 192 -4.69 78.45 -13.04
C GLN A 192 -3.99 77.09 -13.12
N GLU A 193 -3.06 76.82 -12.22
CA GLU A 193 -2.40 75.52 -12.18
C GLU A 193 -3.14 74.51 -11.31
N LEU A 194 -4.22 74.92 -10.63
CA LEU A 194 -5.10 73.93 -10.00
C LEU A 194 -5.92 73.15 -11.02
N LEU A 195 -5.92 73.54 -12.29
CA LEU A 195 -6.59 72.78 -13.33
C LEU A 195 -5.62 72.12 -14.30
N ALA A 196 -4.35 72.51 -14.30
CA ALA A 196 -3.38 71.89 -15.20
C ALA A 196 -3.16 70.42 -14.85
N LEU A 197 -3.08 70.11 -13.57
CA LEU A 197 -2.86 68.72 -13.14
C LEU A 197 -4.08 67.87 -13.44
N ARG A 198 -3.83 66.63 -13.84
CA ARG A 198 -4.88 65.66 -14.10
C ARG A 198 -5.12 64.71 -12.92
N SER A 199 -4.34 64.86 -11.85
CA SER A 199 -4.52 63.98 -10.68
C SER A 199 -5.88 64.20 -10.03
N LEU A 200 -6.34 65.45 -9.96
CA LEU A 200 -7.65 65.73 -9.40
C LEU A 200 -8.75 65.09 -10.24
N VAL A 201 -8.61 65.13 -11.56
CA VAL A 201 -9.63 64.56 -12.44
C VAL A 201 -9.74 63.06 -12.23
N GLU A 202 -8.60 62.37 -12.19
CA GLU A 202 -8.63 60.93 -11.98
C GLU A 202 -9.09 60.58 -10.57
N LEU A 203 -8.75 61.40 -9.58
CA LEU A 203 -9.25 61.16 -8.23
C LEU A 203 -10.76 61.27 -8.18
N ARG A 204 -11.33 62.29 -8.84
CA ARG A 204 -12.77 62.43 -8.91
C ARG A 204 -13.40 61.25 -9.64
N ALA A 205 -12.77 60.80 -10.72
CA ALA A 205 -13.29 59.66 -11.46
C ALA A 205 -13.33 58.40 -10.60
N LEU A 206 -12.25 58.15 -9.85
CA LEU A 206 -12.21 56.97 -9.00
C LEU A 206 -13.21 57.06 -7.86
N LEU A 207 -13.34 58.23 -7.23
CA LEU A 207 -14.27 58.33 -6.12
C LEU A 207 -15.73 58.33 -6.56
N GLN A 208 -16.00 58.50 -7.85
CA GLN A 208 -17.36 58.49 -8.38
C GLN A 208 -17.74 57.14 -8.96
N ARG A 209 -16.93 56.11 -8.74
CA ARG A 209 -17.22 54.79 -9.27
C ARG A 209 -18.50 54.24 -8.63
N PRO A 210 -19.44 53.71 -9.41
CA PRO A 210 -20.62 53.07 -8.82
C PRO A 210 -20.22 51.89 -7.95
N ARG A 211 -20.92 51.74 -6.83
CA ARG A 211 -20.54 50.72 -5.86
C ARG A 211 -20.91 49.33 -6.37
N GLY A 212 -19.97 48.40 -6.22
CA GLY A 212 -20.16 47.04 -6.69
C GLY A 212 -18.88 46.24 -6.66
N THR A 213 -18.58 45.55 -7.76
CA THR A 213 -17.38 44.72 -7.89
C THR A 213 -17.24 43.77 -6.72
N SER A 214 -16.19 43.94 -5.93
CA SER A 214 -15.96 43.14 -4.74
C SER A 214 -16.09 43.92 -3.44
N GLY A 215 -16.01 45.25 -3.49
CA GLY A 215 -16.13 46.07 -2.32
C GLY A 215 -15.08 47.15 -2.26
N PRO A 216 -14.96 47.82 -1.10
CA PRO A 216 -13.96 48.90 -0.98
C PRO A 216 -12.53 48.43 -1.18
N LEU A 217 -12.25 47.17 -0.86
CA LEU A 217 -10.87 46.66 -0.97
C LEU A 217 -10.39 46.68 -2.41
N GLU A 218 -11.27 46.40 -3.37
CA GLU A 218 -10.87 46.42 -4.77
C GLU A 218 -10.44 47.82 -5.19
N LEU A 219 -11.23 48.84 -4.84
CA LEU A 219 -10.84 50.21 -5.16
C LEU A 219 -9.59 50.63 -4.43
N LEU A 220 -9.44 50.19 -3.17
CA LEU A 220 -8.23 50.52 -2.41
C LEU A 220 -6.99 49.93 -3.07
N SER A 221 -7.07 48.68 -3.51
CA SER A 221 -5.95 48.05 -4.19
C SER A 221 -5.67 48.74 -5.53
N GLU A 222 -6.73 49.14 -6.24
CA GLU A 222 -6.54 49.86 -7.50
C GLU A 222 -5.83 51.19 -7.28
N ALA A 223 -6.20 51.90 -6.22
CA ALA A 223 -5.59 53.20 -5.95
C ALA A 223 -4.15 53.07 -5.45
N LEU A 224 -3.90 52.15 -4.52
CA LEU A 224 -2.57 52.02 -3.94
C LEU A 224 -1.57 51.45 -4.93
N CYS A 225 -1.93 50.35 -5.59
CA CYS A 225 -1.01 49.66 -6.47
C CYS A 225 -1.00 50.29 -7.86
N SER A 226 -0.26 49.67 -8.78
CA SER A 226 -0.16 50.12 -10.15
C SER A 226 -0.48 48.97 -11.09
N VAL A 227 -1.08 49.29 -12.23
CA VAL A 227 -1.47 48.27 -13.21
C VAL A 227 -0.23 47.65 -13.84
N SER A 264 -17.48 48.96 14.37
CA SER A 264 -18.66 49.66 13.86
C SER A 264 -19.48 48.75 12.94
N PRO A 265 -20.80 48.86 13.03
CA PRO A 265 -21.67 48.01 12.19
C PRO A 265 -21.44 48.19 10.69
N ALA A 266 -21.14 49.41 10.25
CA ALA A 266 -20.88 49.63 8.82
C ALA A 266 -19.62 48.91 8.37
N CYS A 267 -18.58 48.89 9.21
CA CYS A 267 -17.36 48.19 8.85
C CYS A 267 -17.60 46.68 8.75
N SER A 268 -18.39 46.14 9.69
CA SER A 268 -18.75 44.73 9.62
C SER A 268 -19.59 44.42 8.39
N GLU A 269 -20.48 45.33 8.01
CA GLU A 269 -21.26 45.16 6.79
C GLU A 269 -20.37 45.14 5.56
N LEU A 270 -19.36 46.03 5.54
CA LEU A 270 -18.40 46.03 4.43
C LEU A 270 -17.63 44.72 4.39
N ILE A 271 -17.23 44.21 5.55
CA ILE A 271 -16.52 42.92 5.60
C ILE A 271 -17.41 41.81 5.06
N GLY A 272 -18.68 41.80 5.47
CA GLY A 272 -19.60 40.78 4.99
C GLY A 272 -19.86 40.86 3.50
N ALA A 273 -19.89 42.08 2.96
CA ALA A 273 -20.01 42.22 1.51
C ALA A 273 -18.74 41.77 0.80
N LEU A 274 -17.58 41.98 1.42
CA LEU A 274 -16.32 41.63 0.78
C LEU A 274 -16.06 40.13 0.79
N ASP A 275 -16.52 39.42 1.83
CA ASP A 275 -16.17 38.01 1.95
C ASP A 275 -16.79 37.13 0.87
N SER A 276 -17.74 37.66 0.09
CA SER A 276 -18.37 36.86 -0.96
C SER A 276 -17.36 36.44 -2.03
N HIS A 277 -16.32 37.24 -2.25
CA HIS A 277 -15.29 36.90 -3.22
C HIS A 277 -14.08 36.34 -2.48
N PRO A 278 -13.77 35.05 -2.60
CA PRO A 278 -12.59 34.52 -1.91
C PRO A 278 -11.28 35.19 -2.32
N LEU A 279 -11.17 35.61 -3.57
CA LEU A 279 -9.97 36.33 -4.00
C LEU A 279 -9.81 37.63 -3.24
N SER A 280 -10.91 38.39 -3.08
CA SER A 280 -10.87 39.58 -2.26
C SER A 280 -10.86 39.23 -0.77
N ARG A 281 -11.37 38.06 -0.40
CA ARG A 281 -11.37 37.63 0.99
C ARG A 281 -10.02 37.12 1.45
N LEU A 282 -9.05 36.96 0.53
CA LEU A 282 -7.73 36.52 0.92
C LEU A 282 -7.09 37.48 1.93
N LEU A 283 -7.20 38.78 1.67
CA LEU A 283 -6.62 39.76 2.57
C LEU A 283 -7.23 39.67 3.97
N TRP A 284 -8.55 39.56 4.04
CA TRP A 284 -9.21 39.47 5.34
C TRP A 284 -8.84 38.18 6.07
N ARG A 285 -8.88 37.05 5.36
CA ARG A 285 -8.61 35.77 5.99
C ARG A 285 -7.15 35.60 6.36
N ARG A 286 -6.26 36.43 5.80
CA ARG A 286 -4.87 36.43 6.23
C ARG A 286 -4.55 37.53 7.24
N LEU A 287 -5.42 38.54 7.39
CA LEU A 287 -5.12 39.68 8.26
C LEU A 287 -6.16 39.88 9.35
N LYS A 288 -6.95 38.87 9.68
CA LYS A 288 -7.86 38.97 10.82
C LYS A 288 -7.18 39.46 12.11
N PRO A 289 -6.07 38.88 12.57
CA PRO A 289 -5.54 39.30 13.88
C PRO A 289 -4.94 40.69 13.90
N LEU A 290 -4.59 41.26 12.75
CA LEU A 290 -4.00 42.60 12.74
C LEU A 290 -5.00 43.65 13.23
N ILE A 291 -6.25 43.56 12.76
CA ILE A 291 -7.26 44.52 13.18
C ILE A 291 -7.65 44.31 14.64
N LEU A 292 -7.75 43.05 15.06
CA LEU A 292 -8.18 42.69 16.42
C LEU A 292 -7.03 41.98 17.12
N GLY A 293 -6.29 42.73 17.95
CA GLY A 293 -5.17 42.17 18.66
C GLY A 293 -5.04 42.77 20.04
N LYS A 294 -4.15 42.19 20.84
CA LYS A 294 -3.89 42.65 22.19
C LYS A 294 -2.41 42.49 22.48
N LEU A 295 -1.75 43.59 22.85
CA LEU A 295 -0.33 43.58 23.21
C LEU A 295 -0.21 43.51 24.73
N LEU A 296 0.43 42.46 25.23
CA LEU A 296 0.53 42.19 26.65
C LEU A 296 2.00 42.09 27.04
N PHE A 297 2.34 42.68 28.18
CA PHE A 297 3.70 42.63 28.71
C PHE A 297 3.65 42.19 30.16
N ALA A 298 4.58 41.32 30.56
CA ALA A 298 4.50 40.73 31.89
C ALA A 298 4.94 41.70 32.99
N PRO A 299 6.13 42.30 32.95
CA PRO A 299 6.51 43.21 34.03
C PRO A 299 5.67 44.49 34.01
N ASP A 300 5.52 45.09 35.19
CA ASP A 300 4.77 46.34 35.34
C ASP A 300 5.65 47.48 35.82
N THR A 301 6.96 47.37 35.64
CA THR A 301 7.87 48.45 36.01
C THR A 301 7.56 49.68 35.17
N PRO A 302 7.71 50.88 35.73
CA PRO A 302 7.52 52.10 34.92
C PRO A 302 8.45 52.17 33.72
N PHE A 303 9.59 51.48 33.75
CA PHE A 303 10.43 51.39 32.56
C PHE A 303 9.66 50.75 31.41
N THR A 304 8.96 49.64 31.69
CA THR A 304 8.14 49.02 30.66
C THR A 304 6.98 49.94 30.24
N ARG A 305 6.48 50.75 31.18
CA ARG A 305 5.43 51.70 30.82
C ARG A 305 5.95 52.74 29.83
N LYS A 306 7.18 53.23 30.05
CA LYS A 306 7.79 54.14 29.09
C LYS A 306 8.00 53.46 27.75
N LEU A 307 8.44 52.20 27.77
CA LEU A 307 8.61 51.45 26.52
C LEU A 307 7.30 51.36 25.75
N MET A 308 6.21 51.03 26.45
CA MET A 308 4.91 50.90 25.79
C MET A 308 4.41 52.26 25.31
N ALA A 309 4.68 53.32 26.07
CA ALA A 309 4.32 54.66 25.61
C ALA A 309 5.04 55.01 24.33
N GLN A 310 6.32 54.64 24.22
CA GLN A 310 7.05 54.87 22.98
C GLN A 310 6.49 54.02 21.84
N VAL A 311 6.10 52.78 22.14
CA VAL A 311 5.49 51.92 21.12
C VAL A 311 4.19 52.53 20.61
N ASN A 312 3.43 53.15 21.52
CA ASN A 312 2.06 53.59 21.29
C ASN A 312 1.98 54.78 20.34
N ARG A 313 3.12 55.33 19.92
CA ARG A 313 3.13 56.55 19.12
C ARG A 313 2.46 56.34 17.77
N THR A 314 2.71 55.19 17.13
CA THR A 314 2.11 54.94 15.82
C THR A 314 0.59 54.82 15.92
N PHE A 315 0.10 54.14 16.96
CA PHE A 315 -1.34 54.04 17.16
C PHE A 315 -1.94 55.40 17.48
N GLU A 316 -1.20 56.24 18.22
CA GLU A 316 -1.65 57.60 18.48
C GLU A 316 -1.76 58.41 17.19
N GLU A 317 -0.78 58.29 16.31
CA GLU A 317 -0.82 59.10 15.08
C GLU A 317 -1.81 58.55 14.07
N LEU A 318 -2.18 57.26 14.15
CA LEU A 318 -3.15 56.71 13.21
C LEU A 318 -4.54 57.30 13.34
N THR A 319 -4.85 58.03 14.42
CA THR A 319 -6.21 58.49 14.67
C THR A 319 -6.42 59.96 14.28
N LEU A 320 -5.57 60.52 13.42
CA LEU A 320 -5.81 61.88 12.93
C LEU A 320 -7.03 61.95 12.03
N LEU A 321 -7.49 60.82 11.51
CA LEU A 321 -8.69 60.81 10.66
C LEU A 321 -9.91 61.26 11.45
N ARG A 322 -10.04 60.82 12.70
CA ARG A 322 -11.15 61.28 13.53
C ARG A 322 -11.11 62.78 13.72
N ASP A 323 -9.93 63.34 13.98
CA ASP A 323 -9.80 64.77 14.20
C ASP A 323 -10.14 65.56 12.94
N VAL A 324 -9.65 65.10 11.78
CA VAL A 324 -9.96 65.84 10.56
C VAL A 324 -11.43 65.71 10.20
N ARG A 325 -12.05 64.54 10.48
CA ARG A 325 -13.47 64.39 10.24
C ARG A 325 -14.28 65.33 11.15
N GLU A 326 -13.86 65.47 12.41
CA GLU A 326 -14.53 66.41 13.30
C GLU A 326 -14.36 67.85 12.82
N VAL A 327 -13.16 68.18 12.32
CA VAL A 327 -12.92 69.53 11.81
C VAL A 327 -13.85 69.83 10.64
N TRP A 328 -13.95 68.88 9.69
CA TRP A 328 -14.85 69.08 8.57
C TRP A 328 -16.31 69.10 9.01
N GLU A 329 -16.66 68.31 10.02
CA GLU A 329 -18.02 68.35 10.54
C GLU A 329 -18.36 69.72 11.10
N MET A 330 -17.41 70.34 11.81
CA MET A 330 -17.65 71.67 12.33
C MET A 330 -17.70 72.71 11.21
N LEU A 331 -16.86 72.54 10.18
CA LEU A 331 -16.82 73.50 9.07
C LEU A 331 -18.02 73.36 8.14
N GLY A 332 -18.69 72.22 8.13
CA GLY A 332 -19.78 71.97 7.20
C GLY A 332 -20.91 72.97 7.24
N PRO A 333 -21.64 73.01 8.36
CA PRO A 333 -22.76 73.96 8.46
C PRO A 333 -22.35 75.41 8.29
N ARG A 334 -21.16 75.79 8.76
CA ARG A 334 -20.72 77.17 8.63
C ARG A 334 -20.61 77.58 7.17
N ILE A 335 -19.87 76.78 6.38
CA ILE A 335 -19.72 77.11 4.97
C ILE A 335 -21.02 76.93 4.22
N PHE A 336 -21.88 76.00 4.66
CA PHE A 336 -23.17 75.82 3.99
C PHE A 336 -24.07 77.03 4.20
N THR A 337 -24.02 77.64 5.38
CA THR A 337 -24.76 78.87 5.60
C THR A 337 -24.12 80.04 4.88
N PHE A 338 -22.78 80.07 4.81
CA PHE A 338 -22.10 81.18 4.13
C PHE A 338 -22.41 81.19 2.64
N MET A 339 -22.44 80.00 2.02
CA MET A 339 -22.69 79.92 0.58
C MET A 339 -24.12 80.33 0.23
N ASN A 340 -25.08 79.98 1.09
CA ASN A 340 -26.48 80.26 0.79
C ASN A 340 -26.82 81.72 1.09
N ASP A 341 -27.62 82.31 0.21
CA ASP A 341 -28.10 83.69 0.36
C ASP A 341 -26.95 84.68 0.52
N SER A 342 -25.91 84.51 -0.29
CA SER A 342 -24.76 85.41 -0.30
C SER A 342 -24.52 85.97 -1.70
N SER A 343 -25.60 86.25 -2.43
CA SER A 343 -25.46 86.72 -3.80
C SER A 343 -24.86 88.12 -3.86
N ASN A 344 -25.16 88.98 -2.88
CA ASN A 344 -24.63 90.33 -2.88
C ASN A 344 -23.12 90.34 -2.76
N VAL A 345 -22.57 89.54 -1.84
CA VAL A 345 -21.12 89.47 -1.67
C VAL A 345 -20.48 88.93 -2.94
N ALA A 346 -21.10 87.93 -3.56
CA ALA A 346 -20.56 87.34 -4.78
C ALA A 346 -20.55 88.33 -5.94
N MET A 347 -21.64 89.09 -6.10
CA MET A 347 -21.70 90.04 -7.20
C MET A 347 -20.73 91.20 -6.97
N LEU A 348 -20.57 91.65 -5.72
CA LEU A 348 -19.53 92.64 -5.47
C LEU A 348 -18.14 92.04 -5.62
N GLN A 349 -18.00 90.73 -5.47
CA GLN A 349 -16.71 90.09 -5.74
C GLN A 349 -16.36 90.17 -7.22
N ARG A 350 -17.30 89.80 -8.10
CA ARG A 350 -17.06 90.06 -9.53
C ARG A 350 -16.89 91.54 -9.84
N LEU A 351 -17.59 92.42 -9.12
CA LEU A 351 -17.41 93.84 -9.35
C LEU A 351 -15.98 94.28 -9.03
N LEU A 352 -15.43 93.77 -7.93
CA LEU A 352 -14.04 94.06 -7.57
C LEU A 352 -13.05 93.33 -8.45
N GLN A 353 -13.48 92.27 -9.16
CA GLN A 353 -12.57 91.58 -10.07
C GLN A 353 -12.08 92.51 -11.17
N MET A 354 -12.97 93.31 -11.74
CA MET A 354 -12.61 94.23 -12.80
C MET A 354 -12.07 95.54 -12.23
N ALA A 372 -7.60 81.60 -14.65
CA ALA A 372 -7.87 82.89 -15.28
C ALA A 372 -9.37 83.11 -15.44
N LEU A 373 -9.80 83.20 -16.70
CA LEU A 373 -11.23 83.39 -16.97
C LEU A 373 -12.04 82.19 -16.48
N ARG A 374 -11.50 80.98 -16.59
CA ARG A 374 -12.19 79.81 -16.07
C ARG A 374 -12.35 79.89 -14.56
N SER A 375 -11.34 80.43 -13.87
CA SER A 375 -11.45 80.64 -12.42
C SER A 375 -12.58 81.62 -12.10
N PHE A 376 -12.69 82.69 -12.89
CA PHE A 376 -13.78 83.65 -12.68
C PHE A 376 -15.14 83.02 -12.96
N LEU A 377 -15.22 82.14 -13.95
CA LEU A 377 -16.48 81.51 -14.32
C LEU A 377 -16.81 80.31 -13.44
N ASP A 378 -15.87 79.85 -12.60
CA ASP A 378 -16.16 78.73 -11.71
C ASP A 378 -17.32 78.99 -10.77
N PRO A 379 -17.40 80.14 -10.07
CA PRO A 379 -18.60 80.40 -9.26
C PRO A 379 -19.87 80.57 -10.08
N GLY A 380 -19.75 80.83 -11.39
CA GLY A 380 -20.91 81.02 -12.23
C GLY A 380 -21.87 79.85 -12.25
N SER A 381 -23.16 80.13 -12.03
CA SER A 381 -24.27 79.18 -11.99
C SER A 381 -24.20 78.24 -10.80
N GLY A 382 -23.13 78.28 -9.99
CA GLY A 382 -23.01 77.46 -8.80
C GLY A 382 -23.00 75.97 -9.03
N GLY A 383 -23.09 75.51 -10.28
CA GLY A 383 -23.18 74.08 -10.53
C GLY A 383 -21.91 73.32 -10.20
N TYR A 384 -20.75 73.91 -10.52
CA TYR A 384 -19.48 73.21 -10.46
C TYR A 384 -18.65 73.58 -9.23
N SER A 385 -19.19 74.38 -8.32
CA SER A 385 -18.39 74.90 -7.21
C SER A 385 -18.87 74.45 -5.85
N TRP A 386 -20.14 74.66 -5.52
CA TRP A 386 -20.59 74.60 -4.13
C TRP A 386 -21.16 73.26 -3.71
N GLN A 387 -21.45 72.35 -4.64
CA GLN A 387 -22.02 71.05 -4.26
C GLN A 387 -21.18 69.87 -4.68
N ASP A 388 -20.66 69.84 -5.90
CA ASP A 388 -19.91 68.67 -6.37
C ASP A 388 -18.66 68.44 -5.53
N ALA A 389 -17.82 69.47 -5.39
CA ALA A 389 -16.62 69.34 -4.58
C ALA A 389 -16.98 69.09 -3.12
N HIS A 390 -18.00 69.78 -2.61
CA HIS A 390 -18.42 69.57 -1.24
C HIS A 390 -18.89 68.14 -1.01
N ALA A 391 -19.70 67.61 -1.93
CA ALA A 391 -20.17 66.23 -1.79
C ALA A 391 -19.00 65.26 -1.86
N ASP A 392 -18.06 65.48 -2.78
CA ASP A 392 -16.93 64.57 -2.92
C ASP A 392 -16.07 64.56 -1.65
N VAL A 393 -15.75 65.75 -1.12
CA VAL A 393 -14.90 65.81 0.06
C VAL A 393 -15.64 65.26 1.28
N GLY A 394 -16.95 65.49 1.36
CA GLY A 394 -17.71 64.91 2.46
C GLY A 394 -17.73 63.39 2.41
N HIS A 395 -17.91 62.83 1.22
CA HIS A 395 -17.85 61.38 1.08
C HIS A 395 -16.48 60.85 1.46
N LEU A 396 -15.41 61.54 1.03
CA LEU A 396 -14.07 61.09 1.35
C LEU A 396 -13.81 61.11 2.86
N VAL A 397 -14.20 62.20 3.52
CA VAL A 397 -13.94 62.31 4.95
C VAL A 397 -14.79 61.30 5.73
N GLY A 398 -16.03 61.06 5.29
CA GLY A 398 -16.83 60.03 5.92
C GLY A 398 -16.25 58.64 5.73
N THR A 399 -15.73 58.37 4.54
CA THR A 399 -15.11 57.07 4.28
C THR A 399 -13.90 56.86 5.18
N LEU A 400 -13.03 57.86 5.29
CA LEU A 400 -11.88 57.71 6.17
C LEU A 400 -12.30 57.67 7.63
N GLY A 401 -13.42 58.30 7.98
CA GLY A 401 -13.93 58.17 9.33
C GLY A 401 -14.35 56.75 9.66
N ARG A 402 -15.08 56.11 8.74
CA ARG A 402 -15.39 54.70 8.94
C ARG A 402 -14.13 53.83 8.96
N VAL A 403 -13.14 54.16 8.12
CA VAL A 403 -11.90 53.38 8.12
C VAL A 403 -11.22 53.46 9.49
N THR A 404 -11.11 54.68 10.04
CA THR A 404 -10.47 54.82 11.34
C THR A 404 -11.33 54.29 12.48
N GLU A 405 -12.65 54.20 12.29
CA GLU A 405 -13.50 53.59 13.29
C GLU A 405 -13.53 52.07 13.20
N CYS A 406 -13.03 51.49 12.10
CA CYS A 406 -12.86 50.04 12.05
C CYS A 406 -11.90 49.56 13.13
N LEU A 407 -10.79 50.28 13.32
CA LEU A 407 -9.79 49.88 14.28
C LEU A 407 -10.29 50.08 15.71
N SER A 408 -9.79 49.25 16.62
CA SER A 408 -10.20 49.35 18.02
C SER A 408 -9.53 50.51 18.74
N LEU A 409 -8.31 50.86 18.32
CA LEU A 409 -7.47 51.92 18.87
C LEU A 409 -7.03 51.65 20.31
N ASP A 410 -7.35 50.49 20.88
CA ASP A 410 -7.00 50.14 22.26
C ASP A 410 -6.28 48.81 22.29
N LYS A 411 -5.26 48.68 21.43
CA LYS A 411 -4.57 47.40 21.28
C LYS A 411 -3.86 46.98 22.56
N LEU A 412 -3.22 47.92 23.25
CA LEU A 412 -2.38 47.57 24.39
C LEU A 412 -3.22 47.11 25.58
N GLU A 413 -2.59 46.35 26.46
CA GLU A 413 -3.20 45.88 27.69
C GLU A 413 -2.10 45.75 28.73
N ALA A 414 -2.37 44.99 29.80
CA ALA A 414 -1.37 44.79 30.84
C ALA A 414 -1.59 43.44 31.50
N ALA A 415 -0.58 43.00 32.25
CA ALA A 415 -0.64 41.74 32.98
C ALA A 415 0.29 41.81 34.17
N PRO A 416 -0.12 41.29 35.34
CA PRO A 416 0.74 41.35 36.53
C PRO A 416 2.08 40.64 36.35
N SER A 417 2.05 39.35 36.01
CA SER A 417 3.26 38.56 35.89
C SER A 417 3.09 37.58 34.73
N GLU A 418 4.08 36.69 34.56
CA GLU A 418 4.08 35.78 33.43
C GLU A 418 3.01 34.70 33.56
N ALA A 419 2.70 34.26 34.79
CA ALA A 419 1.65 33.28 34.97
C ALA A 419 0.29 33.85 34.60
N ALA A 420 0.00 35.06 35.08
CA ALA A 420 -1.23 35.75 34.68
C ALA A 420 -1.22 36.02 33.19
N LEU A 421 -0.03 36.31 32.63
CA LEU A 421 0.08 36.49 31.18
C LEU A 421 -0.37 35.23 30.43
N VAL A 422 0.14 34.07 30.84
CA VAL A 422 -0.21 32.82 30.18
C VAL A 422 -1.71 32.53 30.34
N SER A 423 -2.24 32.76 31.54
CA SER A 423 -3.66 32.50 31.76
C SER A 423 -4.53 33.40 30.90
N ARG A 424 -4.21 34.69 30.85
CA ARG A 424 -4.98 35.62 30.02
C ARG A 424 -4.84 35.29 28.54
N ALA A 425 -3.65 34.86 28.12
CA ALA A 425 -3.45 34.45 26.73
C ALA A 425 -4.32 33.25 26.39
N LEU A 426 -4.36 32.25 27.28
CA LEU A 426 -5.20 31.09 27.03
C LEU A 426 -6.67 31.47 26.98
N GLN A 427 -7.10 32.40 27.85
CA GLN A 427 -8.49 32.84 27.83
C GLN A 427 -8.82 33.59 26.54
N LEU A 428 -7.93 34.48 26.09
CA LEU A 428 -8.20 35.34 24.95
C LEU A 428 -7.96 34.67 23.61
N LEU A 429 -7.25 33.54 23.57
CA LEU A 429 -6.95 32.89 22.31
C LEU A 429 -8.19 32.32 21.62
N ALA A 430 -9.27 32.08 22.37
CA ALA A 430 -10.43 31.42 21.80
C ALA A 430 -11.17 32.32 20.82
N GLU A 431 -11.25 33.62 21.11
CA GLU A 431 -12.10 34.53 20.35
C GLU A 431 -11.32 35.46 19.42
N HIS A 432 -10.20 34.99 18.88
CA HIS A 432 -9.43 35.69 17.84
C HIS A 432 -9.03 37.10 18.31
N ARG A 433 -8.25 37.15 19.39
CA ARG A 433 -7.83 38.42 19.96
C ARG A 433 -6.34 38.47 20.28
N PHE A 434 -5.57 37.44 19.95
CA PHE A 434 -4.18 37.33 20.36
C PHE A 434 -3.26 37.66 19.19
N TRP A 435 -2.34 38.62 19.42
CA TRP A 435 -1.36 39.00 18.41
C TRP A 435 0.01 39.29 19.00
N ALA A 436 0.21 39.11 20.29
CA ALA A 436 1.40 39.58 20.98
C ALA A 436 1.71 38.64 22.13
N GLY A 437 2.46 39.13 23.11
CA GLY A 437 2.98 38.27 24.16
C GLY A 437 4.36 38.69 24.64
N VAL A 438 4.85 39.81 24.09
CA VAL A 438 6.19 40.31 24.42
C VAL A 438 6.41 40.32 25.93
N VAL A 439 7.57 39.81 26.34
CA VAL A 439 7.97 39.75 27.74
C VAL A 439 9.32 40.43 27.89
N PHE A 440 9.39 41.40 28.80
CA PHE A 440 10.66 42.09 29.07
C PHE A 440 11.39 41.38 30.21
N LEU A 441 11.95 40.22 29.87
CA LEU A 441 12.55 39.38 30.88
C LEU A 441 13.78 40.05 31.49
N GLY A 442 14.00 39.80 32.77
CA GLY A 442 15.13 40.35 33.47
C GLY A 442 16.24 39.33 33.66
N PRO A 443 17.30 39.44 32.86
CA PRO A 443 18.42 38.49 33.00
C PRO A 443 19.11 38.58 34.35
N GLU A 444 19.18 39.76 34.95
CA GLU A 444 19.85 39.93 36.23
C GLU A 444 18.96 39.47 37.38
N THR A 454 22.76 36.46 32.63
CA THR A 454 22.95 37.85 32.24
C THR A 454 24.32 38.04 31.58
N PRO A 455 24.38 38.89 30.54
CA PRO A 455 25.68 39.13 29.87
C PRO A 455 26.68 39.82 30.77
N ASP A 456 26.31 40.94 31.37
CA ASP A 456 27.23 41.69 32.23
C ASP A 456 26.41 42.60 33.13
N LEU A 457 27.07 43.14 34.15
CA LEU A 457 26.41 44.05 35.07
C LEU A 457 26.08 45.37 34.38
N GLY A 458 25.15 46.11 34.99
CA GLY A 458 24.74 47.39 34.46
C GLY A 458 23.46 47.29 33.66
N PRO A 459 22.70 48.39 33.60
CA PRO A 459 21.44 48.37 32.84
C PRO A 459 21.68 48.32 31.34
N GLY A 460 20.59 48.32 30.57
CA GLY A 460 20.66 48.24 29.13
C GLY A 460 20.69 46.83 28.57
N HIS A 461 20.79 45.81 29.41
CA HIS A 461 20.78 44.42 28.96
C HIS A 461 19.36 43.88 28.93
N VAL A 462 18.50 44.59 28.18
CA VAL A 462 17.11 44.18 28.06
C VAL A 462 17.02 42.89 27.25
N ARG A 463 16.05 42.04 27.59
CA ARG A 463 15.84 40.77 26.91
C ARG A 463 14.37 40.65 26.56
N ILE A 464 14.04 40.95 25.30
CA ILE A 464 12.68 40.81 24.81
C ILE A 464 12.46 39.37 24.39
N LYS A 465 11.36 38.77 24.86
CA LYS A 465 11.00 37.39 24.56
C LYS A 465 9.57 37.38 24.07
N ILE A 466 9.40 37.18 22.76
CA ILE A 466 8.09 37.27 22.13
C ILE A 466 7.44 35.90 22.09
N ARG A 467 6.20 35.81 22.57
CA ARG A 467 5.42 34.59 22.55
C ARG A 467 4.21 34.78 21.63
N MET A 468 4.01 33.82 20.74
CA MET A 468 2.92 33.93 19.76
C MET A 468 2.45 32.52 19.41
N ASP A 469 1.22 32.45 18.89
CA ASP A 469 0.61 31.16 18.57
C ASP A 469 1.41 30.44 17.50
N ILE A 470 1.36 29.10 17.56
CA ILE A 470 2.16 28.28 16.64
C ILE A 470 1.62 28.26 15.23
N ASP A 471 0.36 28.67 15.03
CA ASP A 471 -0.20 28.75 13.68
C ASP A 471 0.34 29.94 12.89
N VAL A 472 1.12 30.81 13.52
CA VAL A 472 1.58 32.04 12.88
C VAL A 472 3.10 32.17 12.87
N VAL A 473 3.81 31.56 13.80
CA VAL A 473 5.27 31.67 13.90
C VAL A 473 5.88 30.37 13.40
N THR A 474 6.93 30.50 12.58
CA THR A 474 7.62 29.33 12.05
C THR A 474 8.15 28.47 13.18
N ARG A 475 8.08 27.16 13.00
CA ARG A 475 8.62 26.24 13.99
C ARG A 475 10.11 26.46 14.18
N THR A 476 10.57 26.33 15.42
CA THR A 476 11.97 26.56 15.77
C THR A 476 12.73 25.25 15.97
N ASN A 477 12.17 24.14 15.49
CA ASN A 477 12.87 22.86 15.61
C ASN A 477 14.11 22.81 14.74
N LYS A 478 14.03 23.33 13.52
CA LYS A 478 15.10 23.22 12.54
C LYS A 478 15.64 24.59 12.20
N ILE A 479 16.95 24.77 12.36
CA ILE A 479 17.58 26.04 12.00
C ILE A 479 17.57 26.23 10.49
N ARG A 480 17.75 25.15 9.73
CA ARG A 480 17.72 25.20 8.28
C ARG A 480 16.71 24.21 7.72
N ASP A 481 16.73 24.01 6.40
CA ASP A 481 15.87 23.01 5.78
C ASP A 481 16.42 21.62 6.04
N ARG A 482 15.80 20.61 5.43
CA ARG A 482 16.22 19.23 5.59
C ARG A 482 16.99 18.70 4.39
N PHE A 483 16.47 18.91 3.17
CA PHE A 483 17.13 18.48 1.96
C PHE A 483 17.40 19.70 1.08
N TRP A 484 18.49 19.66 0.33
CA TRP A 484 18.76 20.73 -0.61
C TRP A 484 17.82 20.65 -1.80
N ASP A 485 16.70 21.37 -1.72
CA ASP A 485 15.76 21.43 -2.84
C ASP A 485 16.10 22.63 -3.71
N PRO A 486 16.42 22.44 -4.99
CA PRO A 486 16.73 23.59 -5.84
C PRO A 486 15.52 24.49 -6.01
N GLY A 487 15.70 25.77 -5.66
CA GLY A 487 14.64 26.74 -5.72
C GLY A 487 14.80 27.82 -4.67
N PRO A 488 14.28 29.02 -4.96
CA PRO A 488 14.40 30.11 -3.99
C PRO A 488 13.65 29.86 -2.69
N ALA A 489 12.68 28.94 -2.68
CA ALA A 489 11.86 28.65 -1.50
C ALA A 489 11.17 29.92 -1.00
N ALA A 490 10.38 30.51 -1.90
CA ALA A 490 9.69 31.76 -1.59
C ALA A 490 8.19 31.64 -1.79
N ASP A 491 7.61 30.58 -1.26
CA ASP A 491 6.17 30.41 -1.32
C ASP A 491 5.50 31.39 -0.37
N PRO A 492 4.62 32.27 -0.86
CA PRO A 492 4.03 33.29 0.01
C PRO A 492 2.92 32.79 0.93
N LEU A 493 2.77 31.47 1.07
CA LEU A 493 1.72 30.91 1.91
C LEU A 493 2.22 29.98 2.99
N THR A 494 3.35 29.28 2.76
CA THR A 494 3.87 28.34 3.74
C THR A 494 5.36 28.49 4.00
N ASP A 495 6.02 29.46 3.38
CA ASP A 495 7.44 29.69 3.60
C ASP A 495 7.73 31.03 4.25
N LEU A 496 7.16 32.11 3.74
CA LEU A 496 7.38 33.45 4.30
C LEU A 496 6.33 33.74 5.38
N ARG A 497 6.37 32.93 6.44
CA ARG A 497 5.40 33.10 7.51
C ARG A 497 5.64 34.37 8.30
N TYR A 498 6.90 34.78 8.47
CA TYR A 498 7.21 35.95 9.27
C TYR A 498 6.61 37.23 8.69
N VAL A 499 6.33 37.27 7.40
CA VAL A 499 5.81 38.48 6.78
C VAL A 499 4.31 38.60 6.98
N TRP A 500 3.56 37.57 6.59
CA TRP A 500 2.11 37.60 6.73
C TRP A 500 1.65 37.31 8.15
N GLY A 501 2.55 36.97 9.05
CA GLY A 501 2.18 36.73 10.43
C GLY A 501 2.26 37.95 11.32
N GLY A 502 3.26 38.80 11.08
CA GLY A 502 3.43 40.02 11.84
C GLY A 502 4.56 39.99 12.85
N PHE A 503 5.33 38.91 12.91
CA PHE A 503 6.44 38.85 13.86
C PHE A 503 7.46 39.94 13.60
N VAL A 504 7.81 40.15 12.32
CA VAL A 504 8.87 41.11 12.00
C VAL A 504 8.42 42.54 12.33
N TYR A 505 7.15 42.86 12.05
CA TYR A 505 6.66 44.21 12.36
C TYR A 505 6.70 44.48 13.86
N LEU A 506 6.22 43.52 14.66
CA LEU A 506 6.21 43.70 16.10
C LEU A 506 7.63 43.80 16.64
N GLN A 507 8.55 42.97 16.14
CA GLN A 507 9.93 43.05 16.59
C GLN A 507 10.55 44.39 16.24
N ASP A 508 10.31 44.88 15.03
CA ASP A 508 10.86 46.17 14.65
C ASP A 508 10.34 47.29 15.53
N LEU A 509 9.03 47.29 15.81
CA LEU A 509 8.45 48.34 16.64
C LEU A 509 9.03 48.30 18.06
N VAL A 510 9.05 47.11 18.67
CA VAL A 510 9.56 46.99 20.04
C VAL A 510 11.03 47.38 20.08
N GLU A 511 11.80 46.93 19.10
CA GLU A 511 13.24 47.21 19.08
C GLU A 511 13.52 48.69 18.90
N ARG A 512 12.77 49.36 18.02
CA ARG A 512 12.97 50.79 17.83
C ARG A 512 12.59 51.57 19.09
N ALA A 513 11.52 51.15 19.76
CA ALA A 513 11.16 51.80 21.02
C ALA A 513 12.24 51.60 22.06
N ALA A 514 12.82 50.40 22.15
CA ALA A 514 13.89 50.15 23.11
C ALA A 514 15.10 51.00 22.78
N VAL A 515 15.44 51.14 21.51
CA VAL A 515 16.57 51.98 21.11
C VAL A 515 16.31 53.43 21.50
N ARG A 516 15.10 53.92 21.25
CA ARG A 516 14.77 55.30 21.61
C ARG A 516 14.86 55.53 23.11
N VAL A 517 14.38 54.58 23.91
CA VAL A 517 14.42 54.73 25.36
C VAL A 517 15.85 54.69 25.87
N LEU A 518 16.64 53.71 25.42
CA LEU A 518 17.99 53.55 25.94
C LEU A 518 18.90 54.69 25.51
N SER A 519 18.89 55.03 24.22
CA SER A 519 19.78 56.07 23.72
C SER A 519 19.32 57.46 24.13
N GLY A 520 18.01 57.70 24.10
CA GLY A 520 17.48 59.02 24.39
C GLY A 520 17.52 59.98 23.22
N ALA A 521 17.90 59.52 22.04
CA ALA A 521 17.99 60.34 20.84
C ALA A 521 16.76 60.10 19.97
N ASN A 522 16.80 60.65 18.75
CA ASN A 522 15.72 60.51 17.78
C ASN A 522 16.31 59.94 16.48
N PRO A 523 16.60 58.65 16.44
CA PRO A 523 17.19 58.06 15.24
C PRO A 523 16.22 58.08 14.07
N ARG A 524 16.79 58.15 12.87
CA ARG A 524 16.03 58.10 11.63
C ARG A 524 16.72 57.11 10.69
N ALA A 525 16.21 55.89 10.64
CA ALA A 525 16.78 54.86 9.77
C ALA A 525 15.68 53.85 9.46
N GLY A 526 15.11 53.96 8.26
CA GLY A 526 14.05 53.06 7.86
C GLY A 526 14.55 51.77 7.26
N LEU A 527 14.37 50.67 7.98
CA LEU A 527 14.80 49.36 7.48
C LEU A 527 13.88 48.88 6.37
N TYR A 528 14.45 48.16 5.41
CA TYR A 528 13.72 47.56 4.31
C TYR A 528 14.03 46.08 4.26
N LEU A 529 13.36 45.37 3.35
CA LEU A 529 13.60 43.96 3.13
C LEU A 529 13.66 43.69 1.64
N GLN A 530 14.69 42.96 1.22
CA GLN A 530 14.89 42.62 -0.18
C GLN A 530 15.46 41.22 -0.28
N GLN A 531 14.84 40.38 -1.09
CA GLN A 531 15.28 39.00 -1.28
C GLN A 531 16.13 38.92 -2.54
N MET A 532 17.33 38.37 -2.41
CA MET A 532 18.24 38.28 -3.54
C MET A 532 17.71 37.29 -4.56
N PRO A 533 18.01 37.49 -5.84
CA PRO A 533 17.49 36.60 -6.88
C PRO A 533 18.08 35.20 -6.79
N TYR A 534 17.51 34.31 -7.60
CA TYR A 534 17.89 32.90 -7.66
C TYR A 534 18.15 32.51 -9.11
N PRO A 535 19.16 31.68 -9.36
CA PRO A 535 19.48 31.29 -10.74
C PRO A 535 18.43 30.35 -11.30
N CYS A 536 18.54 30.11 -12.61
CA CYS A 536 17.64 29.19 -13.29
C CYS A 536 17.89 27.76 -12.82
N TYR A 537 16.81 26.97 -12.80
CA TYR A 537 16.89 25.61 -12.30
C TYR A 537 15.76 24.79 -12.90
N VAL A 538 15.86 23.47 -12.73
CA VAL A 538 14.85 22.52 -13.18
C VAL A 538 14.64 21.50 -12.07
N ASP A 539 13.38 21.14 -11.83
CA ASP A 539 13.04 20.27 -10.71
C ASP A 539 12.34 18.99 -11.17
N ASP A 540 12.42 17.96 -10.32
CA ASP A 540 11.80 16.66 -10.57
C ASP A 540 10.98 16.29 -9.33
N VAL A 541 9.72 16.72 -9.31
CA VAL A 541 8.85 16.42 -8.18
C VAL A 541 8.53 14.93 -8.13
N PHE A 542 8.40 14.30 -9.29
CA PHE A 542 8.03 12.88 -9.34
C PHE A 542 9.04 12.00 -8.62
N LEU A 543 10.33 12.34 -8.71
CA LEU A 543 11.34 11.55 -8.02
C LEU A 543 11.11 11.54 -6.52
N ARG A 544 10.89 12.73 -5.94
CA ARG A 544 10.61 12.80 -4.50
C ARG A 544 9.30 12.11 -4.15
N VAL A 545 8.28 12.24 -5.01
CA VAL A 545 6.99 11.61 -4.73
C VAL A 545 7.14 10.09 -4.68
N LEU A 546 7.85 9.52 -5.65
CA LEU A 546 8.00 8.07 -5.71
C LEU A 546 9.02 7.55 -4.70
N SER A 547 9.93 8.40 -4.22
CA SER A 547 10.92 7.93 -3.25
C SER A 547 10.25 7.51 -1.94
N ARG A 548 9.11 8.11 -1.60
CA ARG A 548 8.45 7.76 -0.34
C ARG A 548 7.77 6.40 -0.43
N SER A 549 7.13 6.10 -1.55
CA SER A 549 6.33 4.88 -1.68
C SER A 549 7.05 3.76 -2.43
N LEU A 550 8.31 3.95 -2.81
CA LEU A 550 9.06 2.86 -3.43
C LEU A 550 9.19 1.62 -2.56
N PRO A 551 9.58 1.71 -1.27
CA PRO A 551 9.75 0.48 -0.50
C PRO A 551 8.47 -0.35 -0.37
N LEU A 552 7.31 0.30 -0.21
CA LEU A 552 6.07 -0.45 -0.13
C LEU A 552 5.78 -1.17 -1.43
N PHE A 553 5.99 -0.50 -2.57
CA PHE A 553 5.77 -1.14 -3.86
C PHE A 553 6.66 -2.35 -4.03
N LEU A 554 7.95 -2.18 -3.68
CA LEU A 554 8.90 -3.27 -3.88
C LEU A 554 8.63 -4.44 -2.95
N THR A 555 8.20 -4.17 -1.72
CA THR A 555 7.89 -5.26 -0.79
C THR A 555 6.59 -5.97 -1.18
N LEU A 556 5.64 -5.23 -1.75
CA LEU A 556 4.38 -5.82 -2.17
C LEU A 556 4.45 -6.50 -3.53
N ALA A 557 5.50 -6.25 -4.31
CA ALA A 557 5.61 -6.88 -5.63
C ALA A 557 5.80 -8.39 -5.50
N TRP A 558 6.68 -8.83 -4.61
CA TRP A 558 7.01 -10.24 -4.46
C TRP A 558 6.16 -10.86 -3.35
N ILE A 559 4.90 -11.11 -3.67
CA ILE A 559 4.01 -11.81 -2.73
C ILE A 559 3.39 -13.02 -3.39
N TYR A 560 3.35 -13.02 -4.73
CA TYR A 560 2.90 -14.21 -5.46
C TYR A 560 3.85 -15.38 -5.25
N SER A 561 5.13 -15.15 -5.52
CA SER A 561 6.09 -16.25 -5.56
C SER A 561 6.32 -16.87 -4.19
N VAL A 562 6.31 -16.05 -3.14
CA VAL A 562 6.55 -16.58 -1.80
C VAL A 562 5.42 -17.52 -1.39
N THR A 563 4.17 -17.10 -1.60
CA THR A 563 3.04 -17.96 -1.27
C THR A 563 3.04 -19.23 -2.10
N LEU A 564 3.32 -19.12 -3.41
CA LEU A 564 3.36 -20.33 -4.22
C LEU A 564 4.48 -21.26 -3.81
N THR A 565 5.64 -20.72 -3.42
CA THR A 565 6.74 -21.57 -2.97
C THR A 565 6.37 -22.31 -1.69
N VAL A 566 5.76 -21.61 -0.74
CA VAL A 566 5.37 -22.27 0.51
C VAL A 566 4.33 -23.35 0.23
N LYS A 567 3.33 -23.03 -0.60
CA LYS A 567 2.29 -24.00 -0.93
C LYS A 567 2.88 -25.22 -1.62
N ALA A 568 3.78 -25.01 -2.59
CA ALA A 568 4.38 -26.14 -3.29
C ALA A 568 5.18 -27.03 -2.35
N VAL A 569 5.97 -26.41 -1.46
CA VAL A 569 6.78 -27.21 -0.54
C VAL A 569 5.88 -28.04 0.37
N VAL A 570 4.86 -27.43 0.95
CA VAL A 570 4.02 -28.18 1.89
C VAL A 570 3.21 -29.24 1.16
N ARG A 571 2.76 -28.95 -0.06
CA ARG A 571 2.01 -29.95 -0.83
C ARG A 571 2.88 -31.13 -1.21
N GLU A 572 4.12 -30.87 -1.61
CA GLU A 572 5.02 -31.98 -1.93
C GLU A 572 5.34 -32.80 -0.69
N LYS A 573 5.46 -32.17 0.47
CA LYS A 573 5.72 -32.92 1.69
C LYS A 573 4.46 -33.54 2.28
N GLU A 574 3.27 -33.20 1.76
CA GLU A 574 2.02 -33.71 2.31
C GLU A 574 1.55 -34.99 1.64
N THR A 575 1.67 -35.09 0.33
CA THR A 575 1.18 -36.25 -0.41
C THR A 575 2.14 -37.43 -0.40
N ARG A 576 3.08 -37.45 0.55
CA ARG A 576 4.02 -38.55 0.74
C ARG A 576 4.95 -38.72 -0.46
N LEU A 577 4.84 -37.82 -1.44
CA LEU A 577 5.70 -37.90 -2.61
C LEU A 577 7.15 -37.65 -2.24
N ARG A 578 7.41 -36.65 -1.39
CA ARG A 578 8.78 -36.38 -0.97
C ARG A 578 9.37 -37.55 -0.20
N ASP A 579 8.58 -38.13 0.72
CA ASP A 579 9.08 -39.25 1.51
C ASP A 579 9.35 -40.47 0.65
N THR A 580 8.46 -40.78 -0.29
CA THR A 580 8.68 -41.91 -1.17
C THR A 580 9.91 -41.70 -2.06
N MET A 581 10.06 -40.49 -2.62
CA MET A 581 11.22 -40.19 -3.44
C MET A 581 12.51 -40.28 -2.61
N ARG A 582 12.45 -39.88 -1.34
CA ARG A 582 13.62 -39.96 -0.47
C ARG A 582 13.88 -41.38 -0.01
N ALA A 583 12.88 -42.26 -0.04
CA ALA A 583 13.06 -43.62 0.45
C ALA A 583 13.95 -44.46 -0.45
N MET A 584 14.13 -44.07 -1.71
CA MET A 584 14.92 -44.84 -2.65
C MET A 584 16.39 -44.41 -2.71
N GLY A 585 16.78 -43.36 -2.00
CA GLY A 585 18.18 -43.00 -1.96
C GLY A 585 18.50 -41.53 -2.02
N LEU A 586 17.49 -40.68 -2.15
CA LEU A 586 17.73 -39.24 -2.18
C LEU A 586 18.28 -38.75 -0.85
N SER A 587 19.17 -37.77 -0.93
CA SER A 587 19.71 -37.11 0.25
C SER A 587 19.05 -35.76 0.44
N ARG A 588 18.83 -35.39 1.71
CA ARG A 588 18.11 -34.15 2.00
C ARG A 588 18.84 -32.93 1.45
N ALA A 589 20.18 -32.92 1.54
CA ALA A 589 20.94 -31.79 1.03
C ALA A 589 20.75 -31.62 -0.47
N VAL A 590 20.75 -32.72 -1.22
CA VAL A 590 20.58 -32.64 -2.67
C VAL A 590 19.21 -32.07 -3.01
N LEU A 591 18.17 -32.55 -2.34
CA LEU A 591 16.82 -32.06 -2.59
C LEU A 591 16.70 -30.57 -2.27
N TRP A 592 17.28 -30.16 -1.13
CA TRP A 592 17.20 -28.76 -0.74
C TRP A 592 17.93 -27.88 -1.74
N LEU A 593 19.11 -28.31 -2.20
CA LEU A 593 19.86 -27.51 -3.16
C LEU A 593 19.14 -27.42 -4.49
N GLY A 594 18.52 -28.52 -4.94
CA GLY A 594 17.75 -28.47 -6.17
C GLY A 594 16.57 -27.52 -6.07
N TRP A 595 15.84 -27.58 -4.95
CA TRP A 595 14.77 -26.63 -4.72
C TRP A 595 15.29 -25.19 -4.74
N PHE A 596 16.43 -24.97 -4.07
CA PHE A 596 17.00 -23.63 -3.99
C PHE A 596 17.28 -23.08 -5.39
N LEU A 597 18.01 -23.85 -6.21
CA LEU A 597 18.35 -23.36 -7.55
C LEU A 597 17.11 -23.17 -8.42
N SER A 598 16.18 -24.13 -8.38
CA SER A 598 15.00 -24.06 -9.23
C SER A 598 14.15 -22.83 -8.90
N CYS A 599 13.98 -22.55 -7.60
CA CYS A 599 13.20 -21.37 -7.22
C CYS A 599 13.98 -20.08 -7.47
N LEU A 600 15.32 -20.13 -7.32
CA LEU A 600 16.14 -18.93 -7.44
C LEU A 600 16.24 -18.45 -8.89
N GLY A 601 16.12 -19.34 -9.86
CA GLY A 601 16.20 -18.96 -11.26
C GLY A 601 15.28 -17.82 -11.67
N PRO A 602 13.96 -18.06 -11.59
CA PRO A 602 13.01 -17.01 -12.00
C PRO A 602 13.12 -15.72 -11.22
N PHE A 603 13.46 -15.80 -9.92
CA PHE A 603 13.68 -14.56 -9.16
C PHE A 603 14.79 -13.71 -9.78
N LEU A 604 15.92 -14.32 -10.11
CA LEU A 604 17.01 -13.54 -10.71
C LEU A 604 16.61 -13.00 -12.07
N LEU A 605 15.92 -13.81 -12.89
CA LEU A 605 15.53 -13.29 -14.20
C LEU A 605 14.57 -12.10 -14.06
N SER A 606 13.60 -12.21 -13.13
CA SER A 606 12.65 -11.13 -12.92
C SER A 606 13.35 -9.89 -12.37
N ALA A 607 14.32 -10.07 -11.46
CA ALA A 607 15.06 -8.94 -10.93
C ALA A 607 15.84 -8.23 -12.02
N ALA A 608 16.48 -8.99 -12.91
CA ALA A 608 17.18 -8.36 -14.03
C ALA A 608 16.23 -7.59 -14.92
N LEU A 609 15.07 -8.16 -15.23
CA LEU A 609 14.11 -7.47 -16.07
C LEU A 609 13.61 -6.19 -15.38
N LEU A 610 13.39 -6.26 -14.07
CA LEU A 610 12.95 -5.08 -13.32
C LEU A 610 14.01 -3.99 -13.32
N VAL A 611 15.27 -4.36 -13.16
CA VAL A 611 16.36 -3.39 -13.24
C VAL A 611 16.35 -2.73 -14.61
N LEU A 612 16.20 -3.54 -15.67
CA LEU A 612 16.19 -2.99 -17.02
C LEU A 612 15.05 -1.99 -17.21
N VAL A 613 13.84 -2.35 -16.75
CA VAL A 613 12.70 -1.47 -16.98
C VAL A 613 12.79 -0.21 -16.13
N LEU A 614 13.38 -0.30 -14.93
CA LEU A 614 13.58 0.90 -14.12
C LEU A 614 14.59 1.83 -14.79
N LYS A 615 15.72 1.29 -15.24
CA LYS A 615 16.74 2.13 -15.85
C LYS A 615 16.24 2.76 -17.14
N LEU A 616 15.55 1.97 -17.98
CA LEU A 616 15.10 2.49 -19.27
C LEU A 616 14.01 3.54 -19.12
N GLY A 617 13.18 3.44 -18.09
CA GLY A 617 12.07 4.35 -17.90
C GLY A 617 12.42 5.69 -17.27
N ASP A 618 13.70 5.93 -17.02
CA ASP A 618 14.20 7.17 -16.40
C ASP A 618 13.66 7.37 -14.98
N ILE A 619 13.18 6.30 -14.35
CA ILE A 619 12.82 6.39 -12.94
C ILE A 619 14.07 6.57 -12.07
N LEU A 620 15.16 5.90 -12.44
CA LEU A 620 16.43 5.96 -11.73
C LEU A 620 17.55 6.19 -12.73
N PRO A 621 17.55 7.34 -13.41
CA PRO A 621 18.47 7.51 -14.56
C PRO A 621 19.94 7.43 -14.22
N TYR A 622 20.34 7.90 -13.03
CA TYR A 622 21.77 8.05 -12.74
C TYR A 622 22.44 6.72 -12.42
N SER A 623 21.76 5.83 -11.70
CA SER A 623 22.41 4.65 -11.15
C SER A 623 22.85 3.70 -12.25
N HIS A 624 24.04 3.13 -12.08
CA HIS A 624 24.52 2.10 -12.98
C HIS A 624 23.83 0.78 -12.67
N PRO A 625 23.29 0.08 -13.67
CA PRO A 625 22.44 -1.09 -13.39
C PRO A 625 23.16 -2.22 -12.68
N GLY A 626 24.49 -2.27 -12.72
CA GLY A 626 25.19 -3.40 -12.11
C GLY A 626 24.98 -3.50 -10.61
N VAL A 627 25.18 -2.38 -9.90
CA VAL A 627 25.06 -2.41 -8.45
C VAL A 627 23.61 -2.62 -8.04
N VAL A 628 22.67 -2.02 -8.77
CA VAL A 628 21.25 -2.23 -8.48
C VAL A 628 20.90 -3.69 -8.66
N PHE A 629 21.40 -4.32 -9.73
CA PHE A 629 21.11 -5.73 -9.96
C PHE A 629 21.71 -6.60 -8.87
N LEU A 630 22.93 -6.30 -8.42
CA LEU A 630 23.52 -7.06 -7.32
C LEU A 630 22.69 -6.91 -6.05
N PHE A 631 22.23 -5.69 -5.76
CA PHE A 631 21.39 -5.47 -4.59
C PHE A 631 20.10 -6.29 -4.67
N LEU A 632 19.45 -6.27 -5.84
CA LEU A 632 18.20 -7.01 -5.99
C LEU A 632 18.43 -8.51 -5.96
N ALA A 633 19.58 -8.98 -6.45
CA ALA A 633 19.88 -10.40 -6.37
C ALA A 633 20.09 -10.84 -4.92
N ALA A 634 20.78 -10.03 -4.13
CA ALA A 634 20.91 -10.34 -2.71
C ALA A 634 19.55 -10.35 -2.03
N PHE A 635 18.69 -9.39 -2.36
CA PHE A 635 17.35 -9.38 -1.80
C PHE A 635 16.57 -10.64 -2.18
N ALA A 636 16.68 -11.07 -3.43
CA ALA A 636 15.98 -12.27 -3.88
C ALA A 636 16.49 -13.52 -3.15
N VAL A 637 17.81 -13.63 -2.96
CA VAL A 637 18.33 -14.78 -2.22
C VAL A 637 17.81 -14.78 -0.80
N ALA A 638 17.78 -13.61 -0.16
CA ALA A 638 17.23 -13.53 1.20
C ALA A 638 15.77 -13.94 1.22
N THR A 639 14.99 -13.50 0.25
CA THR A 639 13.58 -13.87 0.18
C THR A 639 13.40 -15.38 -0.01
N VAL A 640 14.21 -15.99 -0.88
CA VAL A 640 14.10 -17.43 -1.10
C VAL A 640 14.34 -18.18 0.20
N THR A 641 15.42 -17.85 0.89
CA THR A 641 15.71 -18.61 2.10
C THR A 641 14.70 -18.31 3.20
N GLN A 642 14.16 -17.09 3.24
CA GLN A 642 13.11 -16.77 4.19
C GLN A 642 11.87 -17.61 3.93
N SER A 643 11.50 -17.78 2.65
CA SER A 643 10.35 -18.61 2.31
C SER A 643 10.59 -20.07 2.71
N PHE A 644 11.80 -20.58 2.46
CA PHE A 644 12.09 -21.95 2.85
C PHE A 644 12.02 -22.12 4.36
N LEU A 645 12.42 -21.09 5.12
CA LEU A 645 12.27 -21.15 6.56
C LEU A 645 10.81 -21.11 6.97
N LEU A 646 10.03 -20.23 6.35
CA LEU A 646 8.62 -20.07 6.71
C LEU A 646 7.82 -21.32 6.40
N SER A 647 8.25 -22.12 5.43
CA SER A 647 7.54 -23.33 5.04
C SER A 647 7.97 -24.56 5.83
N ALA A 648 8.46 -24.38 7.05
CA ALA A 648 8.91 -25.51 7.87
C ALA A 648 8.08 -25.74 9.11
N PHE A 649 7.19 -24.81 9.48
CA PHE A 649 6.35 -25.01 10.65
C PHE A 649 5.11 -25.84 10.31
N PHE A 650 4.47 -25.52 9.20
CA PHE A 650 3.19 -26.12 8.83
C PHE A 650 3.40 -27.51 8.22
N SER A 651 2.32 -28.29 8.22
CA SER A 651 2.34 -29.62 7.63
C SER A 651 1.09 -29.94 6.81
N ARG A 652 0.17 -28.99 6.65
CA ARG A 652 -1.02 -29.18 5.85
C ARG A 652 -1.11 -28.05 4.83
N ALA A 653 -1.58 -28.38 3.62
CA ALA A 653 -1.60 -27.39 2.54
C ALA A 653 -2.51 -26.22 2.88
N ASN A 654 -3.69 -26.49 3.41
CA ASN A 654 -4.66 -25.42 3.70
C ASN A 654 -4.12 -24.49 4.77
N LEU A 655 -3.64 -25.04 5.89
CA LEU A 655 -3.13 -24.21 6.96
C LEU A 655 -1.91 -23.41 6.52
N ALA A 656 -1.00 -24.05 5.78
CA ALA A 656 0.19 -23.34 5.31
C ALA A 656 -0.17 -22.22 4.35
N ALA A 657 -1.14 -22.46 3.46
CA ALA A 657 -1.55 -21.41 2.53
C ALA A 657 -2.23 -20.26 3.27
N ALA A 658 -2.99 -20.57 4.33
CA ALA A 658 -3.72 -19.53 5.04
C ALA A 658 -2.77 -18.56 5.75
N CYS A 659 -1.84 -19.09 6.53
CA CYS A 659 -0.85 -18.26 7.22
C CYS A 659 0.44 -18.13 6.43
N GLY A 660 0.34 -17.73 5.16
CA GLY A 660 1.51 -17.63 4.33
C GLY A 660 1.85 -16.22 3.91
N GLY A 661 0.84 -15.39 3.71
CA GLY A 661 1.06 -14.01 3.33
C GLY A 661 1.08 -13.09 4.52
N LEU A 662 0.32 -13.44 5.56
CA LEU A 662 0.30 -12.63 6.76
C LEU A 662 1.66 -12.59 7.43
N ALA A 663 2.32 -13.75 7.55
CA ALA A 663 3.62 -13.79 8.19
C ALA A 663 4.67 -13.06 7.38
N TYR A 664 4.55 -13.05 6.05
CA TYR A 664 5.52 -12.31 5.24
C TYR A 664 5.28 -10.81 5.35
N PHE A 665 4.03 -10.37 5.27
CA PHE A 665 3.74 -8.93 5.31
C PHE A 665 3.80 -8.34 6.71
N SER A 666 3.82 -9.18 7.75
CA SER A 666 3.93 -8.67 9.11
C SER A 666 5.38 -8.41 9.52
N LEU A 667 6.34 -8.71 8.65
CA LEU A 667 7.74 -8.40 8.92
C LEU A 667 8.17 -7.05 8.36
N TYR A 668 7.28 -6.33 7.72
CA TYR A 668 7.59 -5.02 7.14
C TYR A 668 7.18 -3.87 8.04
N LEU A 669 6.20 -4.08 8.92
CA LEU A 669 5.78 -3.02 9.84
C LEU A 669 6.89 -2.51 10.75
N PRO A 670 7.78 -3.34 11.30
CA PRO A 670 8.87 -2.79 12.12
C PRO A 670 9.72 -1.77 11.38
N TYR A 671 9.79 -1.84 10.05
CA TYR A 671 10.46 -0.78 9.31
C TYR A 671 9.75 0.56 9.50
N VAL A 672 8.41 0.55 9.44
CA VAL A 672 7.67 1.78 9.68
C VAL A 672 7.87 2.26 11.12
N LEU A 673 7.87 1.33 12.06
CA LEU A 673 8.10 1.71 13.46
C LEU A 673 9.48 2.35 13.64
N CYS A 674 10.51 1.78 13.02
CA CYS A 674 11.87 2.28 13.17
C CYS A 674 12.15 3.51 12.31
N VAL A 675 11.32 3.81 11.32
CA VAL A 675 11.48 5.07 10.61
C VAL A 675 10.71 6.19 11.28
N ALA A 676 9.61 5.88 11.97
CA ALA A 676 8.95 6.90 12.79
C ALA A 676 9.82 7.30 13.97
N TRP A 677 10.43 6.33 14.64
CA TRP A 677 11.34 6.60 15.74
C TRP A 677 12.76 6.79 15.24
N ARG A 678 12.95 7.65 14.25
CA ARG A 678 14.28 7.82 13.67
C ARG A 678 15.27 8.40 14.68
N ASP A 679 14.83 9.39 15.46
CA ASP A 679 15.68 9.96 16.49
C ASP A 679 15.68 9.10 17.74
N ARG A 680 16.64 9.34 18.62
CA ARG A 680 16.83 8.59 19.85
C ARG A 680 17.06 7.10 19.58
N LEU A 681 17.54 6.75 18.39
CA LEU A 681 17.71 5.35 18.01
C LEU A 681 19.19 5.02 17.92
N PRO A 682 19.73 4.23 18.84
CA PRO A 682 21.14 3.83 18.73
C PRO A 682 21.36 2.95 17.50
N ALA A 683 22.58 3.00 16.97
CA ALA A 683 22.92 2.19 15.81
C ALA A 683 22.79 0.69 16.11
N GLY A 684 23.01 0.30 17.37
CA GLY A 684 22.82 -1.09 17.73
C GLY A 684 21.38 -1.55 17.55
N GLY A 685 20.42 -0.70 17.91
CA GLY A 685 19.02 -1.03 17.69
C GLY A 685 18.68 -1.17 16.22
N ARG A 686 19.20 -0.27 15.39
CA ARG A 686 18.97 -0.37 13.95
C ARG A 686 19.57 -1.65 13.39
N VAL A 687 20.78 -2.01 13.82
CA VAL A 687 21.41 -3.24 13.36
C VAL A 687 20.58 -4.45 13.78
N ALA A 688 20.14 -4.48 15.04
CA ALA A 688 19.35 -5.61 15.51
C ALA A 688 17.98 -5.69 14.85
N ALA A 689 17.42 -4.56 14.42
CA ALA A 689 16.15 -4.57 13.72
C ALA A 689 16.31 -4.74 12.21
N SER A 690 17.54 -4.76 11.70
CA SER A 690 17.79 -4.98 10.29
C SER A 690 17.96 -6.45 9.94
N LEU A 691 17.84 -7.35 10.89
CA LEU A 691 17.95 -8.77 10.59
C LEU A 691 16.83 -9.24 9.67
N LEU A 692 15.60 -8.77 9.92
CA LEU A 692 14.49 -9.10 9.04
C LEU A 692 14.73 -8.52 7.66
N SER A 693 14.53 -9.35 6.63
CA SER A 693 14.89 -8.94 5.27
C SER A 693 14.15 -7.70 4.78
N PRO A 694 12.82 -7.58 4.93
CA PRO A 694 12.16 -6.36 4.42
C PRO A 694 12.66 -5.07 5.05
N VAL A 695 13.03 -5.09 6.34
CA VAL A 695 13.53 -3.88 6.97
C VAL A 695 14.86 -3.46 6.34
N ALA A 696 15.77 -4.41 6.16
CA ALA A 696 17.04 -4.10 5.53
C ALA A 696 16.86 -3.61 4.10
N PHE A 697 15.94 -4.24 3.36
CA PHE A 697 15.69 -3.78 2.00
C PHE A 697 15.09 -2.38 2.00
N GLY A 698 14.24 -2.06 2.97
CA GLY A 698 13.71 -0.71 3.07
C GLY A 698 14.79 0.31 3.33
N PHE A 699 15.72 -0.01 4.23
CA PHE A 699 16.85 0.89 4.48
C PHE A 699 17.68 1.09 3.21
N GLY A 700 17.95 0.00 2.49
CA GLY A 700 18.71 0.11 1.26
C GLY A 700 17.99 0.94 0.20
N CYS A 701 16.68 0.74 0.07
CA CYS A 701 15.90 1.50 -0.89
C CYS A 701 15.90 2.99 -0.55
N GLU A 702 15.77 3.32 0.74
CA GLU A 702 15.84 4.72 1.15
C GLU A 702 17.20 5.31 0.83
N SER A 703 18.28 4.57 1.09
CA SER A 703 19.62 5.07 0.79
C SER A 703 19.78 5.30 -0.71
N LEU A 704 19.31 4.36 -1.53
CA LEU A 704 19.41 4.52 -2.98
C LEU A 704 18.59 5.70 -3.48
N ALA A 705 17.38 5.87 -2.94
CA ALA A 705 16.53 6.98 -3.36
C ALA A 705 17.17 8.32 -3.00
N LEU A 706 17.74 8.42 -1.81
CA LEU A 706 18.40 9.67 -1.42
C LEU A 706 19.65 9.93 -2.23
N LEU A 707 20.39 8.86 -2.60
CA LEU A 707 21.53 9.05 -3.49
C LEU A 707 21.09 9.55 -4.86
N GLU A 708 19.99 9.00 -5.38
CA GLU A 708 19.47 9.44 -6.67
C GLU A 708 19.00 10.89 -6.62
N GLU A 709 18.33 11.27 -5.53
CA GLU A 709 17.82 12.64 -5.43
C GLU A 709 18.94 13.66 -5.35
N GLN A 710 20.11 13.26 -4.84
CA GLN A 710 21.24 14.19 -4.73
C GLN A 710 21.84 14.55 -6.07
N GLY A 711 21.45 13.88 -7.15
CA GLY A 711 21.98 14.18 -8.46
C GLY A 711 23.46 13.86 -8.63
N GLU A 712 23.91 12.74 -8.04
CA GLU A 712 25.29 12.30 -8.21
C GLU A 712 25.43 10.83 -8.57
N GLY A 713 24.37 10.03 -8.48
CA GLY A 713 24.40 8.66 -8.95
C GLY A 713 25.11 7.71 -8.01
N ALA A 714 25.21 6.47 -8.45
CA ALA A 714 25.85 5.39 -7.71
C ALA A 714 26.71 4.54 -8.64
N GLN A 715 27.49 5.20 -9.51
CA GLN A 715 28.23 4.52 -10.57
C GLN A 715 29.53 3.93 -10.01
N TRP A 716 29.38 2.88 -9.21
CA TRP A 716 30.44 1.99 -8.76
C TRP A 716 31.43 2.64 -7.78
N HIS A 717 31.31 3.94 -7.50
CA HIS A 717 32.21 4.58 -6.54
C HIS A 717 31.52 5.05 -5.27
N ASN A 718 30.19 4.97 -5.19
CA ASN A 718 29.46 5.36 -3.99
C ASN A 718 29.12 4.08 -3.20
N VAL A 719 30.13 3.57 -2.49
CA VAL A 719 29.99 2.37 -1.69
C VAL A 719 30.42 2.58 -0.24
N GLY A 720 30.95 3.75 0.10
CA GLY A 720 31.35 4.04 1.47
C GLY A 720 30.89 5.42 1.90
N THR A 721 29.95 5.98 1.14
CA THR A 721 29.46 7.32 1.39
C THR A 721 28.35 7.29 2.44
N ARG A 722 27.60 8.39 2.55
CA ARG A 722 26.49 8.55 3.46
C ARG A 722 26.88 8.31 4.92
N PRO A 723 27.60 9.22 5.56
CA PRO A 723 27.79 9.16 7.01
C PRO A 723 26.68 9.82 7.82
N THR A 724 25.55 10.15 7.19
CA THR A 724 24.45 10.84 7.86
C THR A 724 23.62 9.84 8.67
N ALA A 725 22.40 10.25 9.04
CA ALA A 725 21.50 9.36 9.76
C ALA A 725 21.26 8.08 8.98
N ASP A 726 21.14 8.17 7.65
CA ASP A 726 21.10 7.00 6.79
C ASP A 726 22.53 6.57 6.49
N VAL A 727 23.20 6.09 7.54
CA VAL A 727 24.61 5.72 7.44
C VAL A 727 24.79 4.55 6.48
N PHE A 728 23.78 3.71 6.33
CA PHE A 728 23.90 2.55 5.46
C PHE A 728 23.89 2.96 3.99
N SER A 729 24.85 2.44 3.24
CA SER A 729 24.93 2.62 1.80
C SER A 729 24.75 1.28 1.11
N LEU A 730 24.74 1.29 -0.22
CA LEU A 730 24.51 0.07 -0.96
C LEU A 730 25.80 -0.74 -1.09
N ALA A 731 26.53 -0.87 0.01
CA ALA A 731 27.61 -1.83 0.12
C ALA A 731 27.65 -2.50 1.49
N GLN A 732 26.78 -2.11 2.41
CA GLN A 732 26.68 -2.69 3.73
C GLN A 732 25.38 -3.43 3.96
N VAL A 733 24.30 -3.00 3.30
CA VAL A 733 23.03 -3.70 3.40
C VAL A 733 23.09 -5.07 2.75
N SER A 734 23.85 -5.21 1.66
CA SER A 734 23.96 -6.50 0.97
C SER A 734 24.62 -7.54 1.86
N GLY A 735 25.67 -7.15 2.59
CA GLY A 735 26.28 -8.08 3.53
C GLY A 735 25.31 -8.52 4.61
N LEU A 736 24.52 -7.57 5.12
CA LEU A 736 23.50 -7.92 6.12
C LEU A 736 22.50 -8.90 5.54
N LEU A 737 22.06 -8.67 4.29
CA LEU A 737 21.09 -9.57 3.67
C LEU A 737 21.66 -10.97 3.50
N LEU A 738 22.93 -11.08 3.08
CA LEU A 738 23.55 -12.39 2.96
C LEU A 738 23.66 -13.07 4.32
N LEU A 739 23.98 -12.30 5.36
CA LEU A 739 24.03 -12.87 6.70
C LEU A 739 22.66 -13.39 7.13
N ASP A 740 21.60 -12.63 6.84
CA ASP A 740 20.25 -13.10 7.17
C ASP A 740 19.90 -14.36 6.41
N ALA A 741 20.30 -14.43 5.13
CA ALA A 741 20.02 -15.64 4.35
C ALA A 741 20.72 -16.84 4.94
N ALA A 742 21.98 -16.68 5.34
CA ALA A 742 22.70 -17.79 5.96
C ALA A 742 22.04 -18.22 7.27
N LEU A 743 21.63 -17.24 8.09
CA LEU A 743 20.98 -17.57 9.35
C LEU A 743 19.66 -18.31 9.12
N TYR A 744 18.86 -17.84 8.15
CA TYR A 744 17.60 -18.49 7.86
C TYR A 744 17.82 -19.92 7.35
N GLY A 745 18.84 -20.11 6.52
CA GLY A 745 19.12 -21.46 6.04
C GLY A 745 19.52 -22.40 7.17
N LEU A 746 20.40 -21.93 8.07
CA LEU A 746 20.79 -22.77 9.19
C LEU A 746 19.59 -23.09 10.09
N ALA A 747 18.72 -22.09 10.32
CA ALA A 747 17.53 -22.32 11.12
C ALA A 747 16.60 -23.33 10.46
N THR A 748 16.44 -23.24 9.14
CA THR A 748 15.60 -24.20 8.42
C THR A 748 16.16 -25.61 8.56
N TRP A 749 17.48 -25.76 8.41
CA TRP A 749 18.08 -27.08 8.54
C TRP A 749 17.87 -27.64 9.94
N TYR A 750 18.10 -26.82 10.97
CA TYR A 750 17.93 -27.29 12.34
C TYR A 750 16.47 -27.66 12.62
N LEU A 751 15.53 -26.83 12.18
CA LEU A 751 14.12 -27.08 12.45
C LEU A 751 13.64 -28.34 11.74
N GLU A 752 14.08 -28.55 10.50
CA GLU A 752 13.74 -29.78 9.80
C GLU A 752 14.34 -30.99 10.51
N ALA A 753 15.58 -30.86 10.99
CA ALA A 753 16.22 -31.98 11.68
C ALA A 753 15.50 -32.36 12.96
N VAL A 754 15.06 -31.36 13.73
CA VAL A 754 14.49 -31.65 15.04
C VAL A 754 13.01 -31.99 14.97
N CYS A 755 12.24 -31.29 14.14
CA CYS A 755 10.79 -31.51 14.04
C CYS A 755 10.44 -31.94 12.63
N PRO A 756 10.22 -33.22 12.38
CA PRO A 756 9.93 -33.68 11.01
C PRO A 756 8.56 -33.24 10.51
N GLY A 757 7.53 -33.40 11.34
CA GLY A 757 6.19 -33.02 10.94
C GLY A 757 5.16 -34.11 11.13
N GLN A 758 4.12 -34.10 10.30
CA GLN A 758 3.07 -35.11 10.41
C GLN A 758 3.59 -36.49 10.05
N TYR A 759 4.26 -36.62 8.90
CA TYR A 759 4.89 -37.88 8.50
C TYR A 759 6.29 -37.91 9.08
N GLY A 760 6.35 -38.11 10.40
CA GLY A 760 7.58 -38.01 11.14
C GLY A 760 8.66 -38.99 10.73
N ILE A 761 9.70 -38.49 10.07
CA ILE A 761 10.88 -39.29 9.78
C ILE A 761 11.70 -39.39 11.07
N PRO A 762 12.51 -40.43 11.24
CA PRO A 762 13.31 -40.53 12.46
C PRO A 762 14.25 -39.34 12.61
N GLU A 763 14.42 -38.90 13.86
CA GLU A 763 15.22 -37.71 14.16
C GLU A 763 16.46 -38.10 14.94
N PRO A 764 17.66 -37.99 14.35
CA PRO A 764 18.91 -38.34 15.04
C PRO A 764 19.31 -37.31 16.11
N SER A 804 18.78 -66.59 5.94
CA SER A 804 19.21 -65.29 6.43
C SER A 804 18.01 -64.40 6.72
N PRO A 805 17.70 -64.22 8.01
CA PRO A 805 16.57 -63.35 8.38
C PRO A 805 16.88 -61.88 8.15
N GLY A 806 16.75 -61.44 6.90
CA GLY A 806 17.06 -60.06 6.57
C GLY A 806 16.17 -59.06 7.29
N VAL A 807 14.87 -59.36 7.36
CA VAL A 807 13.89 -58.48 7.98
C VAL A 807 13.33 -59.17 9.21
N SER A 808 13.32 -58.46 10.33
CA SER A 808 12.81 -59.00 11.59
C SER A 808 12.12 -57.90 12.38
N VAL A 809 10.98 -58.23 12.98
CA VAL A 809 10.24 -57.33 13.84
C VAL A 809 9.96 -58.05 15.15
N ARG A 810 10.17 -57.35 16.26
CA ARG A 810 9.96 -57.94 17.59
C ARG A 810 9.30 -56.91 18.48
N SER A 811 8.13 -57.26 19.01
CA SER A 811 7.36 -56.40 19.91
C SER A 811 7.08 -55.04 19.27
N LEU A 812 6.37 -55.07 18.16
CA LEU A 812 6.04 -53.88 17.40
C LEU A 812 4.59 -53.48 17.66
N GLU A 813 4.39 -52.23 18.09
CA GLU A 813 3.06 -51.71 18.34
C GLU A 813 3.00 -50.26 17.88
N LYS A 814 1.80 -49.84 17.49
CA LYS A 814 1.54 -48.48 17.06
C LYS A 814 0.28 -47.97 17.76
N ARG A 815 0.28 -46.69 18.12
CA ARG A 815 -0.84 -46.09 18.84
C ARG A 815 -1.10 -44.70 18.27
N PHE A 816 -2.21 -44.56 17.56
CA PHE A 816 -2.61 -43.25 17.05
C PHE A 816 -3.40 -42.49 18.11
N PRO A 817 -3.14 -41.18 18.26
CA PRO A 817 -3.83 -40.43 19.32
C PRO A 817 -5.34 -40.41 19.17
N GLY A 818 -5.86 -40.36 17.94
CA GLY A 818 -7.29 -40.30 17.75
C GLY A 818 -8.00 -41.58 18.17
N SER A 819 -7.46 -42.73 17.79
CA SER A 819 -8.13 -43.99 18.07
C SER A 819 -7.96 -44.36 19.54
N PRO A 820 -9.05 -44.60 20.28
CA PRO A 820 -8.91 -45.06 21.66
C PRO A 820 -8.17 -46.38 21.79
N GLN A 821 -8.30 -47.28 20.82
CA GLN A 821 -7.60 -48.55 20.92
C GLN A 821 -6.44 -48.59 19.93
N PRO A 822 -5.33 -49.22 20.32
CA PRO A 822 -4.17 -49.28 19.42
C PRO A 822 -4.45 -50.11 18.18
N ALA A 823 -3.79 -49.71 17.08
CA ALA A 823 -3.94 -50.46 15.84
C ALA A 823 -3.20 -51.80 15.90
N LEU A 824 -1.98 -51.80 16.42
CA LEU A 824 -1.16 -52.99 16.53
C LEU A 824 -0.75 -53.20 17.98
N ARG A 825 -0.80 -54.47 18.42
CA ARG A 825 -0.47 -54.83 19.80
C ARG A 825 0.97 -55.32 19.92
N GLY A 826 1.35 -56.33 19.15
CA GLY A 826 2.69 -56.88 19.20
C GLY A 826 2.95 -57.95 18.15
N LEU A 827 4.09 -57.87 17.48
CA LEU A 827 4.43 -58.80 16.42
C LEU A 827 5.80 -59.38 16.68
N SER A 828 6.00 -60.62 16.20
CA SER A 828 7.29 -61.30 16.29
C SER A 828 7.61 -62.03 14.99
N LEU A 829 7.03 -61.58 13.88
CA LEU A 829 7.20 -62.26 12.61
C LEU A 829 8.63 -62.12 12.10
N ASP A 830 9.10 -63.17 11.42
CA ASP A 830 10.44 -63.21 10.87
C ASP A 830 10.38 -63.46 9.37
N PHE A 831 11.31 -62.85 8.65
CA PHE A 831 11.39 -62.94 7.21
C PHE A 831 12.59 -63.80 6.82
N TYR A 832 12.58 -64.31 5.59
CA TYR A 832 13.57 -65.28 5.17
C TYR A 832 14.26 -64.82 3.88
N GLN A 833 15.16 -65.69 3.38
CA GLN A 833 16.11 -65.32 2.35
C GLN A 833 15.46 -64.90 1.04
N GLY A 834 14.78 -65.83 0.37
CA GLY A 834 14.23 -65.54 -0.95
C GLY A 834 12.89 -66.18 -1.22
N HIS A 835 12.18 -66.56 -0.16
CA HIS A 835 10.88 -67.20 -0.28
C HIS A 835 9.79 -66.13 -0.23
N ILE A 836 8.95 -66.09 -1.26
CA ILE A 836 7.88 -65.11 -1.35
C ILE A 836 6.91 -65.32 -0.19
N THR A 837 6.83 -64.33 0.70
CA THR A 837 5.94 -64.41 1.85
C THR A 837 4.65 -63.64 1.57
N ALA A 838 3.55 -64.08 2.16
CA ALA A 838 2.26 -63.48 1.89
C ALA A 838 1.58 -63.13 3.21
N PHE A 839 0.98 -61.94 3.26
CA PHE A 839 0.19 -61.50 4.40
C PHE A 839 -1.29 -61.78 4.12
N LEU A 840 -1.94 -62.47 5.06
CA LEU A 840 -3.38 -62.70 4.99
C LEU A 840 -4.02 -62.18 6.27
N GLY A 841 -5.21 -61.61 6.13
CA GLY A 841 -5.93 -61.11 7.28
C GLY A 841 -7.20 -60.38 6.92
N HIS A 842 -8.09 -60.21 7.90
CA HIS A 842 -9.33 -59.49 7.67
C HIS A 842 -9.06 -57.99 7.55
N ASN A 843 -10.07 -57.26 7.08
CA ASN A 843 -9.94 -55.82 6.94
C ASN A 843 -9.69 -55.17 8.29
N GLY A 844 -8.76 -54.22 8.33
CA GLY A 844 -8.39 -53.57 9.56
C GLY A 844 -7.37 -54.30 10.39
N ALA A 845 -6.82 -55.41 9.89
CA ALA A 845 -5.80 -56.14 10.65
C ALA A 845 -4.55 -55.29 10.84
N GLY A 846 -4.18 -54.51 9.83
CA GLY A 846 -3.06 -53.60 9.97
C GLY A 846 -1.81 -54.03 9.22
N LYS A 847 -1.99 -54.60 8.02
CA LYS A 847 -0.82 -54.98 7.22
C LYS A 847 -0.17 -53.76 6.59
N THR A 848 -0.96 -52.83 6.08
CA THR A 848 -0.39 -51.63 5.45
C THR A 848 0.31 -50.76 6.47
N THR A 849 -0.22 -50.67 7.69
CA THR A 849 0.47 -49.93 8.74
C THR A 849 1.81 -50.55 9.05
N THR A 850 1.88 -51.88 9.14
CA THR A 850 3.16 -52.54 9.38
C THR A 850 4.13 -52.28 8.24
N LEU A 851 3.66 -52.36 6.99
CA LEU A 851 4.54 -52.13 5.85
C LEU A 851 5.07 -50.70 5.85
N SER A 852 4.24 -49.73 6.23
CA SER A 852 4.71 -48.36 6.37
C SER A 852 5.74 -48.25 7.49
N ILE A 853 5.54 -48.97 8.59
CA ILE A 853 6.48 -48.93 9.71
C ILE A 853 7.84 -49.47 9.29
N LEU A 854 7.86 -50.52 8.46
CA LEU A 854 9.14 -51.00 7.92
C LEU A 854 9.84 -49.91 7.11
N SER A 855 9.08 -49.15 6.32
CA SER A 855 9.65 -48.03 5.59
C SER A 855 9.82 -46.83 6.54
N GLY A 856 10.16 -45.68 5.99
CA GLY A 856 10.36 -44.49 6.78
C GLY A 856 9.17 -43.56 6.90
N LEU A 857 7.98 -44.02 6.51
CA LEU A 857 6.81 -43.14 6.55
C LEU A 857 6.39 -42.82 7.98
N PHE A 858 6.44 -43.80 8.88
CA PHE A 858 5.97 -43.64 10.24
C PHE A 858 7.03 -44.07 11.23
N PRO A 859 7.02 -43.50 12.43
CA PRO A 859 7.87 -44.01 13.50
C PRO A 859 7.10 -44.98 14.37
N PRO A 860 7.73 -46.09 14.77
CA PRO A 860 7.04 -47.05 15.65
C PRO A 860 6.80 -46.46 17.03
N SER A 861 5.70 -46.90 17.64
CA SER A 861 5.37 -46.47 18.99
C SER A 861 6.14 -47.23 20.06
N GLY A 862 6.80 -48.32 19.70
CA GLY A 862 7.59 -49.08 20.66
C GLY A 862 8.29 -50.21 19.95
N GLY A 863 9.20 -50.86 20.70
CA GLY A 863 9.95 -51.94 20.12
C GLY A 863 10.96 -51.47 19.09
N SER A 864 11.37 -52.40 18.23
CA SER A 864 12.34 -52.10 17.20
C SER A 864 12.14 -53.05 16.03
N ALA A 865 12.66 -52.65 14.87
CA ALA A 865 12.63 -53.46 13.66
C ALA A 865 14.00 -53.41 12.99
N PHE A 866 14.51 -54.57 12.61
CA PHE A 866 15.82 -54.67 11.98
C PHE A 866 15.67 -55.13 10.54
N ILE A 867 16.42 -54.51 9.64
CA ILE A 867 16.45 -54.91 8.23
C ILE A 867 17.91 -55.03 7.80
N LEU A 868 18.26 -56.16 7.19
CA LEU A 868 19.61 -56.44 6.72
C LEU A 868 20.66 -56.25 7.82
N GLY A 869 20.34 -56.69 9.04
CA GLY A 869 21.24 -56.55 10.16
C GLY A 869 21.35 -55.15 10.72
N HIS A 870 20.93 -54.13 9.98
CA HIS A 870 20.96 -52.76 10.46
C HIS A 870 19.75 -52.47 11.33
N ASP A 871 19.52 -51.20 11.66
CA ASP A 871 18.37 -50.83 12.48
C ASP A 871 17.71 -49.62 11.83
N VAL A 872 16.42 -49.75 11.50
CA VAL A 872 15.68 -48.59 11.01
C VAL A 872 15.61 -47.51 12.08
N ARG A 873 15.59 -47.93 13.35
CA ARG A 873 15.78 -46.99 14.45
C ARG A 873 17.16 -46.37 14.36
N SER A 874 17.24 -45.05 14.45
CA SER A 874 18.49 -44.31 14.43
C SER A 874 19.16 -44.39 13.07
N SER A 875 20.12 -45.31 12.92
CA SER A 875 20.94 -45.38 11.72
C SER A 875 20.22 -46.06 10.56
N MET A 876 19.33 -45.33 9.88
CA MET A 876 18.65 -45.85 8.71
C MET A 876 19.29 -45.39 7.40
N ALA A 877 20.40 -44.65 7.46
CA ALA A 877 21.06 -44.13 6.28
C ALA A 877 21.75 -45.22 5.46
N ALA A 878 21.89 -46.42 5.99
CA ALA A 878 22.46 -47.55 5.27
C ALA A 878 21.39 -48.50 4.75
N ILE A 879 20.18 -47.97 4.54
CA ILE A 879 19.04 -48.79 4.14
C ILE A 879 18.60 -48.38 2.74
N ARG A 880 18.73 -47.10 2.43
CA ARG A 880 18.21 -46.49 1.21
C ARG A 880 18.57 -47.24 -0.07
N PRO A 881 19.85 -47.67 -0.27
CA PRO A 881 20.17 -48.39 -1.51
C PRO A 881 19.73 -49.85 -1.47
N HIS A 882 19.03 -50.25 -0.39
CA HIS A 882 18.65 -51.65 -0.25
C HIS A 882 17.14 -51.86 -0.19
N LEU A 883 16.32 -50.91 -0.65
CA LEU A 883 14.88 -51.01 -0.47
C LEU A 883 14.15 -50.57 -1.73
N GLY A 884 12.94 -51.11 -1.88
CA GLY A 884 12.02 -50.70 -2.93
C GLY A 884 10.61 -50.69 -2.40
N VAL A 885 9.85 -49.62 -2.69
CA VAL A 885 8.56 -49.38 -2.07
C VAL A 885 7.46 -49.45 -3.11
N CYS A 886 6.25 -49.78 -2.67
CA CYS A 886 5.07 -49.82 -3.53
C CYS A 886 3.84 -49.51 -2.68
N PRO A 887 3.43 -48.26 -2.60
CA PRO A 887 2.28 -47.90 -1.76
C PRO A 887 0.98 -48.47 -2.30
N GLN A 888 0.02 -48.69 -1.39
CA GLN A 888 -1.28 -49.19 -1.79
C GLN A 888 -1.99 -48.19 -2.71
N TYR A 889 -1.94 -46.91 -2.36
CA TYR A 889 -2.51 -45.86 -3.20
C TYR A 889 -1.37 -45.23 -4.00
N ASN A 890 -1.48 -45.29 -5.32
CA ASN A 890 -0.37 -44.91 -6.19
C ASN A 890 -0.06 -43.42 -6.08
N VAL A 891 1.23 -43.11 -6.04
CA VAL A 891 1.72 -41.74 -6.04
C VAL A 891 2.65 -41.57 -7.25
N LEU A 892 2.29 -40.65 -8.14
CA LEU A 892 3.00 -40.50 -9.41
C LEU A 892 2.98 -39.04 -9.83
N PHE A 893 3.89 -38.70 -10.73
CA PHE A 893 3.91 -37.36 -11.32
C PHE A 893 2.89 -37.26 -12.44
N ASP A 894 2.09 -36.20 -12.42
CA ASP A 894 1.01 -36.09 -13.39
C ASP A 894 1.53 -35.86 -14.80
N MET A 895 2.49 -34.94 -14.96
CA MET A 895 2.91 -34.55 -16.30
C MET A 895 3.82 -35.59 -16.96
N LEU A 896 4.69 -36.22 -16.19
CA LEU A 896 5.65 -37.14 -16.76
C LEU A 896 4.96 -38.40 -17.30
N THR A 897 5.50 -38.93 -18.38
CA THR A 897 4.96 -40.14 -19.02
C THR A 897 5.58 -41.38 -18.39
N VAL A 898 5.23 -42.54 -18.95
CA VAL A 898 5.72 -43.80 -18.41
C VAL A 898 7.22 -43.94 -18.68
N ASP A 899 7.65 -43.64 -19.90
CA ASP A 899 9.06 -43.77 -20.26
C ASP A 899 9.92 -42.86 -19.39
N GLU A 900 9.49 -41.61 -19.21
CA GLU A 900 10.24 -40.69 -18.36
C GLU A 900 10.26 -41.16 -16.91
N HIS A 901 9.13 -41.69 -16.42
CA HIS A 901 9.08 -42.23 -15.07
C HIS A 901 10.13 -43.31 -14.88
N VAL A 902 10.13 -44.31 -15.77
CA VAL A 902 11.05 -45.43 -15.62
C VAL A 902 12.49 -44.97 -15.75
N TRP A 903 12.78 -44.08 -16.71
CA TRP A 903 14.14 -43.60 -16.88
C TRP A 903 14.62 -42.85 -15.66
N PHE A 904 13.78 -41.97 -15.11
CA PHE A 904 14.15 -41.18 -13.95
C PHE A 904 14.43 -42.09 -12.75
N TYR A 905 13.52 -43.03 -12.48
CA TYR A 905 13.71 -43.88 -11.31
C TYR A 905 14.88 -44.82 -11.48
N GLY A 906 15.12 -45.29 -12.71
CA GLY A 906 16.27 -46.15 -12.95
C GLY A 906 17.58 -45.42 -12.76
N ARG A 907 17.68 -44.20 -13.29
CA ARG A 907 18.90 -43.42 -13.09
C ARG A 907 19.11 -43.09 -11.61
N LEU A 908 18.04 -42.75 -10.90
CA LEU A 908 18.17 -42.44 -9.48
C LEU A 908 18.54 -43.67 -8.66
N LYS A 909 18.10 -44.86 -9.09
CA LYS A 909 18.37 -46.07 -8.32
C LYS A 909 19.86 -46.37 -8.26
N GLY A 910 20.58 -46.16 -9.36
CA GLY A 910 22.01 -46.41 -9.37
C GLY A 910 22.51 -47.08 -10.64
N LEU A 911 21.62 -47.30 -11.59
CA LEU A 911 22.02 -47.86 -12.88
C LEU A 911 22.86 -46.86 -13.65
N SER A 912 23.84 -47.37 -14.39
CA SER A 912 24.68 -46.51 -15.22
C SER A 912 23.90 -46.01 -16.43
N ALA A 913 24.44 -44.97 -17.06
CA ALA A 913 23.81 -44.40 -18.24
C ALA A 913 23.85 -45.33 -19.45
N ALA A 914 24.67 -46.38 -19.41
CA ALA A 914 24.76 -47.31 -20.53
C ALA A 914 23.68 -48.37 -20.47
N VAL A 915 23.50 -49.01 -19.31
CA VAL A 915 22.47 -50.04 -19.17
C VAL A 915 21.17 -49.38 -18.72
N VAL A 916 20.42 -48.82 -19.66
CA VAL A 916 19.12 -48.24 -19.38
C VAL A 916 18.10 -48.80 -20.36
N GLY A 917 18.36 -48.65 -21.65
CA GLY A 917 17.46 -49.05 -22.69
C GLY A 917 16.97 -50.48 -22.59
N PRO A 918 17.89 -51.45 -22.61
CA PRO A 918 17.46 -52.85 -22.51
C PRO A 918 16.64 -53.16 -21.27
N GLU A 919 17.07 -52.68 -20.10
CA GLU A 919 16.36 -52.99 -18.86
C GLU A 919 14.97 -52.36 -18.85
N GLN A 920 14.89 -51.09 -19.21
CA GLN A 920 13.60 -50.40 -19.22
C GLN A 920 12.65 -51.06 -20.20
N ASP A 921 13.13 -51.35 -21.42
CA ASP A 921 12.27 -51.99 -22.40
C ASP A 921 11.84 -53.38 -21.96
N ARG A 922 12.75 -54.14 -21.34
CA ARG A 922 12.41 -55.47 -20.86
C ARG A 922 11.30 -55.41 -19.82
N LEU A 923 11.45 -54.53 -18.83
CA LEU A 923 10.43 -54.42 -17.79
C LEU A 923 9.11 -53.92 -18.37
N LEU A 924 9.16 -52.94 -19.26
CA LEU A 924 7.94 -52.37 -19.81
C LEU A 924 7.19 -53.37 -20.68
N GLN A 925 7.93 -54.26 -21.35
CA GLN A 925 7.28 -55.32 -22.12
C GLN A 925 6.74 -56.41 -21.20
N ASP A 926 7.47 -56.74 -20.14
CA ASP A 926 7.03 -57.80 -19.23
C ASP A 926 5.74 -57.41 -18.51
N VAL A 927 5.66 -56.14 -18.08
CA VAL A 927 4.45 -55.70 -17.38
C VAL A 927 3.25 -55.71 -18.31
N GLY A 928 3.40 -55.17 -19.51
CA GLY A 928 2.32 -55.15 -20.47
C GLY A 928 1.91 -53.76 -20.90
N LEU A 929 2.70 -52.76 -20.51
CA LEU A 929 2.42 -51.36 -20.84
C LEU A 929 3.16 -50.90 -22.09
N VAL A 930 3.86 -51.80 -22.78
CA VAL A 930 4.65 -51.42 -23.94
C VAL A 930 3.83 -50.84 -25.07
N SER A 931 2.51 -51.08 -25.08
CA SER A 931 1.66 -50.52 -26.11
C SER A 931 1.51 -49.00 -26.00
N LYS A 932 1.79 -48.44 -24.82
CA LYS A 932 1.68 -47.01 -24.59
C LYS A 932 2.95 -46.49 -23.95
N GLN A 933 3.63 -45.57 -24.63
CA GLN A 933 4.88 -45.00 -24.15
C GLN A 933 4.95 -43.49 -24.26
N SER A 934 3.96 -42.84 -24.88
CA SER A 934 3.96 -41.39 -25.04
C SER A 934 2.66 -40.79 -24.53
N VAL A 935 2.23 -41.25 -23.35
CA VAL A 935 1.01 -40.76 -22.72
C VAL A 935 1.31 -40.44 -21.25
N GLN A 936 0.82 -39.30 -20.79
CA GLN A 936 1.06 -38.88 -19.41
C GLN A 936 0.17 -39.66 -18.45
N THR A 937 0.64 -39.78 -17.20
CA THR A 937 -0.01 -40.66 -16.24
C THR A 937 -1.38 -40.17 -15.81
N ARG A 938 -1.75 -38.93 -16.13
CA ARG A 938 -3.08 -38.48 -15.77
C ARG A 938 -4.15 -38.98 -16.73
N HIS A 939 -3.76 -39.64 -17.82
CA HIS A 939 -4.69 -40.22 -18.78
C HIS A 939 -4.79 -41.74 -18.67
N LEU A 940 -4.34 -42.32 -17.56
CA LEU A 940 -4.33 -43.76 -17.38
C LEU A 940 -5.34 -44.17 -16.31
N SER A 941 -5.98 -45.31 -16.51
CA SER A 941 -6.99 -45.81 -15.59
C SER A 941 -6.30 -46.50 -14.41
N GLY A 942 -7.10 -47.15 -13.56
CA GLY A 942 -6.55 -47.74 -12.34
C GLY A 942 -5.58 -48.88 -12.61
N GLY A 943 -5.94 -49.78 -13.52
CA GLY A 943 -5.10 -50.94 -13.77
C GLY A 943 -3.74 -50.57 -14.33
N MET A 944 -3.73 -49.67 -15.32
CA MET A 944 -2.46 -49.26 -15.91
C MET A 944 -1.59 -48.53 -14.91
N GLN A 945 -2.19 -47.69 -14.06
CA GLN A 945 -1.42 -47.01 -13.03
C GLN A 945 -0.85 -48.00 -12.02
N ARG A 946 -1.62 -49.01 -11.64
CA ARG A 946 -1.13 -50.02 -10.72
C ARG A 946 0.03 -50.81 -11.33
N LYS A 947 -0.09 -51.17 -12.60
CA LYS A 947 0.99 -51.88 -13.28
C LYS A 947 2.23 -51.01 -13.37
N LEU A 948 2.06 -49.72 -13.65
CA LEU A 948 3.21 -48.82 -13.68
C LEU A 948 3.87 -48.71 -12.31
N SER A 949 3.06 -48.68 -11.24
CA SER A 949 3.62 -48.60 -9.90
C SER A 949 4.43 -49.84 -9.55
N VAL A 950 3.91 -51.03 -9.88
CA VAL A 950 4.68 -52.24 -9.57
C VAL A 950 5.93 -52.31 -10.44
N ALA A 951 5.85 -51.87 -11.70
CA ALA A 951 7.04 -51.82 -12.54
C ALA A 951 8.10 -50.90 -11.94
N ILE A 952 7.69 -49.71 -11.48
CA ILE A 952 8.63 -48.78 -10.86
C ILE A 952 9.24 -49.40 -9.62
N ALA A 953 8.44 -50.15 -8.86
CA ALA A 953 8.98 -50.86 -7.71
C ALA A 953 10.04 -51.86 -8.13
N PHE A 954 9.88 -52.49 -9.30
CA PHE A 954 10.82 -53.50 -9.74
C PHE A 954 11.99 -52.94 -10.56
N VAL A 955 12.01 -51.65 -10.89
CA VAL A 955 13.12 -51.10 -11.66
C VAL A 955 14.40 -51.15 -10.83
N GLY A 956 15.51 -51.52 -11.48
CA GLY A 956 16.80 -51.53 -10.83
C GLY A 956 17.01 -52.73 -9.94
N GLY A 957 18.21 -52.81 -9.38
CA GLY A 957 18.56 -53.91 -8.50
C GLY A 957 18.18 -53.64 -7.06
N SER A 958 17.06 -54.21 -6.63
CA SER A 958 16.54 -54.03 -5.28
C SER A 958 16.83 -55.28 -4.47
N GLN A 959 17.56 -55.13 -3.37
CA GLN A 959 17.88 -56.30 -2.54
C GLN A 959 16.66 -56.79 -1.78
N VAL A 960 15.87 -55.87 -1.23
CA VAL A 960 14.63 -56.20 -0.55
C VAL A 960 13.55 -55.24 -1.03
N VAL A 961 12.44 -55.80 -1.52
CA VAL A 961 11.33 -55.01 -2.04
C VAL A 961 10.05 -55.47 -1.37
N ILE A 962 9.19 -54.51 -1.01
CA ILE A 962 7.92 -54.79 -0.36
C ILE A 962 6.80 -54.48 -1.33
N LEU A 963 5.94 -55.46 -1.56
CA LEU A 963 4.79 -55.31 -2.44
C LEU A 963 3.52 -55.30 -1.61
N ASP A 964 2.69 -54.28 -1.82
CA ASP A 964 1.45 -54.09 -1.07
C ASP A 964 0.33 -53.88 -2.06
N GLN A 965 -0.59 -54.84 -2.14
CA GLN A 965 -1.65 -54.85 -3.15
C GLN A 965 -1.07 -54.73 -4.56
N PRO A 966 -0.29 -55.72 -5.01
CA PRO A 966 0.28 -55.62 -6.36
C PRO A 966 -0.76 -55.59 -7.46
N THR A 967 -1.88 -56.28 -7.27
CA THR A 967 -2.93 -56.35 -8.28
C THR A 967 -4.27 -56.01 -7.66
N ALA A 968 -5.00 -55.11 -8.31
CA ALA A 968 -6.33 -54.71 -7.86
C ALA A 968 -7.03 -54.04 -9.04
N GLY A 969 -8.17 -54.58 -9.43
CA GLY A 969 -8.80 -54.11 -10.66
C GLY A 969 -7.98 -54.45 -11.89
N VAL A 970 -7.31 -55.60 -11.88
CA VAL A 970 -6.45 -56.04 -12.97
C VAL A 970 -6.94 -57.40 -13.45
N ASP A 971 -7.20 -57.51 -14.75
CA ASP A 971 -7.65 -58.75 -15.33
C ASP A 971 -6.54 -59.80 -15.26
N PRO A 972 -6.90 -61.08 -15.27
CA PRO A 972 -5.88 -62.13 -15.12
C PRO A 972 -4.82 -62.13 -16.21
N ALA A 973 -5.12 -61.57 -17.38
CA ALA A 973 -4.14 -61.56 -18.48
C ALA A 973 -2.86 -60.84 -18.06
N SER A 974 -2.99 -59.68 -17.43
CA SER A 974 -1.84 -58.99 -16.87
C SER A 974 -1.35 -59.65 -15.58
N ARG A 975 -2.22 -60.36 -14.88
CA ARG A 975 -1.78 -61.10 -13.71
C ARG A 975 -0.76 -62.17 -14.09
N ARG A 976 -0.87 -62.74 -15.29
CA ARG A 976 0.13 -63.71 -15.75
C ARG A 976 1.51 -63.06 -15.88
N GLY A 977 1.56 -61.86 -16.47
CA GLY A 977 2.81 -61.13 -16.52
C GLY A 977 3.34 -60.81 -15.14
N ILE A 978 2.44 -60.49 -14.21
CA ILE A 978 2.86 -60.29 -12.83
C ILE A 978 3.48 -61.57 -12.27
N TRP A 979 2.87 -62.73 -12.57
CA TRP A 979 3.39 -63.98 -12.02
C TRP A 979 4.80 -64.24 -12.55
N GLU A 980 4.99 -64.04 -13.85
CA GLU A 980 6.31 -64.31 -14.43
C GLU A 980 7.34 -63.31 -13.93
N LEU A 981 6.94 -62.04 -13.71
CA LEU A 981 7.86 -61.08 -13.14
C LEU A 981 8.27 -61.46 -11.72
N LEU A 982 7.32 -61.92 -10.91
CA LEU A 982 7.64 -62.32 -9.54
C LEU A 982 8.54 -63.56 -9.53
N LEU A 983 8.28 -64.51 -10.43
CA LEU A 983 9.11 -65.71 -10.48
C LEU A 983 10.51 -65.42 -10.99
N LYS A 984 10.65 -64.48 -11.93
CA LYS A 984 11.94 -64.20 -12.55
C LYS A 984 12.93 -63.54 -11.59
N TYR A 985 12.46 -63.03 -10.45
CA TYR A 985 13.31 -62.27 -9.53
C TYR A 985 13.22 -62.82 -8.11
N ARG A 986 13.06 -64.14 -7.97
CA ARG A 986 12.83 -64.75 -6.67
C ARG A 986 14.07 -65.40 -6.08
N GLU A 987 15.24 -65.21 -6.69
CA GLU A 987 16.41 -65.98 -6.27
C GLU A 987 16.93 -65.49 -4.91
N GLY A 988 17.04 -64.18 -4.72
CA GLY A 988 17.59 -63.65 -3.49
C GLY A 988 17.01 -62.32 -3.03
N ARG A 989 15.96 -61.85 -3.70
CA ARG A 989 15.50 -60.49 -3.50
C ARG A 989 14.44 -60.36 -2.39
N THR A 990 14.06 -61.46 -1.75
CA THR A 990 13.18 -61.45 -0.58
C THR A 990 11.87 -60.72 -0.90
N LEU A 991 11.12 -61.31 -1.83
CA LEU A 991 9.83 -60.75 -2.22
C LEU A 991 8.82 -60.92 -1.10
N ILE A 992 8.11 -59.84 -0.79
CA ILE A 992 7.09 -59.82 0.25
C ILE A 992 5.76 -59.42 -0.38
N LEU A 993 4.71 -60.18 -0.10
CA LEU A 993 3.43 -60.01 -0.77
C LEU A 993 2.32 -59.87 0.26
N SER A 994 1.21 -59.26 -0.15
CA SER A 994 0.04 -59.11 0.70
C SER A 994 -1.18 -58.88 -0.18
N THR A 995 -2.08 -59.85 -0.22
CA THR A 995 -3.28 -59.74 -1.04
C THR A 995 -4.40 -60.54 -0.41
N HIS A 996 -5.63 -60.20 -0.80
CA HIS A 996 -6.82 -60.89 -0.30
C HIS A 996 -7.17 -62.13 -1.12
N HIS A 997 -6.55 -62.31 -2.28
CA HIS A 997 -6.86 -63.46 -3.14
C HIS A 997 -6.08 -64.67 -2.64
N LEU A 998 -6.80 -65.72 -2.24
CA LEU A 998 -6.17 -66.89 -1.65
C LEU A 998 -5.45 -67.73 -2.69
N ASP A 999 -5.94 -67.75 -3.93
CA ASP A 999 -5.30 -68.55 -4.97
C ASP A 999 -3.87 -68.07 -5.22
N GLU A 1000 -3.67 -66.76 -5.26
CA GLU A 1000 -2.31 -66.23 -5.42
C GLU A 1000 -1.44 -66.62 -4.25
N ALA A 1001 -1.98 -66.55 -3.03
CA ALA A 1001 -1.19 -66.89 -1.85
C ALA A 1001 -0.75 -68.35 -1.87
N GLU A 1002 -1.65 -69.25 -2.28
CA GLU A 1002 -1.27 -70.66 -2.34
C GLU A 1002 -0.38 -70.96 -3.54
N LEU A 1003 -0.51 -70.20 -4.63
CA LEU A 1003 0.29 -70.46 -5.82
C LEU A 1003 1.73 -70.00 -5.64
N LEU A 1004 1.94 -68.85 -4.99
CA LEU A 1004 3.28 -68.32 -4.83
C LEU A 1004 3.85 -68.52 -3.43
N GLY A 1005 3.03 -68.35 -2.40
CA GLY A 1005 3.54 -68.30 -1.04
C GLY A 1005 4.26 -69.55 -0.59
N ASP A 1006 5.58 -69.46 -0.48
CA ASP A 1006 6.35 -70.55 0.10
C ASP A 1006 6.13 -70.64 1.61
N ARG A 1007 5.77 -69.53 2.24
CA ARG A 1007 5.39 -69.52 3.65
C ARG A 1007 4.33 -68.46 3.85
N VAL A 1008 3.20 -68.84 4.43
CA VAL A 1008 2.06 -67.97 4.63
C VAL A 1008 1.98 -67.63 6.12
N ALA A 1009 1.84 -66.34 6.43
CA ALA A 1009 1.63 -65.86 7.78
C ALA A 1009 0.33 -65.06 7.81
N VAL A 1010 -0.53 -65.36 8.78
CA VAL A 1010 -1.83 -64.70 8.90
C VAL A 1010 -1.83 -63.87 10.18
N VAL A 1011 -2.33 -62.64 10.07
CA VAL A 1011 -2.42 -61.72 11.20
C VAL A 1011 -3.86 -61.26 11.33
N ALA A 1012 -4.38 -61.26 12.56
CA ALA A 1012 -5.75 -60.86 12.82
C ALA A 1012 -5.81 -60.10 14.14
N GLY A 1013 -6.45 -58.94 14.12
CA GLY A 1013 -6.58 -58.15 15.33
C GLY A 1013 -5.26 -57.68 15.91
N GLY A 1014 -4.30 -57.38 15.05
CA GLY A 1014 -3.00 -56.92 15.52
C GLY A 1014 -2.13 -57.98 16.14
N ARG A 1015 -2.48 -59.25 15.98
CA ARG A 1015 -1.72 -60.35 16.56
C ARG A 1015 -1.46 -61.41 15.50
N LEU A 1016 -0.26 -61.99 15.54
CA LEU A 1016 0.13 -63.03 14.58
C LEU A 1016 -0.58 -64.33 14.94
N CYS A 1017 -1.61 -64.68 14.17
CA CYS A 1017 -2.37 -65.88 14.46
C CYS A 1017 -1.53 -67.14 14.27
N CYS A 1018 -0.89 -67.27 13.11
CA CYS A 1018 -0.05 -68.43 12.82
C CYS A 1018 0.71 -68.18 11.52
N CYS A 1019 1.92 -68.73 11.46
CA CYS A 1019 2.77 -68.65 10.28
C CYS A 1019 3.39 -70.01 10.01
N GLY A 1020 3.52 -70.36 8.73
CA GLY A 1020 4.14 -71.62 8.38
C GLY A 1020 3.96 -71.93 6.91
N SER A 1021 4.43 -73.12 6.54
CA SER A 1021 4.35 -73.56 5.17
C SER A 1021 2.89 -73.79 4.77
N PRO A 1022 2.55 -73.59 3.50
CA PRO A 1022 1.17 -73.85 3.07
C PRO A 1022 0.72 -75.28 3.31
N LEU A 1023 1.62 -76.25 3.18
CA LEU A 1023 1.26 -77.63 3.50
C LEU A 1023 0.99 -77.80 4.99
N PHE A 1024 1.69 -77.04 5.84
CA PHE A 1024 1.43 -77.10 7.27
C PHE A 1024 0.01 -76.65 7.60
N LEU A 1025 -0.44 -75.56 6.97
CA LEU A 1025 -1.79 -75.06 7.22
C LEU A 1025 -2.86 -75.89 6.52
N ARG A 1026 -2.50 -76.54 5.40
CA ARG A 1026 -3.50 -77.30 4.64
C ARG A 1026 -4.06 -78.45 5.46
N ARG A 1027 -3.20 -79.17 6.18
CA ARG A 1027 -3.64 -80.31 6.96
C ARG A 1027 -4.37 -79.85 8.22
N LEU A 1139 -8.03 -73.24 0.61
CA LEU A 1139 -7.33 -72.27 1.44
C LEU A 1139 -8.28 -71.16 1.88
N GLU A 1140 -9.22 -70.81 1.01
CA GLU A 1140 -10.21 -69.78 1.35
C GLU A 1140 -11.07 -70.22 2.51
N GLU A 1141 -11.51 -71.49 2.51
CA GLU A 1141 -12.39 -71.97 3.57
C GLU A 1141 -11.70 -71.97 4.92
N ILE A 1142 -10.45 -72.45 4.98
CA ILE A 1142 -9.74 -72.51 6.25
C ILE A 1142 -9.41 -71.11 6.75
N PHE A 1143 -9.06 -70.19 5.83
CA PHE A 1143 -8.82 -68.82 6.24
C PHE A 1143 -10.07 -68.15 6.79
N LEU A 1144 -11.22 -68.40 6.13
CA LEU A 1144 -12.47 -67.86 6.63
C LEU A 1144 -12.81 -68.44 7.99
N LYS A 1145 -12.56 -69.74 8.18
CA LYS A 1145 -12.80 -70.36 9.49
C LYS A 1145 -11.90 -69.74 10.56
N VAL A 1146 -10.63 -69.49 10.23
CA VAL A 1146 -9.72 -68.87 11.19
C VAL A 1146 -10.18 -67.47 11.54
N VAL A 1147 -10.63 -66.70 10.54
CA VAL A 1147 -11.12 -65.34 10.80
C VAL A 1147 -12.36 -65.40 11.68
N GLU A 1148 -13.27 -66.34 11.41
CA GLU A 1148 -14.46 -66.48 12.22
C GLU A 1148 -14.11 -66.85 13.66
N GLU A 1149 -13.13 -67.73 13.83
CA GLU A 1149 -12.67 -68.08 15.18
C GLU A 1149 -12.10 -66.86 15.89
N CYS A 1150 -11.30 -66.05 15.19
CA CYS A 1150 -10.79 -64.82 15.77
C CYS A 1150 -11.91 -63.83 16.05
N ALA A 1151 -12.85 -63.69 15.12
CA ALA A 1151 -13.97 -62.77 15.28
C ALA A 1151 -15.18 -63.49 15.85
N GLY A 1209 -44.77 -43.56 4.08
CA GLY A 1209 -44.96 -42.37 3.29
C GLY A 1209 -43.71 -41.51 3.19
N ARG A 1210 -43.75 -40.53 2.29
CA ARG A 1210 -42.64 -39.62 2.08
C ARG A 1210 -43.10 -38.17 2.29
N VAL A 1211 -42.25 -37.38 2.94
CA VAL A 1211 -42.59 -35.98 3.19
C VAL A 1211 -42.46 -35.20 1.89
N GLN A 1212 -43.59 -34.73 1.38
CA GLN A 1212 -43.64 -34.01 0.10
C GLN A 1212 -44.32 -32.67 0.30
N GLY A 1213 -43.74 -31.64 -0.29
CA GLY A 1213 -44.27 -30.29 -0.22
C GLY A 1213 -43.24 -29.32 0.33
N TRP A 1214 -43.70 -28.10 0.59
CA TRP A 1214 -42.81 -27.06 1.10
C TRP A 1214 -42.14 -27.49 2.40
N ALA A 1215 -42.81 -28.31 3.20
CA ALA A 1215 -42.21 -28.80 4.44
C ALA A 1215 -40.89 -29.51 4.18
N LEU A 1216 -40.81 -30.26 3.06
CA LEU A 1216 -39.56 -30.92 2.72
C LEU A 1216 -38.44 -29.91 2.53
N THR A 1217 -38.74 -28.77 1.90
CA THR A 1217 -37.74 -27.73 1.75
C THR A 1217 -37.22 -27.25 3.10
N ARG A 1218 -38.07 -27.27 4.13
CA ARG A 1218 -37.61 -26.90 5.46
C ARG A 1218 -36.69 -27.97 6.03
N GLN A 1219 -36.97 -29.25 5.73
CA GLN A 1219 -36.15 -30.32 6.27
C GLN A 1219 -34.77 -30.35 5.64
N GLN A 1220 -34.71 -30.27 4.31
CA GLN A 1220 -33.45 -30.44 3.60
C GLN A 1220 -32.39 -29.46 4.11
N LEU A 1221 -32.74 -28.18 4.19
CA LEU A 1221 -31.80 -27.19 4.71
C LEU A 1221 -31.35 -27.56 6.11
N GLN A 1222 -32.29 -27.95 6.98
CA GLN A 1222 -31.93 -28.31 8.34
C GLN A 1222 -30.91 -29.43 8.37
N ALA A 1223 -30.90 -30.28 7.34
CA ALA A 1223 -29.84 -31.27 7.22
C ALA A 1223 -28.56 -30.64 6.69
N LEU A 1224 -28.66 -29.94 5.55
CA LEU A 1224 -27.47 -29.47 4.85
C LEU A 1224 -26.60 -28.60 5.75
N LEU A 1225 -27.20 -27.56 6.34
CA LEU A 1225 -26.45 -26.69 7.24
C LEU A 1225 -25.82 -27.49 8.36
N LEU A 1226 -26.56 -28.46 8.92
CA LEU A 1226 -26.02 -29.31 9.97
C LEU A 1226 -24.70 -29.93 9.53
N LYS A 1227 -24.67 -30.45 8.29
CA LYS A 1227 -23.44 -31.01 7.76
C LYS A 1227 -22.30 -30.01 7.87
N ARG A 1228 -22.51 -28.80 7.35
CA ARG A 1228 -21.48 -27.78 7.43
C ARG A 1228 -21.05 -27.57 8.88
N PHE A 1229 -22.02 -27.48 9.79
CA PHE A 1229 -21.69 -27.26 11.20
C PHE A 1229 -20.79 -28.37 11.70
N LEU A 1230 -21.10 -29.62 11.35
CA LEU A 1230 -20.25 -30.71 11.78
C LEU A 1230 -18.85 -30.58 11.18
N LEU A 1231 -18.77 -30.19 9.91
CA LEU A 1231 -17.47 -29.99 9.28
C LEU A 1231 -16.72 -28.82 9.91
N ALA A 1232 -17.41 -27.97 10.66
CA ALA A 1232 -16.75 -26.89 11.37
C ALA A 1232 -16.37 -27.26 12.80
N ARG A 1233 -16.93 -28.35 13.34
CA ARG A 1233 -16.65 -28.71 14.71
C ARG A 1233 -15.35 -29.52 14.84
N ARG A 1234 -15.06 -30.36 13.86
CA ARG A 1234 -13.90 -31.24 13.97
C ARG A 1234 -12.59 -30.47 13.75
N SER A 1235 -12.57 -29.56 12.78
CA SER A 1235 -11.36 -28.81 12.43
C SER A 1235 -11.56 -27.36 12.88
N ARG A 1236 -11.18 -27.07 14.12
CA ARG A 1236 -11.30 -25.72 14.65
C ARG A 1236 -10.07 -24.86 14.34
N ARG A 1237 -8.90 -25.48 14.17
CA ARG A 1237 -7.70 -24.72 13.84
C ARG A 1237 -7.85 -24.04 12.48
N GLY A 1238 -8.44 -24.74 11.52
CA GLY A 1238 -8.65 -24.14 10.21
C GLY A 1238 -9.51 -22.90 10.28
N LEU A 1239 -10.63 -22.98 11.00
CA LEU A 1239 -11.49 -21.80 11.15
C LEU A 1239 -10.75 -20.70 11.89
N PHE A 1240 -10.00 -21.05 12.93
CA PHE A 1240 -9.27 -20.05 13.71
C PHE A 1240 -8.27 -19.31 12.83
N ALA A 1241 -7.59 -20.01 11.94
CA ALA A 1241 -6.61 -19.38 11.07
C ALA A 1241 -7.23 -18.76 9.82
N GLN A 1242 -8.49 -19.04 9.52
CA GLN A 1242 -9.09 -18.51 8.30
C GLN A 1242 -10.04 -17.34 8.52
N ILE A 1243 -10.74 -17.27 9.65
CA ILE A 1243 -11.74 -16.23 9.84
C ILE A 1243 -11.51 -15.42 11.11
N VAL A 1244 -10.37 -15.60 11.78
CA VAL A 1244 -10.03 -14.84 12.98
C VAL A 1244 -8.70 -14.12 12.83
N LEU A 1245 -7.67 -14.83 12.34
CA LEU A 1245 -6.34 -14.24 12.25
C LEU A 1245 -6.29 -12.97 11.41
N PRO A 1246 -6.96 -12.87 10.25
CA PRO A 1246 -6.93 -11.58 9.52
C PRO A 1246 -7.46 -10.41 10.33
N ALA A 1247 -8.43 -10.64 11.22
CA ALA A 1247 -8.91 -9.56 12.07
C ALA A 1247 -7.83 -9.10 13.04
N LEU A 1248 -7.11 -10.04 13.66
CA LEU A 1248 -6.04 -9.70 14.59
C LEU A 1248 -4.84 -9.07 13.89
N PHE A 1249 -4.67 -9.33 12.60
CA PHE A 1249 -3.60 -8.67 11.86
C PHE A 1249 -3.79 -7.16 11.83
N VAL A 1250 -5.04 -6.71 11.70
CA VAL A 1250 -5.32 -5.28 11.70
C VAL A 1250 -4.98 -4.68 13.07
N GLY A 1251 -5.33 -5.38 14.14
CA GLY A 1251 -4.97 -4.90 15.46
C GLY A 1251 -3.47 -4.79 15.66
N LEU A 1252 -2.73 -5.79 15.17
CA LEU A 1252 -1.27 -5.71 15.24
C LEU A 1252 -0.74 -4.54 14.43
N ALA A 1253 -1.33 -4.28 13.26
CA ALA A 1253 -0.92 -3.14 12.45
C ALA A 1253 -1.14 -1.83 13.19
N LEU A 1254 -2.30 -1.68 13.83
CA LEU A 1254 -2.55 -0.46 14.60
C LEU A 1254 -1.59 -0.33 15.78
N VAL A 1255 -1.29 -1.43 16.46
CA VAL A 1255 -0.37 -1.37 17.59
C VAL A 1255 1.02 -0.92 17.13
N PHE A 1256 1.49 -1.49 16.02
CA PHE A 1256 2.82 -1.12 15.53
C PHE A 1256 2.86 0.24 14.85
N SER A 1257 1.71 0.76 14.41
CA SER A 1257 1.68 2.05 13.72
C SER A 1257 1.11 3.17 14.57
N LEU A 1258 0.83 2.92 15.85
CA LEU A 1258 0.31 3.95 16.75
C LEU A 1258 1.31 4.38 17.81
N ILE A 1259 2.46 3.73 17.90
CA ILE A 1259 3.47 4.10 18.89
C ILE A 1259 4.39 5.15 18.26
N VAL A 1260 4.32 6.38 18.76
CA VAL A 1260 5.11 7.48 18.25
C VAL A 1260 5.83 8.15 19.42
N PRO A 1261 6.96 8.81 19.20
CA PRO A 1261 7.67 9.45 20.31
C PRO A 1261 6.94 10.70 20.77
N PRO A 1262 6.79 10.87 22.08
CA PRO A 1262 6.13 12.10 22.58
C PRO A 1262 6.99 13.32 22.34
N PHE A 1263 6.31 14.45 22.16
CA PHE A 1263 6.96 15.73 21.97
C PHE A 1263 6.59 16.66 23.12
N GLY A 1264 7.53 17.53 23.51
CA GLY A 1264 7.30 18.43 24.62
C GLY A 1264 6.98 19.84 24.18
N HIS A 1265 7.97 20.73 24.25
CA HIS A 1265 7.80 22.12 23.89
C HIS A 1265 8.92 22.53 22.95
N TYR A 1266 8.61 23.48 22.07
CA TYR A 1266 9.62 24.01 21.15
C TYR A 1266 10.59 24.88 21.92
N PRO A 1267 11.89 24.59 21.88
CA PRO A 1267 12.83 25.35 22.71
C PRO A 1267 12.98 26.79 22.25
N ALA A 1268 13.32 27.65 23.19
CA ALA A 1268 13.60 29.05 22.90
C ALA A 1268 15.05 29.22 22.50
N LEU A 1269 15.28 30.07 21.49
CA LEU A 1269 16.61 30.33 20.97
C LEU A 1269 16.81 31.83 20.80
N ARG A 1270 18.04 32.28 20.98
CA ARG A 1270 18.39 33.67 20.77
C ARG A 1270 18.73 33.87 19.29
N LEU A 1271 18.05 34.82 18.65
CA LEU A 1271 18.14 34.98 17.21
C LEU A 1271 19.29 35.92 16.86
N SER A 1272 20.38 35.35 16.37
CA SER A 1272 21.54 36.09 15.87
C SER A 1272 22.22 35.21 14.84
N PRO A 1273 22.89 35.80 13.84
CA PRO A 1273 23.53 34.97 12.80
C PRO A 1273 24.71 34.16 13.30
N THR A 1274 25.17 34.39 14.54
CA THR A 1274 26.27 33.60 15.07
C THR A 1274 25.93 32.13 15.22
N MET A 1275 24.65 31.77 15.16
CA MET A 1275 24.25 30.37 15.25
C MET A 1275 24.43 29.62 13.94
N TYR A 1276 24.65 30.33 12.82
CA TYR A 1276 24.88 29.66 11.55
C TYR A 1276 26.33 29.18 11.43
N GLY A 1277 27.28 30.11 11.47
CA GLY A 1277 28.68 29.79 11.29
C GLY A 1277 29.32 30.78 10.35
N ALA A 1278 30.37 30.33 9.67
CA ALA A 1278 31.06 31.17 8.70
C ALA A 1278 30.16 31.46 7.51
N GLN A 1279 30.26 32.68 6.99
CA GLN A 1279 29.42 33.13 5.88
C GLN A 1279 30.09 34.35 5.26
N VAL A 1280 29.35 35.03 4.37
CA VAL A 1280 29.85 36.20 3.66
C VAL A 1280 28.81 37.31 3.76
N SER A 1281 29.27 38.51 4.10
CA SER A 1281 28.40 39.67 4.28
C SER A 1281 28.61 40.65 3.12
N PHE A 1282 27.95 41.81 3.23
CA PHE A 1282 28.01 42.85 2.23
C PHE A 1282 28.45 44.16 2.86
N PHE A 1283 28.76 45.14 2.01
CA PHE A 1283 29.24 46.44 2.48
C PHE A 1283 28.71 47.60 1.63
N SER A 1284 27.82 47.36 0.68
CA SER A 1284 27.49 48.36 -0.33
C SER A 1284 27.06 49.67 0.30
N GLU A 1285 27.58 50.77 -0.24
CA GLU A 1285 27.36 52.10 0.31
C GLU A 1285 27.10 53.07 -0.83
N ASP A 1286 26.38 54.15 -0.51
CA ASP A 1286 26.08 55.19 -1.48
C ASP A 1286 26.05 56.54 -0.78
N ALA A 1287 26.39 57.59 -1.54
CA ALA A 1287 26.44 58.97 -1.05
C ALA A 1287 27.26 59.06 0.23
N PRO A 1288 28.59 58.92 0.15
CA PRO A 1288 29.41 58.90 1.37
C PRO A 1288 29.65 60.27 1.98
N GLY A 1289 29.20 61.35 1.34
CA GLY A 1289 29.50 62.68 1.83
C GLY A 1289 28.67 63.13 3.01
N ASP A 1290 28.58 62.29 4.04
CA ASP A 1290 27.87 62.63 5.27
C ASP A 1290 28.53 61.93 6.45
N PRO A 1291 28.62 62.60 7.61
CA PRO A 1291 29.32 61.99 8.76
C PRO A 1291 28.48 60.95 9.49
N GLY A 1292 27.17 61.18 9.57
CA GLY A 1292 26.31 60.23 10.27
C GLY A 1292 26.29 58.87 9.60
N ARG A 1293 26.24 58.85 8.26
CA ARG A 1293 26.26 57.58 7.54
C ARG A 1293 27.59 56.85 7.77
N ALA A 1294 28.69 57.58 7.78
CA ALA A 1294 29.98 56.97 8.07
C ALA A 1294 30.02 56.40 9.48
N ARG A 1295 29.46 57.13 10.45
CA ARG A 1295 29.42 56.62 11.81
C ARG A 1295 28.58 55.35 11.91
N LEU A 1296 27.43 55.33 11.25
CA LEU A 1296 26.59 54.13 11.25
C LEU A 1296 27.30 52.96 10.59
N LEU A 1297 28.00 53.22 9.48
CA LEU A 1297 28.70 52.15 8.79
C LEU A 1297 29.83 51.58 9.63
N GLU A 1298 30.60 52.46 10.29
CA GLU A 1298 31.67 51.96 11.15
C GLU A 1298 31.10 51.22 12.36
N ALA A 1299 29.92 51.63 12.84
CA ALA A 1299 29.25 50.86 13.88
C ALA A 1299 28.89 49.47 13.39
N LEU A 1300 28.39 49.37 12.16
CA LEU A 1300 28.11 48.06 11.58
C LEU A 1300 29.36 47.20 11.51
N LEU A 1301 30.48 47.80 11.06
CA LEU A 1301 31.73 47.05 10.98
C LEU A 1301 32.21 46.58 12.35
N GLN A 1302 32.16 47.45 13.36
CA GLN A 1302 32.57 47.04 14.70
C GLN A 1302 31.65 45.97 15.27
N GLU A 1303 30.35 46.02 14.94
CA GLU A 1303 29.45 44.98 15.38
C GLU A 1303 29.72 43.65 14.68
N ALA A 1304 30.12 43.70 13.40
CA ALA A 1304 30.38 42.48 12.66
C ALA A 1304 31.52 41.68 13.27
N GLY A 1305 32.48 42.34 13.91
CA GLY A 1305 33.58 41.65 14.54
C GLY A 1305 34.94 42.18 14.14
N LEU A 1306 35.01 42.78 12.95
CA LEU A 1306 36.26 43.35 12.45
C LEU A 1306 36.60 44.57 13.30
N GLU A 1307 37.61 44.44 14.17
CA GLU A 1307 37.98 45.53 15.06
C GLU A 1307 38.69 46.63 14.28
N GLU A 1308 38.80 47.78 14.92
CA GLU A 1308 39.45 48.94 14.31
C GLU A 1308 40.95 48.69 14.20
N PRO A 1309 41.53 48.72 13.00
CA PRO A 1309 42.97 48.52 12.89
C PRO A 1309 43.73 49.68 13.51
N PRO A 1310 44.96 49.46 13.98
CA PRO A 1310 45.73 50.55 14.59
C PRO A 1310 46.23 51.56 13.57
N VAL A 1311 47.05 52.51 14.03
CA VAL A 1311 47.51 53.59 13.15
C VAL A 1311 48.40 53.03 12.05
N GLN A 1312 49.18 51.99 12.35
CA GLN A 1312 50.06 51.41 11.34
C GLN A 1312 49.29 50.71 10.23
N HIS A 1313 48.03 50.38 10.47
CA HIS A 1313 47.17 49.74 9.47
C HIS A 1313 45.94 50.59 9.20
N SER A 1314 46.13 51.91 9.08
CA SER A 1314 45.01 52.81 8.81
C SER A 1314 44.37 52.50 7.46
N SER A 1315 45.20 52.27 6.43
CA SER A 1315 44.71 51.90 5.12
C SER A 1315 44.92 50.42 4.81
N HIS A 1316 45.58 49.68 5.70
CA HIS A 1316 45.82 48.25 5.49
C HIS A 1316 44.69 47.45 6.16
N ARG A 1317 43.51 47.56 5.56
CA ARG A 1317 42.33 46.87 6.05
C ARG A 1317 41.81 45.84 5.06
N PHE A 1318 41.58 46.23 3.81
CA PHE A 1318 41.01 45.36 2.80
C PHE A 1318 42.09 44.89 1.83
N SER A 1319 42.18 43.57 1.66
CA SER A 1319 43.19 42.96 0.79
C SER A 1319 42.51 42.44 -0.47
N ALA A 1320 42.66 43.18 -1.56
CA ALA A 1320 42.06 42.77 -2.82
C ALA A 1320 42.82 41.58 -3.40
N PRO A 1321 42.15 40.47 -3.71
CA PRO A 1321 42.85 39.31 -4.29
C PRO A 1321 43.31 39.57 -5.71
N GLU A 1322 44.01 38.60 -6.29
CA GLU A 1322 44.59 38.74 -7.63
C GLU A 1322 43.70 38.06 -8.66
N VAL A 1323 43.37 38.79 -9.72
CA VAL A 1323 42.54 38.24 -10.80
C VAL A 1323 43.33 37.21 -11.58
N PRO A 1324 42.72 36.10 -11.98
CA PRO A 1324 43.45 35.13 -12.82
C PRO A 1324 43.86 35.75 -14.15
N ALA A 1325 44.98 35.25 -14.70
CA ALA A 1325 45.54 35.83 -15.91
C ALA A 1325 44.58 35.71 -17.09
N GLU A 1326 43.98 34.53 -17.26
CA GLU A 1326 43.02 34.37 -18.36
C GLU A 1326 41.80 35.26 -18.18
N VAL A 1327 41.29 35.35 -16.95
CA VAL A 1327 40.15 36.22 -16.69
C VAL A 1327 40.54 37.68 -16.91
N ALA A 1328 41.76 38.05 -16.50
CA ALA A 1328 42.22 39.42 -16.72
C ALA A 1328 42.31 39.74 -18.21
N LYS A 1329 42.81 38.80 -19.01
CA LYS A 1329 42.87 39.02 -20.45
C LYS A 1329 41.47 39.13 -21.05
N VAL A 1330 40.55 38.28 -20.60
CA VAL A 1330 39.18 38.34 -21.10
C VAL A 1330 38.55 39.69 -20.77
N LEU A 1331 38.74 40.17 -19.55
CA LEU A 1331 38.19 41.46 -19.17
C LEU A 1331 38.84 42.60 -19.94
N ALA A 1332 40.14 42.50 -20.20
CA ALA A 1332 40.81 43.51 -21.01
C ALA A 1332 40.24 43.53 -22.42
N SER A 1333 39.94 42.36 -22.97
CA SER A 1333 39.25 42.30 -24.26
C SER A 1333 37.84 42.88 -24.16
N GLY A 1334 37.24 42.83 -22.98
CA GLY A 1334 35.92 43.39 -22.74
C GLY A 1334 35.97 44.79 -22.19
N ASN A 1335 34.95 45.16 -21.42
CA ASN A 1335 34.83 46.48 -20.83
C ASN A 1335 34.85 46.36 -19.32
N TRP A 1336 35.67 47.18 -18.67
CA TRP A 1336 35.73 47.25 -17.22
C TRP A 1336 34.78 48.32 -16.67
N THR A 1337 33.52 48.22 -17.05
CA THR A 1337 32.53 49.22 -16.68
C THR A 1337 31.59 48.66 -15.62
N PRO A 1338 31.62 49.19 -14.39
CA PRO A 1338 30.71 48.67 -13.35
C PRO A 1338 29.24 48.83 -13.69
N GLU A 1339 28.87 49.88 -14.43
CA GLU A 1339 27.49 50.14 -14.81
C GLU A 1339 27.11 49.48 -16.13
N SER A 1340 27.77 48.39 -16.50
CA SER A 1340 27.46 47.56 -17.65
C SER A 1340 27.54 46.10 -17.24
N PRO A 1341 26.87 45.20 -17.96
CA PRO A 1341 26.94 43.78 -17.59
C PRO A 1341 28.35 43.25 -17.72
N SER A 1342 29.00 42.99 -16.58
CA SER A 1342 30.38 42.51 -16.53
C SER A 1342 30.49 41.00 -16.75
N PRO A 1343 29.73 40.16 -16.04
CA PRO A 1343 29.89 38.72 -16.22
C PRO A 1343 29.40 38.25 -17.57
N ALA A 1344 30.00 37.16 -18.05
CA ALA A 1344 29.56 36.55 -19.29
C ALA A 1344 28.24 35.83 -19.10
N CYS A 1345 27.48 35.72 -20.18
CA CYS A 1345 26.19 35.04 -20.13
C CYS A 1345 26.39 33.55 -19.86
N GLN A 1346 25.54 32.99 -19.00
CA GLN A 1346 25.60 31.59 -18.64
C GLN A 1346 24.47 30.84 -19.32
N CYS A 1347 24.78 29.64 -19.82
CA CYS A 1347 23.81 28.87 -20.60
C CYS A 1347 22.83 28.16 -19.68
N SER A 1348 21.54 28.32 -19.96
CA SER A 1348 20.52 27.56 -19.26
C SER A 1348 20.45 26.14 -19.81
N ARG A 1349 20.25 25.17 -18.91
CA ARG A 1349 20.22 23.77 -19.30
C ARG A 1349 18.79 23.28 -19.30
N PRO A 1350 18.16 23.07 -20.46
CA PRO A 1350 16.77 22.59 -20.50
C PRO A 1350 16.70 21.09 -20.24
N GLY A 1351 16.29 20.73 -19.03
CA GLY A 1351 16.16 19.32 -18.69
C GLY A 1351 17.48 18.59 -18.83
N ALA A 1352 17.47 17.56 -19.66
CA ALA A 1352 18.64 16.77 -20.05
C ALA A 1352 19.14 15.89 -18.92
N ARG A 1353 18.56 16.05 -17.73
CA ARG A 1353 18.76 15.18 -16.56
C ARG A 1353 20.18 15.26 -16.00
N ARG A 1354 21.10 15.97 -16.64
CA ARG A 1354 22.50 15.96 -16.23
C ARG A 1354 22.86 17.18 -15.38
N LEU A 1355 22.64 18.38 -15.92
CA LEU A 1355 22.97 19.63 -15.22
C LEU A 1355 21.68 20.31 -14.80
N LEU A 1356 21.44 20.35 -13.48
CA LEU A 1356 20.29 21.04 -12.94
C LEU A 1356 20.49 22.56 -12.91
N PRO A 1357 21.59 23.08 -12.35
CA PRO A 1357 21.78 24.54 -12.36
C PRO A 1357 22.39 25.00 -13.67
N ASP A 1358 22.69 26.29 -13.74
CA ASP A 1358 23.26 26.89 -14.93
C ASP A 1358 24.75 26.56 -15.05
N CYS A 1359 25.26 26.66 -16.26
CA CYS A 1359 26.68 26.42 -16.50
C CYS A 1359 27.50 27.56 -15.94
N PRO A 1360 28.47 27.30 -15.06
CA PRO A 1360 29.25 28.39 -14.46
C PRO A 1360 30.38 28.83 -15.38
N ALA A 1361 30.96 29.98 -15.02
CA ALA A 1361 32.10 30.53 -15.73
C ALA A 1361 32.95 31.33 -14.74
N ALA A 1362 34.11 31.78 -15.21
CA ALA A 1362 35.04 32.55 -14.38
C ALA A 1362 34.99 34.04 -14.65
N ALA A 1363 33.99 34.51 -15.40
CA ALA A 1363 33.90 35.92 -15.77
C ALA A 1363 33.03 36.73 -14.83
N GLY A 1364 32.48 36.12 -13.78
CA GLY A 1364 31.60 36.86 -12.88
C GLY A 1364 32.36 37.75 -11.91
N GLY A 1365 32.35 39.04 -12.16
CA GLY A 1365 33.02 40.01 -11.31
C GLY A 1365 34.43 40.25 -11.77
N PRO A 1366 34.69 41.43 -12.35
CA PRO A 1366 36.02 41.70 -12.89
C PRO A 1366 37.07 41.78 -11.80
N PRO A 1367 36.80 42.41 -10.65
CA PRO A 1367 37.67 42.21 -9.49
C PRO A 1367 37.15 41.07 -8.64
N PRO A 1368 38.03 40.27 -8.03
CA PRO A 1368 37.59 39.38 -6.98
C PRO A 1368 37.16 40.18 -5.76
N PRO A 1369 36.18 39.68 -5.01
CA PRO A 1369 35.73 40.42 -3.82
C PRO A 1369 36.84 40.54 -2.80
N GLN A 1370 36.90 41.72 -2.15
CA GLN A 1370 37.95 42.02 -1.18
C GLN A 1370 37.63 41.32 0.14
N ALA A 1371 37.94 40.04 0.20
CA ALA A 1371 37.66 39.22 1.36
C ALA A 1371 38.58 39.61 2.51
N VAL A 1372 37.99 40.04 3.63
CA VAL A 1372 38.73 40.41 4.83
C VAL A 1372 38.24 39.54 5.97
N THR A 1373 39.14 38.78 6.58
CA THR A 1373 38.76 37.87 7.65
C THR A 1373 38.53 38.63 8.94
N GLY A 1374 37.78 37.99 9.84
CA GLY A 1374 37.50 38.55 11.14
C GLY A 1374 37.70 37.54 12.26
N SER A 1375 36.66 37.33 13.07
CA SER A 1375 36.69 36.33 14.13
C SER A 1375 35.88 35.10 13.78
N GLY A 1376 35.67 34.84 12.49
CA GLY A 1376 34.88 33.71 12.05
C GLY A 1376 34.03 34.04 10.84
N GLU A 1377 34.02 35.33 10.47
CA GLU A 1377 33.24 35.81 9.35
C GLU A 1377 34.11 36.72 8.48
N VAL A 1378 33.70 36.85 7.22
CA VAL A 1378 34.43 37.64 6.24
C VAL A 1378 33.50 38.70 5.67
N VAL A 1379 33.98 39.93 5.57
CA VAL A 1379 33.22 41.05 5.05
C VAL A 1379 33.92 41.62 3.83
N GLN A 1380 33.15 41.83 2.76
CA GLN A 1380 33.66 42.28 1.47
C GLN A 1380 33.44 43.79 1.32
N ASN A 1381 33.61 44.29 0.09
CA ASN A 1381 33.35 45.68 -0.25
C ASN A 1381 32.13 45.89 -1.13
N LEU A 1382 32.12 45.31 -2.33
CA LEU A 1382 30.98 45.41 -3.26
C LEU A 1382 30.42 46.83 -3.36
N THR A 1383 31.30 47.81 -3.56
CA THR A 1383 30.89 49.20 -3.71
C THR A 1383 31.02 49.59 -5.18
N GLY A 1384 29.94 50.16 -5.73
CA GLY A 1384 29.95 50.64 -7.09
C GLY A 1384 29.69 49.59 -8.15
N ARG A 1385 29.59 48.32 -7.76
CA ARG A 1385 29.32 47.26 -8.71
C ARG A 1385 27.82 47.16 -8.98
N ASN A 1386 27.45 46.36 -9.97
CA ASN A 1386 26.04 46.21 -10.33
C ASN A 1386 25.27 45.58 -9.18
N LEU A 1387 25.90 44.67 -8.44
CA LEU A 1387 25.42 44.07 -7.18
C LEU A 1387 24.21 43.15 -7.38
N SER A 1388 23.66 43.07 -8.59
CA SER A 1388 22.59 42.12 -8.90
C SER A 1388 23.11 40.90 -9.64
N ASP A 1389 24.04 41.07 -10.58
CA ASP A 1389 24.59 39.95 -11.31
C ASP A 1389 25.55 39.12 -10.47
N PHE A 1390 26.20 39.74 -9.47
CA PHE A 1390 27.20 39.04 -8.69
C PHE A 1390 26.60 37.79 -8.04
N LEU A 1391 25.46 37.95 -7.36
CA LEU A 1391 24.84 36.81 -6.68
C LEU A 1391 24.35 35.76 -7.67
N VAL A 1392 23.72 36.21 -8.76
CA VAL A 1392 23.18 35.27 -9.74
C VAL A 1392 24.30 34.42 -10.34
N LYS A 1393 25.41 35.05 -10.70
CA LYS A 1393 26.51 34.33 -11.31
C LYS A 1393 27.31 33.49 -10.31
N THR A 1394 27.34 33.88 -9.04
CA THR A 1394 28.16 33.19 -8.06
C THR A 1394 27.44 32.02 -7.38
N TYR A 1395 26.11 32.08 -7.26
CA TYR A 1395 25.40 31.00 -6.58
C TYR A 1395 25.64 29.62 -7.19
N PRO A 1396 25.62 29.42 -8.51
CA PRO A 1396 25.88 28.07 -9.04
C PRO A 1396 27.24 27.52 -8.65
N ARG A 1397 28.23 28.37 -8.43
CA ARG A 1397 29.53 27.91 -7.96
C ARG A 1397 29.39 27.22 -6.61
N LEU A 1398 28.63 27.84 -5.69
CA LEU A 1398 28.41 27.22 -4.39
C LEU A 1398 27.46 26.04 -4.49
N VAL A 1399 26.61 26.01 -5.52
CA VAL A 1399 25.76 24.86 -5.76
C VAL A 1399 26.59 23.64 -6.13
N ARG A 1400 27.51 23.80 -7.07
CA ARG A 1400 28.31 22.68 -7.54
C ARG A 1400 29.43 22.32 -6.55
N GLN A 1401 29.99 23.30 -5.86
CA GLN A 1401 31.06 23.02 -4.90
C GLN A 1401 30.56 22.17 -3.75
N GLY A 1402 29.36 22.45 -3.26
CA GLY A 1402 28.80 21.69 -2.16
C GLY A 1402 28.14 20.41 -2.62
N LEU A 1403 28.82 19.28 -2.45
CA LEU A 1403 28.34 18.00 -2.92
C LEU A 1403 28.49 16.88 -1.89
N LYS A 1404 29.18 17.13 -0.77
CA LYS A 1404 29.43 16.07 0.19
C LYS A 1404 28.14 15.58 0.84
N THR A 1405 27.24 16.49 1.20
CA THR A 1405 26.01 16.13 1.88
C THR A 1405 24.75 16.39 1.06
N LYS A 1406 24.70 17.49 0.32
CA LYS A 1406 23.56 17.85 -0.53
C LYS A 1406 22.23 17.89 0.23
N LYS A 1407 22.30 17.97 1.57
CA LYS A 1407 21.11 18.12 2.40
C LYS A 1407 21.16 19.37 3.26
N TRP A 1408 22.28 19.61 3.94
CA TRP A 1408 22.52 20.78 4.78
C TRP A 1408 23.81 21.48 4.34
N VAL A 1409 23.92 21.73 3.04
CA VAL A 1409 25.15 22.28 2.48
C VAL A 1409 25.49 23.59 3.15
N ASN A 1410 26.79 23.80 3.41
CA ASN A 1410 27.28 25.01 4.07
C ASN A 1410 27.36 26.14 3.05
N GLU A 1411 26.22 26.77 2.80
CA GLU A 1411 26.18 27.95 1.96
C GLU A 1411 26.88 29.11 2.65
N VAL A 1412 27.57 29.94 1.84
CA VAL A 1412 28.36 31.02 2.38
C VAL A 1412 27.67 32.36 2.31
N ARG A 1413 26.53 32.46 1.64
CA ARG A 1413 25.80 33.73 1.48
C ARG A 1413 24.43 33.58 2.14
N TYR A 1414 24.27 34.18 3.32
CA TYR A 1414 23.00 34.15 4.02
C TYR A 1414 22.32 35.50 4.11
N GLY A 1415 23.06 36.59 3.98
CA GLY A 1415 22.48 37.91 4.06
C GLY A 1415 23.55 38.97 4.18
N GLY A 1416 23.12 40.21 3.94
CA GLY A 1416 24.04 41.33 3.98
C GLY A 1416 23.28 42.63 4.03
N PHE A 1417 24.04 43.71 4.14
CA PHE A 1417 23.49 45.06 4.28
C PHE A 1417 23.79 45.89 3.04
N SER A 1418 23.10 47.03 2.95
CA SER A 1418 23.34 47.99 1.89
C SER A 1418 22.86 49.34 2.40
N LEU A 1419 23.79 50.23 2.70
CA LEU A 1419 23.47 51.52 3.32
C LEU A 1419 23.22 52.53 2.21
N GLY A 1420 21.98 52.55 1.73
CA GLY A 1420 21.57 53.51 0.74
C GLY A 1420 21.11 54.81 1.38
N GLY A 1421 21.98 55.81 1.40
CA GLY A 1421 21.67 57.06 2.06
C GLY A 1421 20.83 58.01 1.26
N ARG A 1422 20.47 57.66 0.03
CA ARG A 1422 19.68 58.55 -0.82
C ARG A 1422 18.28 58.69 -0.22
N ASP A 1423 17.84 59.93 -0.02
CA ASP A 1423 16.56 60.20 0.61
C ASP A 1423 15.51 60.50 -0.44
N PRO A 1424 14.40 59.76 -0.49
CA PRO A 1424 13.34 60.02 -1.49
C PRO A 1424 12.46 61.20 -1.10
N GLY A 1425 13.08 62.36 -0.92
CA GLY A 1425 12.36 63.57 -0.58
C GLY A 1425 12.79 64.74 -1.44
N LEU A 1426 11.79 65.50 -1.91
CA LEU A 1426 12.09 66.68 -2.71
C LEU A 1426 12.77 67.74 -1.84
N PRO A 1427 13.75 68.47 -2.38
CA PRO A 1427 14.43 69.50 -1.57
C PRO A 1427 13.50 70.60 -1.08
N SER A 1428 12.36 70.81 -1.73
CA SER A 1428 11.38 71.80 -1.29
C SER A 1428 10.44 71.26 -0.22
N GLY A 1429 10.59 70.00 0.19
CA GLY A 1429 9.69 69.43 1.16
C GLY A 1429 9.66 70.19 2.47
N GLN A 1430 10.84 70.62 2.94
CA GLN A 1430 10.89 71.43 4.15
C GLN A 1430 10.06 72.70 4.01
N GLU A 1431 10.02 73.27 2.80
CA GLU A 1431 9.19 74.45 2.54
C GLU A 1431 7.74 74.18 2.93
N LEU A 1432 7.27 72.95 2.71
CA LEU A 1432 5.92 72.57 3.12
C LEU A 1432 5.67 72.94 4.57
N GLY A 1433 6.60 72.54 5.46
CA GLY A 1433 6.45 72.87 6.86
C GLY A 1433 6.30 74.36 7.08
N ARG A 1434 7.13 75.16 6.39
CA ARG A 1434 6.99 76.60 6.46
C ARG A 1434 5.56 77.03 6.14
N SER A 1435 5.02 76.52 5.03
CA SER A 1435 3.64 76.81 4.70
C SER A 1435 2.73 76.52 5.88
N VAL A 1436 2.86 75.33 6.45
CA VAL A 1436 2.00 74.97 7.57
C VAL A 1436 2.16 75.97 8.70
N GLU A 1437 3.40 76.34 9.03
CA GLU A 1437 3.58 77.26 10.14
C GLU A 1437 3.07 78.65 9.78
N GLU A 1438 3.19 79.05 8.51
CA GLU A 1438 2.64 80.36 8.18
C GLU A 1438 1.13 80.35 8.15
N LEU A 1439 0.51 79.17 8.23
CA LEU A 1439 -0.92 79.08 8.46
C LEU A 1439 -1.26 79.00 9.94
N TRP A 1440 -0.30 78.64 10.79
CA TRP A 1440 -0.57 78.53 12.22
C TRP A 1440 -0.69 79.91 12.87
N ALA A 1441 0.19 80.84 12.50
CA ALA A 1441 0.18 82.16 13.13
C ALA A 1441 -1.13 82.89 12.87
N LEU A 1442 -1.64 82.81 11.65
CA LEU A 1442 -2.89 83.46 11.29
C LEU A 1442 -4.06 82.49 11.50
N LEU A 1443 -5.26 82.91 11.09
CA LEU A 1443 -6.49 82.13 11.24
C LEU A 1443 -6.86 81.87 12.69
N SER A 1444 -6.26 82.60 13.63
CA SER A 1444 -6.58 82.54 15.05
C SER A 1444 -6.55 81.10 15.57
N PRO A 1445 -5.35 80.51 15.75
CA PRO A 1445 -5.28 79.12 16.23
C PRO A 1445 -6.09 78.88 17.50
N LEU A 1446 -7.03 77.94 17.42
CA LEU A 1446 -7.95 77.72 18.54
C LEU A 1446 -7.19 77.12 19.72
N PRO A 1447 -7.45 77.61 20.94
CA PRO A 1447 -6.80 77.03 22.12
C PRO A 1447 -7.22 75.59 22.40
N GLY A 1448 -8.29 75.11 21.76
CA GLY A 1448 -8.71 73.74 22.00
C GLY A 1448 -7.64 72.72 21.64
N GLY A 1449 -6.89 72.99 20.57
CA GLY A 1449 -5.74 72.19 20.22
C GLY A 1449 -5.95 71.20 19.08
N ALA A 1450 -7.20 70.93 18.71
CA ALA A 1450 -7.45 70.00 17.61
C ALA A 1450 -6.80 70.49 16.32
N LEU A 1451 -7.08 71.74 15.94
CA LEU A 1451 -6.40 72.34 14.80
C LEU A 1451 -4.91 72.43 15.07
N ASP A 1452 -4.52 72.81 16.29
CA ASP A 1452 -3.10 72.90 16.63
C ASP A 1452 -2.41 71.55 16.52
N ARG A 1453 -3.06 70.49 17.03
CA ARG A 1453 -2.42 69.17 17.01
C ARG A 1453 -2.34 68.62 15.58
N VAL A 1454 -3.37 68.83 14.77
CA VAL A 1454 -3.27 68.34 13.39
C VAL A 1454 -2.22 69.14 12.63
N LEU A 1455 -2.13 70.46 12.86
CA LEU A 1455 -1.10 71.25 12.20
C LEU A 1455 0.30 70.81 12.63
N LYS A 1456 0.48 70.45 13.90
CA LYS A 1456 1.81 70.06 14.34
C LYS A 1456 2.20 68.67 13.87
N ASN A 1457 1.25 67.72 13.78
CA ASN A 1457 1.56 66.47 13.09
C ASN A 1457 1.70 66.62 11.58
N LEU A 1458 1.17 67.69 10.99
CA LEU A 1458 1.55 67.98 9.61
C LEU A 1458 2.97 68.53 9.51
N THR A 1459 3.35 69.42 10.43
CA THR A 1459 4.72 69.94 10.44
C THR A 1459 5.73 68.84 10.68
N ALA A 1460 5.44 67.94 11.62
CA ALA A 1460 6.35 66.83 11.89
C ALA A 1460 6.49 65.92 10.68
N TRP A 1461 5.37 65.64 9.99
CA TRP A 1461 5.45 64.83 8.78
C TRP A 1461 6.26 65.52 7.69
N ALA A 1462 6.07 66.83 7.54
CA ALA A 1462 6.84 67.57 6.54
C ALA A 1462 8.33 67.55 6.86
N HIS A 1463 8.68 67.69 8.13
CA HIS A 1463 10.09 67.64 8.52
C HIS A 1463 10.68 66.25 8.32
N SER A 1464 9.91 65.20 8.66
CA SER A 1464 10.40 63.84 8.48
C SER A 1464 10.41 63.41 7.03
N LEU A 1465 9.72 64.15 6.14
CA LEU A 1465 9.75 63.84 4.72
C LEU A 1465 11.17 63.88 4.16
N ASP A 1466 12.02 64.75 4.72
CA ASP A 1466 13.42 64.77 4.31
C ASP A 1466 14.12 63.45 4.62
N ALA A 1467 13.80 62.87 5.78
CA ALA A 1467 14.36 61.60 6.23
C ALA A 1467 15.87 61.66 6.39
N GLN A 1468 16.49 60.54 6.75
CA GLN A 1468 17.95 60.49 6.91
C GLN A 1468 18.60 59.56 5.90
N ASP A 1469 18.20 58.28 5.87
CA ASP A 1469 18.84 57.30 5.00
C ASP A 1469 18.02 56.02 5.01
N SER A 1470 18.51 55.02 4.27
CA SER A 1470 17.94 53.69 4.27
C SER A 1470 19.03 52.68 4.62
N LEU A 1471 18.61 51.51 5.08
CA LEU A 1471 19.52 50.46 5.52
C LEU A 1471 19.08 49.13 4.92
N LYS A 1472 18.92 49.11 3.60
CA LYS A 1472 18.36 47.95 2.92
C LYS A 1472 19.08 46.67 3.33
N ILE A 1473 18.30 45.61 3.52
CA ILE A 1473 18.82 44.34 4.01
C ILE A 1473 18.52 43.27 2.98
N TRP A 1474 19.56 42.60 2.49
CA TRP A 1474 19.40 41.45 1.63
C TRP A 1474 19.40 40.20 2.51
N PHE A 1475 18.36 39.38 2.38
CA PHE A 1475 18.21 38.18 3.20
C PHE A 1475 17.99 36.98 2.31
N ASN A 1476 18.47 35.82 2.77
CA ASN A 1476 18.32 34.56 2.05
C ASN A 1476 17.28 33.70 2.76
N ASN A 1477 16.26 33.28 2.02
CA ASN A 1477 15.19 32.49 2.61
C ASN A 1477 15.58 31.02 2.73
N LYS A 1478 16.72 30.62 2.15
CA LYS A 1478 17.22 29.27 2.38
C LYS A 1478 17.50 29.02 3.85
N GLY A 1479 18.05 30.01 4.55
CA GLY A 1479 18.14 29.97 5.99
C GLY A 1479 16.83 30.50 6.57
N TRP A 1480 16.19 29.66 7.39
CA TRP A 1480 14.86 30.00 7.91
C TRP A 1480 14.91 31.27 8.75
N HIS A 1481 15.68 31.25 9.83
CA HIS A 1481 15.76 32.38 10.76
C HIS A 1481 16.85 33.34 10.31
N SER A 1482 16.60 33.98 9.17
CA SER A 1482 17.58 34.84 8.53
C SER A 1482 17.26 36.33 8.66
N MET A 1483 16.05 36.75 8.27
CA MET A 1483 15.74 38.17 8.29
C MET A 1483 15.68 38.71 9.71
N VAL A 1484 15.19 37.91 10.66
CA VAL A 1484 15.02 38.38 12.03
C VAL A 1484 16.37 38.69 12.66
N ALA A 1485 17.34 37.79 12.49
CA ALA A 1485 18.66 37.99 13.07
C ALA A 1485 19.34 39.23 12.50
N PHE A 1486 19.19 39.45 11.18
CA PHE A 1486 19.84 40.61 10.58
C PHE A 1486 19.15 41.90 10.99
N VAL A 1487 17.83 41.87 11.17
CA VAL A 1487 17.15 43.03 11.74
C VAL A 1487 17.67 43.33 13.14
N ASN A 1488 17.85 42.28 13.95
CA ASN A 1488 18.40 42.43 15.28
C ASN A 1488 19.78 43.10 15.24
N ARG A 1489 20.65 42.60 14.37
CA ARG A 1489 22.00 43.17 14.30
C ARG A 1489 21.98 44.61 13.78
N ALA A 1490 21.12 44.91 12.81
CA ALA A 1490 21.02 46.28 12.31
C ALA A 1490 20.60 47.24 13.42
N SER A 1491 19.60 46.84 14.20
CA SER A 1491 19.15 47.70 15.29
C SER A 1491 20.21 47.84 16.38
N ASN A 1492 20.91 46.74 16.68
CA ASN A 1492 21.99 46.81 17.67
C ASN A 1492 23.09 47.75 17.21
N ALA A 1493 23.44 47.70 15.92
CA ALA A 1493 24.44 48.60 15.38
C ALA A 1493 23.98 50.05 15.43
N ILE A 1494 22.70 50.29 15.15
CA ILE A 1494 22.17 51.66 15.25
C ILE A 1494 22.29 52.16 16.69
N LEU A 1495 21.95 51.30 17.66
CA LEU A 1495 22.08 51.69 19.06
C LEU A 1495 23.53 52.01 19.41
N ARG A 1496 24.46 51.16 18.98
CA ARG A 1496 25.87 51.42 19.28
C ARG A 1496 26.36 52.68 18.59
N ALA A 1497 25.81 53.01 17.42
CA ALA A 1497 26.21 54.24 16.73
C ALA A 1497 25.72 55.47 17.48
N HIS A 1498 24.46 55.47 17.89
CA HIS A 1498 23.91 56.64 18.57
C HIS A 1498 24.34 56.74 20.02
N LEU A 1499 24.93 55.68 20.59
CA LEU A 1499 25.40 55.75 21.96
C LEU A 1499 26.60 56.68 22.07
N PRO A 1500 26.73 57.41 23.17
CA PRO A 1500 27.92 58.24 23.36
C PRO A 1500 29.16 57.38 23.48
N PRO A 1501 30.33 57.89 23.08
CA PRO A 1501 31.55 57.08 23.16
C PRO A 1501 31.87 56.70 24.60
N GLY A 1502 32.39 55.48 24.77
CA GLY A 1502 32.74 54.98 26.07
C GLY A 1502 32.98 53.48 26.06
N PRO A 1503 33.42 52.93 27.19
CA PRO A 1503 33.68 51.49 27.29
C PRO A 1503 32.45 50.64 27.61
N ALA A 1504 31.24 51.21 27.51
CA ALA A 1504 30.01 50.49 27.82
C ALA A 1504 29.38 49.85 26.59
N ARG A 1505 30.18 49.47 25.60
CA ARG A 1505 29.64 48.85 24.39
C ARG A 1505 28.95 47.53 24.72
N HIS A 1506 29.58 46.70 25.55
CA HIS A 1506 28.97 45.45 25.98
C HIS A 1506 27.99 45.61 27.13
N ALA A 1507 27.99 46.78 27.78
CA ALA A 1507 27.07 46.99 28.89
C ALA A 1507 25.63 47.14 28.42
N HIS A 1508 25.43 47.67 27.21
CA HIS A 1508 24.10 47.88 26.65
C HIS A 1508 23.98 47.07 25.37
N SER A 1509 23.32 45.92 25.47
CA SER A 1509 23.05 45.07 24.31
C SER A 1509 21.62 44.56 24.40
N ILE A 1510 20.99 44.37 23.24
CA ILE A 1510 19.58 43.98 23.16
C ILE A 1510 19.50 42.65 22.42
N THR A 1511 18.76 41.71 22.99
CA THR A 1511 18.60 40.38 22.42
C THR A 1511 17.11 40.06 22.29
N THR A 1512 16.74 39.48 21.16
CA THR A 1512 15.36 39.07 20.90
C THR A 1512 15.28 37.56 20.92
N LEU A 1513 14.34 37.04 21.71
CA LEU A 1513 14.12 35.61 21.81
C LEU A 1513 12.97 35.20 20.90
N ASN A 1514 12.61 33.91 20.97
CA ASN A 1514 11.44 33.40 20.25
C ASN A 1514 11.01 32.12 20.92
N HIS A 1515 9.84 32.14 21.55
CA HIS A 1515 9.33 30.96 22.25
C HIS A 1515 7.82 30.87 22.08
N PRO A 1516 7.33 29.90 21.33
CA PRO A 1516 5.87 29.78 21.14
C PRO A 1516 5.19 29.37 22.43
N LEU A 1517 3.87 29.53 22.44
CA LEU A 1517 3.08 29.31 23.64
C LEU A 1517 3.09 27.83 24.03
N ASN A 1518 2.72 27.57 25.29
CA ASN A 1518 2.68 26.19 25.79
C ASN A 1518 1.48 25.43 25.24
N LEU A 1519 0.59 26.11 24.51
CA LEU A 1519 -0.54 25.46 23.87
C LEU A 1519 -0.07 24.26 23.06
N THR A 1520 -0.56 23.08 23.40
CA THR A 1520 -0.09 21.86 22.76
C THR A 1520 -0.74 21.67 21.39
N LYS A 1521 0.05 21.86 20.35
CA LYS A 1521 -0.38 21.66 18.97
C LYS A 1521 0.83 21.26 18.15
N GLU A 1522 0.65 21.17 16.84
CA GLU A 1522 1.73 20.88 15.92
C GLU A 1522 1.63 21.80 14.72
N GLN A 1523 2.76 22.01 14.05
CA GLN A 1523 2.82 22.88 12.88
C GLN A 1523 1.85 22.40 11.81
N LEU A 1524 0.85 23.24 11.52
CA LEU A 1524 -0.19 22.89 10.54
C LEU A 1524 0.37 23.06 9.14
N SER A 1525 0.65 21.96 8.47
CA SER A 1525 1.13 21.99 7.09
C SER A 1525 -0.05 22.23 6.17
N GLU A 1526 -0.31 23.51 5.87
CA GLU A 1526 -1.45 23.86 5.03
C GLU A 1526 -1.24 23.42 3.59
N GLY A 1527 -0.05 23.66 3.04
CA GLY A 1527 0.21 23.28 1.66
C GLY A 1527 0.25 21.79 1.45
N ALA A 1528 0.87 21.07 2.38
CA ALA A 1528 1.06 19.63 2.24
C ALA A 1528 -0.24 18.90 2.58
N LEU A 1529 -0.90 18.37 1.55
CA LEU A 1529 -2.09 17.56 1.73
C LEU A 1529 -1.67 16.12 1.99
N MET A 1530 -2.63 15.19 1.90
CA MET A 1530 -2.35 13.78 2.12
C MET A 1530 -1.26 13.30 1.17
N ALA A 1531 -0.24 12.64 1.74
CA ALA A 1531 0.97 12.29 1.02
C ALA A 1531 1.38 10.86 1.32
N SER A 1532 0.43 9.93 1.23
CA SER A 1532 0.70 8.49 1.41
C SER A 1532 1.27 8.22 2.81
N SER A 1533 0.42 8.41 3.81
CA SER A 1533 0.80 8.44 5.21
C SER A 1533 0.17 7.26 5.96
N VAL A 1534 0.28 7.31 7.29
CA VAL A 1534 -0.21 6.25 8.17
C VAL A 1534 -1.67 5.90 7.87
N ASP A 1535 -2.45 6.88 7.42
CA ASP A 1535 -3.85 6.62 7.10
C ASP A 1535 -3.99 5.62 5.96
N VAL A 1536 -3.31 5.88 4.84
CA VAL A 1536 -3.40 4.95 3.73
C VAL A 1536 -2.68 3.65 4.08
N LEU A 1537 -1.68 3.71 4.96
CA LEU A 1537 -1.04 2.47 5.42
C LEU A 1537 -2.06 1.58 6.13
N VAL A 1538 -2.85 2.14 7.03
CA VAL A 1538 -3.85 1.35 7.75
C VAL A 1538 -4.95 0.89 6.78
N SER A 1539 -5.31 1.74 5.81
CA SER A 1539 -6.29 1.32 4.82
C SER A 1539 -5.79 0.13 4.01
N ILE A 1540 -4.52 0.16 3.60
CA ILE A 1540 -3.94 -0.98 2.89
C ILE A 1540 -3.91 -2.21 3.78
N CYS A 1541 -3.59 -2.03 5.07
CA CYS A 1541 -3.55 -3.18 5.98
C CYS A 1541 -4.92 -3.82 6.11
N VAL A 1542 -5.98 -3.01 6.25
CA VAL A 1542 -7.31 -3.59 6.44
C VAL A 1542 -7.81 -4.22 5.15
N VAL A 1543 -7.48 -3.62 3.98
CA VAL A 1543 -7.85 -4.24 2.72
C VAL A 1543 -7.14 -5.58 2.54
N PHE A 1544 -5.86 -5.62 2.89
CA PHE A 1544 -5.11 -6.87 2.84
C PHE A 1544 -5.74 -7.92 3.76
N ALA A 1545 -6.11 -7.52 4.97
CA ALA A 1545 -6.69 -8.48 5.91
C ALA A 1545 -8.03 -9.01 5.42
N MET A 1546 -8.86 -8.13 4.84
CA MET A 1546 -10.19 -8.54 4.39
C MET A 1546 -10.18 -9.15 2.99
N SER A 1547 -9.02 -9.18 2.31
CA SER A 1547 -8.93 -9.90 1.05
C SER A 1547 -8.73 -11.40 1.25
N PHE A 1548 -8.20 -11.82 2.40
CA PHE A 1548 -7.97 -13.23 2.65
C PHE A 1548 -9.25 -13.99 3.00
N VAL A 1549 -10.18 -13.33 3.68
CA VAL A 1549 -11.37 -14.03 4.18
C VAL A 1549 -12.23 -14.60 3.05
N PRO A 1550 -12.58 -13.84 1.98
CA PRO A 1550 -13.40 -14.40 0.90
C PRO A 1550 -12.61 -15.30 -0.05
N ALA A 1551 -11.78 -16.18 0.52
CA ALA A 1551 -11.13 -17.24 -0.24
C ALA A 1551 -11.19 -18.59 0.45
N SER A 1552 -11.41 -18.65 1.76
CA SER A 1552 -11.55 -19.91 2.46
C SER A 1552 -12.87 -20.61 2.18
N PHE A 1553 -13.80 -19.93 1.50
CA PHE A 1553 -15.11 -20.51 1.22
C PHE A 1553 -15.08 -21.50 0.08
N THR A 1554 -14.02 -21.56 -0.72
CA THR A 1554 -13.95 -22.44 -1.87
C THR A 1554 -13.29 -23.78 -1.56
N LEU A 1555 -12.64 -23.92 -0.41
CA LEU A 1555 -11.96 -25.17 -0.10
C LEU A 1555 -12.93 -26.34 -0.06
N VAL A 1556 -14.01 -26.22 0.72
CA VAL A 1556 -14.95 -27.31 0.85
C VAL A 1556 -15.69 -27.55 -0.45
N LEU A 1557 -16.01 -26.47 -1.18
CA LEU A 1557 -16.70 -26.62 -2.45
C LEU A 1557 -15.87 -27.43 -3.45
N ILE A 1558 -14.59 -27.07 -3.59
CA ILE A 1558 -13.73 -27.78 -4.53
C ILE A 1558 -13.47 -29.21 -4.06
N GLU A 1559 -13.28 -29.40 -2.76
CA GLU A 1559 -13.06 -30.75 -2.25
C GLU A 1559 -14.27 -31.64 -2.50
N GLU A 1560 -15.48 -31.09 -2.37
CA GLU A 1560 -16.69 -31.85 -2.65
C GLU A 1560 -16.81 -32.15 -4.14
N ARG A 1561 -16.57 -31.15 -5.00
CA ARG A 1561 -16.74 -31.38 -6.43
C ARG A 1561 -15.73 -32.39 -6.97
N VAL A 1562 -14.48 -32.31 -6.52
CA VAL A 1562 -13.43 -33.15 -7.10
C VAL A 1562 -13.69 -34.62 -6.80
N THR A 1563 -13.98 -34.95 -5.54
CA THR A 1563 -14.12 -36.33 -5.13
C THR A 1563 -15.47 -36.94 -5.50
N ARG A 1564 -16.25 -36.26 -6.33
CA ARG A 1564 -17.56 -36.75 -6.78
C ARG A 1564 -18.49 -37.05 -5.61
N ALA A 1565 -18.45 -36.19 -4.59
CA ALA A 1565 -19.38 -36.28 -3.47
C ALA A 1565 -20.54 -35.32 -3.56
N LYS A 1566 -20.37 -34.19 -4.26
CA LYS A 1566 -21.49 -33.29 -4.50
C LYS A 1566 -22.53 -33.93 -5.40
N HIS A 1567 -22.09 -34.68 -6.41
CA HIS A 1567 -23.03 -35.31 -7.33
C HIS A 1567 -23.85 -36.39 -6.63
N LEU A 1568 -23.30 -37.02 -5.59
CA LEU A 1568 -24.08 -37.98 -4.81
C LEU A 1568 -25.28 -37.29 -4.16
N GLN A 1569 -25.06 -36.14 -3.54
CA GLN A 1569 -26.16 -35.39 -2.94
C GLN A 1569 -27.13 -34.91 -4.02
N LEU A 1570 -26.60 -34.45 -5.16
CA LEU A 1570 -27.49 -34.04 -6.25
C LEU A 1570 -28.36 -35.20 -6.73
N MET A 1571 -27.84 -36.43 -6.65
CA MET A 1571 -28.67 -37.60 -6.91
C MET A 1571 -29.68 -37.83 -5.80
N GLY A 1572 -29.31 -37.47 -4.56
CA GLY A 1572 -30.20 -37.72 -3.44
C GLY A 1572 -31.54 -37.05 -3.55
N GLY A 1573 -31.61 -35.94 -4.28
CA GLY A 1573 -32.89 -35.26 -4.49
C GLY A 1573 -32.84 -33.77 -4.25
N LEU A 1574 -31.63 -33.22 -4.11
CA LEU A 1574 -31.47 -31.80 -3.86
C LEU A 1574 -31.43 -31.04 -5.18
N SER A 1575 -32.30 -30.05 -5.31
CA SER A 1575 -32.20 -29.13 -6.43
C SER A 1575 -30.93 -28.28 -6.27
N PRO A 1576 -30.28 -27.92 -7.36
CA PRO A 1576 -29.07 -27.09 -7.25
C PRO A 1576 -29.32 -25.77 -6.54
N THR A 1577 -30.50 -25.18 -6.73
CA THR A 1577 -30.79 -23.89 -6.12
C THR A 1577 -30.72 -23.96 -4.59
N LEU A 1578 -31.31 -25.01 -4.01
CA LEU A 1578 -31.28 -25.14 -2.56
C LEU A 1578 -29.86 -25.35 -2.06
N TYR A 1579 -29.05 -26.12 -2.79
CA TYR A 1579 -27.65 -26.32 -2.43
C TYR A 1579 -26.90 -25.00 -2.40
N TRP A 1580 -27.05 -24.20 -3.46
CA TRP A 1580 -26.32 -22.95 -3.54
C TRP A 1580 -26.79 -21.96 -2.47
N LEU A 1581 -28.10 -21.89 -2.23
CA LEU A 1581 -28.60 -20.99 -1.18
C LEU A 1581 -28.13 -21.42 0.20
N GLY A 1582 -28.10 -22.73 0.48
CA GLY A 1582 -27.57 -23.18 1.75
C GLY A 1582 -26.12 -22.80 1.95
N ASN A 1583 -25.30 -23.02 0.92
CA ASN A 1583 -23.89 -22.62 1.02
C ASN A 1583 -23.76 -21.12 1.19
N PHE A 1584 -24.58 -20.34 0.48
CA PHE A 1584 -24.53 -18.89 0.59
C PHE A 1584 -24.86 -18.42 1.99
N LEU A 1585 -25.92 -18.99 2.59
CA LEU A 1585 -26.29 -18.62 3.95
C LEU A 1585 -25.19 -18.99 4.95
N TRP A 1586 -24.60 -20.18 4.81
CA TRP A 1586 -23.54 -20.54 5.74
C TRP A 1586 -22.33 -19.63 5.60
N ASP A 1587 -21.93 -19.33 4.36
CA ASP A 1587 -20.80 -18.45 4.13
C ASP A 1587 -21.07 -17.06 4.68
N MET A 1588 -22.30 -16.56 4.52
CA MET A 1588 -22.67 -15.28 5.11
C MET A 1588 -22.57 -15.33 6.63
N CYS A 1589 -23.02 -16.43 7.23
CA CYS A 1589 -22.94 -16.55 8.68
C CYS A 1589 -21.50 -16.64 9.16
N ASN A 1590 -20.55 -17.04 8.31
CA ASN A 1590 -19.15 -17.05 8.70
C ASN A 1590 -18.41 -15.76 8.38
N TYR A 1591 -19.03 -14.81 7.72
CA TYR A 1591 -18.36 -13.55 7.41
C TYR A 1591 -18.48 -12.52 8.52
N LEU A 1592 -19.51 -12.60 9.35
CA LEU A 1592 -19.77 -11.58 10.35
C LEU A 1592 -18.84 -11.67 11.56
N VAL A 1593 -17.98 -12.68 11.63
CA VAL A 1593 -17.06 -12.79 12.76
C VAL A 1593 -15.87 -11.85 12.60
N PRO A 1594 -15.18 -11.80 11.44
CA PRO A 1594 -14.10 -10.79 11.31
C PRO A 1594 -14.58 -9.36 11.42
N ALA A 1595 -15.76 -9.04 10.89
CA ALA A 1595 -16.23 -7.66 10.92
C ALA A 1595 -16.47 -7.17 12.34
N CYS A 1596 -17.04 -8.03 13.18
CA CYS A 1596 -17.25 -7.66 14.58
C CYS A 1596 -15.93 -7.38 15.28
N ILE A 1597 -14.91 -8.21 15.03
CA ILE A 1597 -13.62 -8.00 15.68
C ILE A 1597 -12.96 -6.72 15.17
N VAL A 1598 -13.09 -6.43 13.87
CA VAL A 1598 -12.54 -5.18 13.35
C VAL A 1598 -13.21 -3.98 13.99
N VAL A 1599 -14.54 -4.00 14.09
CA VAL A 1599 -15.26 -2.88 14.71
C VAL A 1599 -14.86 -2.73 16.17
N LEU A 1600 -14.74 -3.86 16.89
CA LEU A 1600 -14.36 -3.79 18.29
C LEU A 1600 -12.94 -3.23 18.45
N ILE A 1601 -12.02 -3.63 17.57
CA ILE A 1601 -10.66 -3.09 17.64
C ILE A 1601 -10.67 -1.59 17.40
N PHE A 1602 -11.40 -1.13 16.38
CA PHE A 1602 -11.47 0.29 16.11
C PHE A 1602 -12.07 1.06 17.28
N LEU A 1603 -13.11 0.51 17.91
CA LEU A 1603 -13.71 1.16 19.07
C LEU A 1603 -12.74 1.19 20.24
N ALA A 1604 -12.00 0.10 20.46
CA ALA A 1604 -11.09 0.03 21.60
C ALA A 1604 -9.93 1.01 21.45
N PHE A 1605 -9.45 1.21 20.22
CA PHE A 1605 -8.33 2.12 19.99
C PHE A 1605 -8.76 3.56 19.78
N GLN A 1606 -10.07 3.84 19.88
CA GLN A 1606 -10.59 5.21 19.82
C GLN A 1606 -10.18 5.92 18.54
N GLN A 1607 -10.18 5.19 17.43
CA GLN A 1607 -9.84 5.78 16.13
C GLN A 1607 -10.98 6.70 15.70
N ARG A 1608 -10.80 8.01 15.91
CA ARG A 1608 -11.86 8.96 15.61
C ARG A 1608 -12.17 9.02 14.12
N ALA A 1609 -11.18 8.80 13.27
CA ALA A 1609 -11.39 8.91 11.83
C ALA A 1609 -12.37 7.86 11.33
N TYR A 1610 -12.24 6.62 11.79
CA TYR A 1610 -13.06 5.52 11.29
C TYR A 1610 -14.36 5.36 12.07
N VAL A 1611 -14.25 5.12 13.38
CA VAL A 1611 -15.41 4.86 14.23
C VAL A 1611 -15.69 6.10 15.07
N ALA A 1612 -16.92 6.58 15.00
CA ALA A 1612 -17.36 7.76 15.73
C ALA A 1612 -18.88 7.82 15.65
N PRO A 1613 -19.54 8.50 16.59
CA PRO A 1613 -21.01 8.59 16.55
C PRO A 1613 -21.56 9.33 15.34
N ALA A 1614 -20.72 9.78 14.41
CA ALA A 1614 -21.17 10.46 13.21
C ALA A 1614 -20.96 9.67 11.93
N ASN A 1615 -19.91 8.83 11.87
CA ASN A 1615 -19.59 8.08 10.67
C ASN A 1615 -19.73 6.58 10.84
N LEU A 1616 -20.16 6.11 12.00
CA LEU A 1616 -20.33 4.67 12.21
C LEU A 1616 -21.26 4.00 11.21
N PRO A 1617 -22.42 4.57 10.84
CA PRO A 1617 -23.26 3.90 9.83
C PRO A 1617 -22.54 3.65 8.52
N ALA A 1618 -21.67 4.58 8.09
CA ALA A 1618 -20.94 4.39 6.85
C ALA A 1618 -20.07 3.14 6.92
N LEU A 1619 -19.30 3.00 8.00
CA LEU A 1619 -18.43 1.82 8.14
C LEU A 1619 -19.26 0.54 8.25
N LEU A 1620 -20.35 0.57 9.01
CA LEU A 1620 -21.17 -0.63 9.16
C LEU A 1620 -21.73 -1.07 7.82
N LEU A 1621 -22.31 -0.13 7.06
CA LEU A 1621 -22.86 -0.47 5.76
C LEU A 1621 -21.77 -0.95 4.81
N LEU A 1622 -20.61 -0.31 4.83
CA LEU A 1622 -19.52 -0.71 3.94
C LEU A 1622 -19.10 -2.14 4.20
N LEU A 1623 -18.82 -2.48 5.46
CA LEU A 1623 -18.38 -3.84 5.78
C LEU A 1623 -19.47 -4.86 5.47
N LEU A 1624 -20.71 -4.57 5.88
CA LEU A 1624 -21.78 -5.54 5.68
C LEU A 1624 -22.03 -5.81 4.21
N LEU A 1625 -22.08 -4.75 3.39
CA LEU A 1625 -22.39 -4.96 1.98
C LEU A 1625 -21.19 -5.51 1.20
N TYR A 1626 -19.96 -5.21 1.63
CA TYR A 1626 -18.81 -5.90 1.06
C TYR A 1626 -18.90 -7.40 1.31
N GLY A 1627 -19.25 -7.79 2.53
CA GLY A 1627 -19.48 -9.20 2.79
C GLY A 1627 -20.61 -9.76 1.94
N TRP A 1628 -21.67 -8.98 1.76
CA TRP A 1628 -22.82 -9.44 0.98
C TRP A 1628 -22.46 -9.66 -0.48
N SER A 1629 -21.53 -8.88 -1.02
CA SER A 1629 -21.29 -8.91 -2.46
C SER A 1629 -19.99 -9.59 -2.86
N ILE A 1630 -19.10 -9.93 -1.93
CA ILE A 1630 -17.88 -10.60 -2.36
C ILE A 1630 -18.07 -12.12 -2.40
N THR A 1631 -18.92 -12.66 -1.52
CA THR A 1631 -19.07 -14.11 -1.44
C THR A 1631 -19.63 -14.73 -2.72
N PRO A 1632 -20.71 -14.22 -3.34
CA PRO A 1632 -21.23 -14.90 -4.54
C PRO A 1632 -20.36 -14.72 -5.77
N LEU A 1633 -19.18 -14.11 -5.60
CA LEU A 1633 -18.24 -13.96 -6.70
C LEU A 1633 -17.17 -15.04 -6.72
N MET A 1634 -16.93 -15.71 -5.60
CA MET A 1634 -15.91 -16.74 -5.52
C MET A 1634 -16.44 -18.13 -5.83
N TYR A 1635 -17.72 -18.26 -6.17
CA TYR A 1635 -18.32 -19.55 -6.48
C TYR A 1635 -18.00 -20.02 -7.90
N PRO A 1636 -18.08 -19.16 -8.92
CA PRO A 1636 -17.76 -19.64 -10.29
C PRO A 1636 -16.33 -20.12 -10.44
N ALA A 1637 -15.42 -19.73 -9.55
CA ALA A 1637 -14.05 -20.21 -9.62
C ALA A 1637 -13.87 -21.61 -9.05
N SER A 1638 -14.93 -22.21 -8.50
CA SER A 1638 -14.88 -23.55 -7.96
C SER A 1638 -15.12 -24.62 -9.01
N PHE A 1639 -15.36 -24.23 -10.26
CA PHE A 1639 -15.56 -25.18 -11.35
C PHE A 1639 -14.29 -25.52 -12.11
N PHE A 1640 -13.33 -24.60 -12.16
CA PHE A 1640 -12.16 -24.72 -13.03
C PHE A 1640 -10.86 -24.93 -12.25
N PHE A 1641 -10.94 -25.51 -11.06
CA PHE A 1641 -9.74 -25.83 -10.28
C PHE A 1641 -9.83 -27.28 -9.83
N SER A 1642 -8.66 -27.92 -9.70
CA SER A 1642 -8.59 -29.32 -9.37
C SER A 1642 -8.04 -29.61 -7.98
N VAL A 1643 -7.19 -28.74 -7.44
CA VAL A 1643 -6.64 -28.89 -6.11
C VAL A 1643 -7.02 -27.65 -5.30
N PRO A 1644 -7.49 -27.78 -4.06
CA PRO A 1644 -8.05 -26.61 -3.37
C PRO A 1644 -7.02 -25.56 -2.98
N SER A 1645 -5.84 -25.95 -2.51
CA SER A 1645 -4.89 -24.98 -1.99
C SER A 1645 -4.40 -24.04 -3.08
N THR A 1646 -4.18 -24.56 -4.29
CA THR A 1646 -3.76 -23.69 -5.39
C THR A 1646 -4.83 -22.66 -5.71
N ALA A 1647 -6.10 -23.08 -5.73
CA ALA A 1647 -7.18 -22.11 -5.93
C ALA A 1647 -7.19 -21.08 -4.82
N TYR A 1648 -6.97 -21.51 -3.58
CA TYR A 1648 -6.93 -20.59 -2.45
C TYR A 1648 -5.88 -19.51 -2.66
N VAL A 1649 -4.64 -19.92 -2.95
CA VAL A 1649 -3.56 -18.94 -3.06
C VAL A 1649 -3.75 -18.06 -4.29
N VAL A 1650 -4.20 -18.63 -5.40
CA VAL A 1650 -4.38 -17.84 -6.62
C VAL A 1650 -5.47 -16.79 -6.41
N LEU A 1651 -6.59 -17.19 -5.81
CA LEU A 1651 -7.67 -16.23 -5.57
C LEU A 1651 -7.24 -15.16 -4.58
N THR A 1652 -6.49 -15.54 -3.55
CA THR A 1652 -6.01 -14.55 -2.58
C THR A 1652 -5.11 -13.52 -3.26
N CYS A 1653 -4.16 -13.98 -4.08
CA CYS A 1653 -3.27 -13.07 -4.76
C CYS A 1653 -4.03 -12.17 -5.73
N ILE A 1654 -4.99 -12.73 -6.45
CA ILE A 1654 -5.77 -11.93 -7.40
C ILE A 1654 -6.54 -10.85 -6.66
N ASN A 1655 -7.19 -11.21 -5.54
CA ASN A 1655 -7.93 -10.22 -4.76
C ASN A 1655 -7.02 -9.12 -4.26
N LEU A 1656 -5.88 -9.49 -3.68
CA LEU A 1656 -4.92 -8.51 -3.19
C LEU A 1656 -4.51 -7.55 -4.28
N PHE A 1657 -4.14 -8.09 -5.45
CA PHE A 1657 -3.70 -7.24 -6.55
C PHE A 1657 -4.81 -6.29 -6.99
N ILE A 1658 -5.99 -6.83 -7.29
CA ILE A 1658 -7.03 -6.00 -7.90
C ILE A 1658 -7.50 -4.95 -6.91
N GLY A 1659 -7.43 -5.23 -5.61
CA GLY A 1659 -7.79 -4.22 -4.65
C GLY A 1659 -6.74 -3.14 -4.52
N ILE A 1660 -5.53 -3.53 -4.11
CA ILE A 1660 -4.50 -2.55 -3.77
C ILE A 1660 -4.04 -1.81 -5.03
N ASN A 1661 -3.52 -2.55 -6.01
CA ASN A 1661 -2.91 -1.88 -7.16
C ASN A 1661 -3.92 -1.15 -8.02
N GLY A 1662 -5.21 -1.27 -7.74
CA GLY A 1662 -6.18 -0.40 -8.39
C GLY A 1662 -6.50 0.82 -7.54
N SER A 1663 -6.95 0.59 -6.30
CA SER A 1663 -7.41 1.70 -5.47
C SER A 1663 -6.28 2.65 -5.12
N MET A 1664 -5.16 2.11 -4.60
CA MET A 1664 -4.07 2.98 -4.20
C MET A 1664 -3.37 3.60 -5.40
N ALA A 1665 -3.39 2.93 -6.55
CA ALA A 1665 -2.88 3.55 -7.77
C ALA A 1665 -3.72 4.76 -8.17
N THR A 1666 -5.05 4.62 -8.11
CA THR A 1666 -5.91 5.78 -8.39
C THR A 1666 -5.67 6.88 -7.36
N PHE A 1667 -5.45 6.51 -6.10
CA PHE A 1667 -5.15 7.50 -5.07
C PHE A 1667 -3.87 8.26 -5.39
N VAL A 1668 -2.83 7.54 -5.82
CA VAL A 1668 -1.57 8.19 -6.21
C VAL A 1668 -1.79 9.12 -7.40
N LEU A 1669 -2.59 8.67 -8.36
CA LEU A 1669 -2.86 9.49 -9.53
C LEU A 1669 -3.58 10.79 -9.14
N GLU A 1670 -4.54 10.71 -8.22
CA GLU A 1670 -5.35 11.87 -7.89
C GLU A 1670 -4.56 12.90 -7.09
N LEU A 1671 -3.52 12.48 -6.39
CA LEU A 1671 -2.68 13.40 -5.64
C LEU A 1671 -1.52 13.91 -6.50
N PHE A 1672 -0.68 14.73 -5.88
CA PHE A 1672 0.56 15.22 -6.48
C PHE A 1672 0.32 15.97 -7.78
N SER A 1673 0.63 15.35 -8.91
CA SER A 1673 0.49 16.00 -10.20
C SER A 1673 -0.97 16.31 -10.51
N ASP A 1674 -1.20 17.48 -11.08
CA ASP A 1674 -2.55 17.97 -11.41
C ASP A 1674 -2.57 18.54 -12.82
N GLN A 1675 -2.03 17.79 -13.77
CA GLN A 1675 -1.86 18.21 -15.15
C GLN A 1675 -2.96 17.66 -16.07
N LYS A 1676 -4.20 17.65 -15.58
CA LYS A 1676 -5.40 17.01 -16.15
C LYS A 1676 -5.39 15.53 -15.79
N LEU A 1677 -4.34 15.05 -15.12
CA LEU A 1677 -4.41 13.72 -14.51
C LEU A 1677 -5.53 13.65 -13.46
N GLN A 1678 -5.96 14.79 -12.93
CA GLN A 1678 -7.17 14.82 -12.12
C GLN A 1678 -8.37 14.38 -12.95
N GLU A 1679 -8.48 14.90 -14.17
CA GLU A 1679 -9.56 14.48 -15.06
C GLU A 1679 -9.44 13.00 -15.42
N VAL A 1680 -8.21 12.53 -15.62
CA VAL A 1680 -7.99 11.11 -15.92
C VAL A 1680 -8.44 10.25 -14.75
N SER A 1681 -8.09 10.66 -13.52
CA SER A 1681 -8.51 9.92 -12.34
C SER A 1681 -10.02 9.95 -12.16
N ARG A 1682 -10.66 11.07 -12.49
CA ARG A 1682 -12.12 11.12 -12.45
C ARG A 1682 -12.74 10.18 -13.48
N ILE A 1683 -12.15 10.08 -14.67
CA ILE A 1683 -12.63 9.12 -15.66
C ILE A 1683 -12.49 7.70 -15.14
N LEU A 1684 -11.33 7.37 -14.59
CA LEU A 1684 -11.07 6.00 -14.17
C LEU A 1684 -11.85 5.62 -12.92
N LYS A 1685 -12.22 6.60 -12.10
CA LYS A 1685 -12.85 6.30 -10.82
C LYS A 1685 -14.21 5.64 -11.00
N GLN A 1686 -15.00 6.10 -11.96
CA GLN A 1686 -16.34 5.55 -12.14
C GLN A 1686 -16.30 4.17 -12.79
N VAL A 1687 -15.27 3.90 -13.59
CA VAL A 1687 -15.19 2.61 -14.27
C VAL A 1687 -14.95 1.47 -13.28
N PHE A 1688 -14.13 1.72 -12.26
CA PHE A 1688 -13.75 0.67 -11.31
C PHE A 1688 -14.82 0.47 -10.24
N LEU A 1689 -16.05 0.25 -10.69
CA LEU A 1689 -17.15 -0.06 -9.80
C LEU A 1689 -17.70 -1.47 -9.98
N ILE A 1690 -17.34 -2.17 -11.05
CA ILE A 1690 -17.76 -3.55 -11.22
C ILE A 1690 -17.12 -4.43 -10.16
N PHE A 1691 -15.86 -4.19 -9.86
CA PHE A 1691 -15.15 -5.01 -8.88
C PHE A 1691 -15.58 -4.62 -7.47
N PRO A 1692 -16.10 -5.55 -6.68
CA PRO A 1692 -16.46 -5.24 -5.29
C PRO A 1692 -15.26 -5.02 -4.38
N HIS A 1693 -14.04 -5.31 -4.84
CA HIS A 1693 -12.86 -4.99 -4.06
C HIS A 1693 -12.54 -3.49 -4.08
N PHE A 1694 -12.80 -2.82 -5.20
CA PHE A 1694 -12.55 -1.38 -5.28
C PHE A 1694 -13.49 -0.60 -4.37
N CYS A 1695 -14.71 -1.10 -4.16
CA CYS A 1695 -15.68 -0.40 -3.32
C CYS A 1695 -15.27 -0.36 -1.86
N LEU A 1696 -14.28 -1.13 -1.44
CA LEU A 1696 -13.76 -1.07 -0.09
C LEU A 1696 -12.51 -0.23 0.05
N GLY A 1697 -11.71 -0.13 -1.02
CA GLY A 1697 -10.50 0.68 -0.97
C GLY A 1697 -10.79 2.16 -1.00
N ARG A 1698 -11.47 2.63 -2.04
CA ARG A 1698 -11.77 4.05 -2.16
C ARG A 1698 -12.69 4.51 -1.04
N GLY A 1699 -13.62 3.65 -0.61
CA GLY A 1699 -14.52 4.01 0.47
C GLY A 1699 -13.81 4.25 1.78
N LEU A 1700 -12.74 3.50 2.04
CA LEU A 1700 -11.98 3.65 3.28
C LEU A 1700 -10.89 4.72 3.18
N ILE A 1701 -10.76 5.37 2.04
CA ILE A 1701 -9.83 6.48 1.87
C ILE A 1701 -10.58 7.82 1.84
N ASP A 1702 -11.74 7.86 1.18
CA ASP A 1702 -12.52 9.09 1.14
C ASP A 1702 -12.97 9.50 2.53
N MET A 1703 -13.35 8.54 3.37
CA MET A 1703 -13.75 8.86 4.74
C MET A 1703 -12.60 9.51 5.50
N VAL A 1704 -11.39 8.95 5.36
CA VAL A 1704 -10.23 9.50 6.06
C VAL A 1704 -9.91 10.91 5.55
N ARG A 1705 -9.97 11.10 4.23
CA ARG A 1705 -9.68 12.43 3.69
C ARG A 1705 -10.70 13.46 4.18
N ASN A 1706 -11.98 13.10 4.19
CA ASN A 1706 -13.01 14.03 4.67
C ASN A 1706 -12.83 14.32 6.16
N GLN A 1707 -12.47 13.30 6.95
CA GLN A 1707 -12.22 13.53 8.36
C GLN A 1707 -11.03 14.46 8.57
N ALA A 1708 -9.98 14.29 7.76
CA ALA A 1708 -8.82 15.18 7.86
C ALA A 1708 -9.20 16.62 7.51
N MET A 1709 -9.99 16.80 6.46
CA MET A 1709 -10.42 18.15 6.10
C MET A 1709 -11.29 18.77 7.19
N ALA A 1710 -12.19 17.98 7.80
CA ALA A 1710 -13.01 18.49 8.88
C ALA A 1710 -12.16 18.86 10.09
N ASP A 1711 -11.14 18.04 10.40
CA ASP A 1711 -10.25 18.37 11.50
C ASP A 1711 -9.47 19.65 11.22
N ALA A 1712 -9.03 19.84 9.98
CA ALA A 1712 -8.33 21.07 9.63
C ALA A 1712 -9.25 22.27 9.78
N PHE A 1713 -10.50 22.15 9.34
CA PHE A 1713 -11.45 23.25 9.51
C PHE A 1713 -11.71 23.55 10.98
N GLU A 1714 -11.84 22.50 11.80
CA GLU A 1714 -12.06 22.70 13.23
C GLU A 1714 -10.87 23.40 13.88
N ARG A 1715 -9.65 22.98 13.51
CA ARG A 1715 -8.46 23.64 14.05
C ARG A 1715 -8.37 25.08 13.61
N LEU A 1716 -8.74 25.37 12.36
CA LEU A 1716 -8.78 26.75 11.89
C LEU A 1716 -9.83 27.56 12.63
N GLY A 1717 -10.92 26.91 13.06
CA GLY A 1717 -11.98 27.58 13.78
C GLY A 1717 -13.20 27.93 12.96
N ASP A 1718 -13.25 27.53 11.68
CA ASP A 1718 -14.40 27.85 10.86
C ASP A 1718 -15.64 27.04 11.28
N ARG A 1719 -15.43 25.86 11.85
CA ARG A 1719 -16.51 25.02 12.38
C ARG A 1719 -17.50 24.64 11.29
N GLN A 1720 -16.99 23.93 10.28
CA GLN A 1720 -17.80 23.36 9.22
C GLN A 1720 -17.71 21.84 9.26
N PHE A 1721 -18.85 21.17 9.34
CA PHE A 1721 -18.92 19.72 9.43
C PHE A 1721 -19.73 19.18 8.26
N GLN A 1722 -19.14 18.22 7.55
CA GLN A 1722 -19.79 17.62 6.39
C GLN A 1722 -20.56 16.37 6.81
N SER A 1723 -21.03 15.60 5.83
CA SER A 1723 -21.78 14.39 6.10
C SER A 1723 -21.05 13.18 5.50
N PRO A 1724 -20.97 12.07 6.22
CA PRO A 1724 -20.27 10.89 5.70
C PRO A 1724 -20.98 10.28 4.50
N LEU A 1725 -22.28 10.04 4.63
CA LEU A 1725 -23.06 9.42 3.57
C LEU A 1725 -23.50 10.49 2.58
N ARG A 1726 -22.83 10.55 1.44
CA ARG A 1726 -23.15 11.50 0.39
C ARG A 1726 -23.07 10.79 -0.96
N TRP A 1727 -23.74 11.37 -1.95
CA TRP A 1727 -23.74 10.78 -3.29
C TRP A 1727 -22.34 10.67 -3.85
N GLU A 1728 -21.52 11.71 -3.68
CA GLU A 1728 -20.18 11.75 -4.23
C GLU A 1728 -19.10 11.37 -3.21
N VAL A 1729 -19.47 10.64 -2.16
CA VAL A 1729 -18.49 10.21 -1.17
C VAL A 1729 -18.47 8.69 -1.07
N VAL A 1730 -19.58 8.10 -0.63
CA VAL A 1730 -19.64 6.66 -0.43
C VAL A 1730 -20.93 6.09 -1.01
N GLY A 1731 -21.88 6.97 -1.34
CA GLY A 1731 -23.19 6.49 -1.75
C GLY A 1731 -23.18 5.71 -3.05
N LYS A 1732 -22.43 6.19 -4.04
CA LYS A 1732 -22.40 5.51 -5.34
C LYS A 1732 -21.82 4.10 -5.21
N ASN A 1733 -20.77 3.95 -4.41
CA ASN A 1733 -20.18 2.63 -4.21
C ASN A 1733 -21.21 1.68 -3.60
N LEU A 1734 -21.91 2.13 -2.57
CA LEU A 1734 -22.92 1.29 -1.93
C LEU A 1734 -24.00 0.88 -2.93
N LEU A 1735 -24.53 1.85 -3.68
CA LEU A 1735 -25.61 1.54 -4.61
C LEU A 1735 -25.15 0.55 -5.66
N ALA A 1736 -23.98 0.80 -6.26
CA ALA A 1736 -23.50 -0.08 -7.33
C ALA A 1736 -23.23 -1.49 -6.81
N MET A 1737 -22.63 -1.60 -5.63
CA MET A 1737 -22.28 -2.92 -5.13
C MET A 1737 -23.52 -3.69 -4.68
N VAL A 1738 -24.52 -2.99 -4.12
CA VAL A 1738 -25.80 -3.65 -3.82
C VAL A 1738 -26.45 -4.15 -5.10
N ILE A 1739 -26.46 -3.32 -6.16
CA ILE A 1739 -27.18 -3.75 -7.35
C ILE A 1739 -26.43 -4.88 -8.06
N GLN A 1740 -25.11 -4.96 -7.91
CA GLN A 1740 -24.36 -6.04 -8.54
C GLN A 1740 -24.21 -7.28 -7.65
N GLY A 1741 -24.65 -7.22 -6.40
CA GLY A 1741 -24.59 -8.36 -5.50
C GLY A 1741 -25.09 -9.68 -6.06
N PRO A 1742 -26.40 -9.79 -6.29
CA PRO A 1742 -26.98 -11.10 -6.65
C PRO A 1742 -26.78 -11.51 -8.11
N LEU A 1743 -26.29 -10.61 -8.97
CA LEU A 1743 -26.03 -11.00 -10.35
C LEU A 1743 -24.99 -12.10 -10.43
N PHE A 1744 -23.99 -12.07 -9.53
CA PHE A 1744 -22.98 -13.10 -9.52
C PHE A 1744 -23.56 -14.45 -9.11
N LEU A 1745 -24.49 -14.46 -8.15
CA LEU A 1745 -25.16 -15.70 -7.81
C LEU A 1745 -25.99 -16.22 -8.99
N LEU A 1746 -26.68 -15.33 -9.69
CA LEU A 1746 -27.45 -15.75 -10.86
C LEU A 1746 -26.54 -16.35 -11.91
N PHE A 1747 -25.38 -15.73 -12.14
CA PHE A 1747 -24.41 -16.28 -13.08
C PHE A 1747 -23.89 -17.63 -12.61
N THR A 1748 -23.72 -17.80 -11.30
CA THR A 1748 -23.27 -19.08 -10.76
C THR A 1748 -24.26 -20.19 -11.08
N LEU A 1749 -25.54 -19.95 -10.81
CA LEU A 1749 -26.55 -20.97 -11.13
C LEU A 1749 -26.66 -21.20 -12.64
N LEU A 1750 -26.53 -20.13 -13.43
CA LEU A 1750 -26.59 -20.29 -14.88
C LEU A 1750 -25.45 -21.15 -15.39
N LEU A 1751 -24.24 -20.97 -14.84
CA LEU A 1751 -23.11 -21.79 -15.24
C LEU A 1751 -23.26 -23.22 -14.73
N GLN A 1752 -23.86 -23.40 -13.55
CA GLN A 1752 -24.10 -24.74 -13.04
C GLN A 1752 -25.04 -25.51 -13.97
N HIS A 1753 -26.10 -24.85 -14.45
CA HIS A 1753 -27.00 -25.46 -15.43
C HIS A 1753 -26.48 -25.29 -16.86
N ARG A 1754 -25.22 -25.67 -17.09
CA ARG A 1754 -24.65 -25.55 -18.42
C ARG A 1754 -25.14 -26.65 -19.36
N SER A 1755 -25.37 -27.86 -18.84
CA SER A 1755 -25.83 -28.97 -19.66
C SER A 1755 -27.29 -28.77 -19.98
N GLN A 1756 -27.57 -28.34 -21.21
CA GLN A 1756 -28.95 -28.10 -21.64
C GLN A 1756 -29.35 -29.06 -22.76
N ASP A 1773 -20.97 -61.43 -32.99
CA ASP A 1773 -21.89 -62.55 -32.97
C ASP A 1773 -23.22 -62.19 -33.63
N GLU A 1774 -24.24 -63.00 -33.36
CA GLU A 1774 -25.58 -62.77 -33.91
C GLU A 1774 -26.55 -62.22 -32.89
N ASP A 1775 -26.35 -62.53 -31.60
CA ASP A 1775 -27.27 -62.05 -30.57
C ASP A 1775 -27.23 -60.53 -30.47
N VAL A 1776 -26.04 -59.94 -30.59
CA VAL A 1776 -25.92 -58.48 -30.47
C VAL A 1776 -26.66 -57.79 -31.61
N ALA A 1777 -26.56 -58.32 -32.83
CA ALA A 1777 -27.27 -57.72 -33.96
C ALA A 1777 -28.78 -57.81 -33.76
N ARG A 1778 -29.28 -58.95 -33.29
CA ARG A 1778 -30.71 -59.09 -33.04
C ARG A 1778 -31.17 -58.12 -31.95
N GLU A 1779 -30.36 -57.96 -30.89
CA GLU A 1779 -30.72 -57.03 -29.83
C GLU A 1779 -30.73 -55.59 -30.35
N ARG A 1780 -29.76 -55.24 -31.19
CA ARG A 1780 -29.74 -53.89 -31.77
C ARG A 1780 -30.97 -53.66 -32.65
N GLU A 1781 -31.34 -54.65 -33.46
CA GLU A 1781 -32.52 -54.51 -34.30
C GLU A 1781 -33.78 -54.36 -33.46
N ARG A 1782 -33.88 -55.14 -32.37
CA ARG A 1782 -35.04 -55.03 -31.49
C ARG A 1782 -35.09 -53.64 -30.85
N VAL A 1783 -33.96 -53.13 -30.40
CA VAL A 1783 -33.93 -51.82 -29.77
C VAL A 1783 -34.31 -50.73 -30.76
N VAL A 1784 -33.78 -50.80 -31.98
CA VAL A 1784 -34.03 -49.75 -32.97
C VAL A 1784 -35.51 -49.71 -33.36
N GLN A 1785 -36.10 -50.88 -33.62
CA GLN A 1785 -37.46 -50.96 -34.12
C GLN A 1785 -38.47 -51.20 -33.00
N GLY A 1786 -38.31 -52.29 -32.26
CA GLY A 1786 -39.25 -52.59 -31.19
C GLY A 1786 -39.15 -51.61 -30.04
N ALA A 1787 -40.26 -51.46 -29.32
CA ALA A 1787 -40.36 -50.56 -28.17
C ALA A 1787 -40.86 -51.37 -26.99
N THR A 1788 -39.94 -51.89 -26.19
CA THR A 1788 -40.28 -52.67 -25.00
C THR A 1788 -40.62 -51.70 -23.88
N GLN A 1789 -41.92 -51.51 -23.62
CA GLN A 1789 -42.35 -50.58 -22.59
C GLN A 1789 -41.94 -51.04 -21.20
N GLY A 1790 -41.75 -52.35 -21.01
CA GLY A 1790 -41.35 -52.85 -19.71
C GLY A 1790 -39.95 -52.41 -19.30
N ASP A 1791 -39.05 -52.25 -20.27
CA ASP A 1791 -37.68 -51.89 -19.97
C ASP A 1791 -37.59 -50.54 -19.26
N VAL A 1792 -36.65 -50.44 -18.34
CA VAL A 1792 -36.47 -49.20 -17.57
C VAL A 1792 -35.45 -48.29 -18.23
N LEU A 1793 -34.31 -48.81 -18.63
CA LEU A 1793 -33.25 -48.04 -19.26
C LEU A 1793 -33.07 -48.46 -20.71
N VAL A 1794 -32.95 -47.48 -21.60
CA VAL A 1794 -32.78 -47.73 -23.03
C VAL A 1794 -31.61 -46.88 -23.53
N LEU A 1795 -30.64 -47.53 -24.15
CA LEU A 1795 -29.50 -46.86 -24.75
C LEU A 1795 -29.71 -46.76 -26.26
N ARG A 1796 -29.29 -45.64 -26.85
CA ARG A 1796 -29.45 -45.39 -28.28
C ARG A 1796 -28.13 -44.86 -28.83
N ASN A 1797 -27.27 -45.78 -29.28
CA ASN A 1797 -26.07 -45.47 -30.05
C ASN A 1797 -25.20 -44.42 -29.35
N LEU A 1798 -24.70 -44.78 -28.18
CA LEU A 1798 -23.94 -43.84 -27.37
C LEU A 1798 -22.47 -43.88 -27.75
N THR A 1799 -21.86 -42.70 -27.87
CA THR A 1799 -20.47 -42.61 -28.24
C THR A 1799 -19.90 -41.27 -27.77
N LYS A 1800 -18.59 -41.25 -27.53
CA LYS A 1800 -17.91 -40.06 -27.03
C LYS A 1800 -16.39 -40.22 -27.11
N VAL A 1801 -15.69 -39.16 -27.51
CA VAL A 1801 -14.28 -39.22 -27.86
C VAL A 1801 -13.50 -38.29 -26.93
N TYR A 1802 -12.30 -38.73 -26.53
CA TYR A 1802 -11.48 -38.02 -25.53
C TYR A 1802 -10.64 -36.93 -26.19
N ARG A 1803 -11.32 -35.96 -26.80
CA ARG A 1803 -10.70 -34.79 -27.39
C ARG A 1803 -9.63 -35.17 -28.42
N GLY A 1804 -10.05 -35.95 -29.41
CA GLY A 1804 -9.17 -36.33 -30.49
C GLY A 1804 -8.14 -37.39 -30.14
N GLN A 1805 -8.61 -38.59 -29.79
CA GLN A 1805 -7.74 -39.74 -29.56
C GLN A 1805 -7.88 -40.78 -30.67
N ARG A 1806 -8.17 -40.33 -31.88
CA ARG A 1806 -8.34 -41.20 -33.04
C ARG A 1806 -9.44 -42.24 -32.79
N MET A 1807 -9.05 -43.43 -32.36
CA MET A 1807 -10.01 -44.51 -32.16
C MET A 1807 -10.92 -44.19 -30.98
N PRO A 1808 -12.25 -44.13 -31.18
CA PRO A 1808 -13.15 -43.79 -30.07
C PRO A 1808 -13.24 -44.93 -29.07
N ALA A 1809 -13.07 -44.61 -27.79
CA ALA A 1809 -13.07 -45.65 -26.76
C ALA A 1809 -14.41 -46.34 -26.67
N VAL A 1810 -15.50 -45.58 -26.71
CA VAL A 1810 -16.86 -46.12 -26.61
C VAL A 1810 -17.68 -45.60 -27.77
N ASP A 1811 -18.31 -46.52 -28.52
CA ASP A 1811 -19.06 -46.10 -29.69
C ASP A 1811 -20.09 -47.18 -30.05
N ARG A 1812 -21.28 -46.74 -30.43
CA ARG A 1812 -22.33 -47.59 -31.01
C ARG A 1812 -22.72 -48.72 -30.06
N LEU A 1813 -23.31 -48.32 -28.94
CA LEU A 1813 -23.85 -49.24 -27.95
C LEU A 1813 -25.37 -49.15 -27.92
N CYS A 1814 -26.04 -50.30 -27.98
CA CYS A 1814 -27.48 -50.39 -27.86
C CYS A 1814 -27.82 -51.51 -26.88
N LEU A 1815 -28.77 -51.25 -26.00
CA LEU A 1815 -29.08 -52.20 -24.93
C LEU A 1815 -30.44 -51.88 -24.34
N GLY A 1816 -31.08 -52.90 -23.78
CA GLY A 1816 -32.34 -52.74 -23.08
C GLY A 1816 -32.43 -53.67 -21.88
N ILE A 1817 -32.71 -53.12 -20.70
CA ILE A 1817 -32.73 -53.88 -19.46
C ILE A 1817 -34.15 -53.86 -18.90
N PRO A 1818 -34.70 -55.00 -18.49
CA PRO A 1818 -36.01 -54.99 -17.85
C PRO A 1818 -35.87 -54.92 -16.34
N PRO A 1819 -36.95 -54.63 -15.62
CA PRO A 1819 -36.86 -54.61 -14.15
C PRO A 1819 -36.62 -55.99 -13.57
N GLY A 1820 -35.91 -56.02 -12.46
CA GLY A 1820 -35.63 -57.26 -11.75
C GLY A 1820 -34.68 -58.22 -12.43
N GLU A 1821 -33.60 -57.72 -13.01
CA GLU A 1821 -32.54 -58.57 -13.55
C GLU A 1821 -31.19 -57.96 -13.20
N CYS A 1822 -30.36 -58.74 -12.50
CA CYS A 1822 -29.01 -58.29 -12.13
C CYS A 1822 -28.13 -58.36 -13.37
N PHE A 1823 -28.08 -57.24 -14.09
CA PHE A 1823 -27.24 -57.17 -15.28
C PHE A 1823 -25.77 -57.23 -14.89
N GLY A 1824 -24.95 -57.71 -15.83
CA GLY A 1824 -23.53 -57.77 -15.62
C GLY A 1824 -22.79 -57.36 -16.88
N LEU A 1825 -21.52 -57.01 -16.71
CA LEU A 1825 -20.70 -56.56 -17.83
C LEU A 1825 -19.24 -56.75 -17.46
N LEU A 1826 -18.53 -57.55 -18.25
CA LEU A 1826 -17.11 -57.81 -18.03
C LEU A 1826 -16.29 -57.13 -19.13
N GLY A 1827 -14.98 -57.36 -19.08
CA GLY A 1827 -14.10 -56.78 -20.07
C GLY A 1827 -12.65 -56.91 -19.64
N VAL A 1828 -11.80 -56.09 -20.27
CA VAL A 1828 -10.38 -56.06 -19.94
C VAL A 1828 -9.99 -54.64 -19.61
N ASN A 1829 -8.74 -54.45 -19.15
CA ASN A 1829 -8.30 -53.13 -18.71
C ASN A 1829 -8.10 -52.22 -19.91
N GLY A 1830 -9.15 -51.54 -20.32
CA GLY A 1830 -9.11 -50.67 -21.49
C GLY A 1830 -10.37 -50.75 -22.31
N ALA A 1831 -11.30 -51.60 -21.88
CA ALA A 1831 -12.58 -51.73 -22.60
C ALA A 1831 -13.37 -50.43 -22.56
N GLY A 1832 -13.42 -49.78 -21.40
CA GLY A 1832 -14.17 -48.55 -21.26
C GLY A 1832 -15.40 -48.70 -20.40
N LYS A 1833 -15.32 -49.54 -19.37
CA LYS A 1833 -16.46 -49.73 -18.47
C LYS A 1833 -16.76 -48.47 -17.68
N THR A 1834 -15.75 -47.88 -17.05
CA THR A 1834 -15.94 -46.66 -16.29
C THR A 1834 -16.40 -45.53 -17.19
N SER A 1835 -15.93 -45.51 -18.44
CA SER A 1835 -16.42 -44.53 -19.40
C SER A 1835 -17.92 -44.70 -19.65
N THR A 1836 -18.37 -45.95 -19.77
CA THR A 1836 -19.79 -46.20 -19.96
C THR A 1836 -20.60 -45.74 -18.76
N PHE A 1837 -20.12 -46.04 -17.56
CA PHE A 1837 -20.83 -45.58 -16.36
C PHE A 1837 -20.89 -44.06 -16.29
N ARG A 1838 -19.77 -43.38 -16.53
CA ARG A 1838 -19.80 -41.93 -16.49
C ARG A 1838 -20.68 -41.35 -17.60
N MET A 1839 -20.81 -42.06 -18.72
CA MET A 1839 -21.62 -41.55 -19.82
C MET A 1839 -23.10 -41.71 -19.52
N VAL A 1840 -23.50 -42.84 -18.91
CA VAL A 1840 -24.92 -43.11 -18.73
C VAL A 1840 -25.45 -42.57 -17.40
N THR A 1841 -24.60 -42.45 -16.38
CA THR A 1841 -25.07 -42.01 -15.07
C THR A 1841 -25.38 -40.53 -15.06
N GLY A 1842 -24.71 -39.75 -15.91
CA GLY A 1842 -24.93 -38.32 -15.99
C GLY A 1842 -23.77 -37.47 -15.53
N ASP A 1843 -22.62 -38.08 -15.23
CA ASP A 1843 -21.47 -37.31 -14.77
C ASP A 1843 -20.82 -36.54 -15.91
N THR A 1844 -20.91 -37.03 -17.14
CA THR A 1844 -20.29 -36.39 -18.29
C THR A 1844 -21.33 -36.15 -19.37
N LEU A 1845 -21.10 -35.12 -20.18
CA LEU A 1845 -22.00 -34.78 -21.27
C LEU A 1845 -21.68 -35.64 -22.48
N ALA A 1846 -22.72 -36.03 -23.21
CA ALA A 1846 -22.59 -37.02 -24.28
C ALA A 1846 -22.09 -36.38 -25.57
N SER A 1847 -21.89 -37.20 -26.59
CA SER A 1847 -21.56 -36.72 -27.92
C SER A 1847 -22.63 -37.07 -28.96
N ARG A 1848 -23.02 -38.34 -29.04
CA ARG A 1848 -24.11 -38.76 -29.90
C ARG A 1848 -24.92 -39.84 -29.19
N GLY A 1849 -26.17 -40.00 -29.61
CA GLY A 1849 -27.05 -40.98 -29.02
C GLY A 1849 -27.71 -40.45 -27.76
N GLU A 1850 -28.50 -41.32 -27.12
CA GLU A 1850 -29.24 -40.95 -25.93
C GLU A 1850 -29.24 -42.10 -24.93
N ALA A 1851 -29.58 -41.77 -23.69
CA ALA A 1851 -29.69 -42.76 -22.60
C ALA A 1851 -30.97 -42.42 -21.82
N VAL A 1852 -32.08 -43.03 -22.21
CA VAL A 1852 -33.37 -42.76 -21.58
C VAL A 1852 -33.49 -43.64 -20.34
N LEU A 1853 -33.84 -43.01 -19.21
CA LEU A 1853 -33.97 -43.69 -17.93
C LEU A 1853 -35.38 -43.46 -17.40
N ALA A 1854 -36.25 -44.46 -17.55
CA ALA A 1854 -37.62 -44.43 -17.03
C ALA A 1854 -38.38 -43.21 -17.56
N GLY A 1855 -38.52 -43.16 -18.88
CA GLY A 1855 -39.28 -42.08 -19.52
C GLY A 1855 -38.57 -40.77 -19.70
N HIS A 1856 -37.94 -40.26 -18.65
CA HIS A 1856 -37.24 -38.98 -18.72
C HIS A 1856 -35.79 -39.21 -19.12
N SER A 1857 -35.37 -38.55 -20.19
CA SER A 1857 -33.99 -38.69 -20.66
C SER A 1857 -33.03 -37.95 -19.73
N VAL A 1858 -31.84 -38.53 -19.56
CA VAL A 1858 -30.82 -37.89 -18.73
C VAL A 1858 -30.38 -36.57 -19.35
N ALA A 1859 -30.21 -36.53 -20.68
CA ALA A 1859 -29.77 -35.30 -21.33
C ALA A 1859 -30.90 -34.28 -21.41
N ARG A 1860 -32.11 -34.71 -21.76
CA ARG A 1860 -33.21 -33.79 -21.95
C ARG A 1860 -33.63 -33.14 -20.63
N GLU A 1861 -33.87 -33.95 -19.60
CA GLU A 1861 -34.26 -33.46 -18.28
C GLU A 1861 -33.40 -34.15 -17.23
N PRO A 1862 -32.22 -33.62 -16.95
CA PRO A 1862 -31.33 -34.28 -15.97
C PRO A 1862 -31.94 -34.43 -14.58
N SER A 1863 -32.77 -33.49 -14.16
CA SER A 1863 -33.32 -33.54 -12.80
C SER A 1863 -34.22 -34.75 -12.61
N ALA A 1864 -35.15 -34.98 -13.55
CA ALA A 1864 -36.08 -36.09 -13.42
C ALA A 1864 -35.37 -37.43 -13.42
N ALA A 1865 -34.35 -37.59 -14.28
CA ALA A 1865 -33.56 -38.81 -14.26
C ALA A 1865 -32.80 -38.94 -12.95
N HIS A 1866 -32.23 -37.85 -12.45
CA HIS A 1866 -31.49 -37.86 -11.19
C HIS A 1866 -32.38 -38.09 -9.98
N LEU A 1867 -33.71 -37.99 -10.14
CA LEU A 1867 -34.59 -38.12 -8.99
C LEU A 1867 -34.46 -39.49 -8.31
N SER A 1868 -34.41 -40.56 -9.10
CA SER A 1868 -34.47 -41.92 -8.56
C SER A 1868 -33.38 -42.79 -9.20
N MET A 1869 -32.25 -42.92 -8.50
CA MET A 1869 -31.19 -43.87 -8.83
C MET A 1869 -30.15 -43.82 -7.74
N GLY A 1870 -29.28 -44.82 -7.71
CA GLY A 1870 -28.19 -44.87 -6.77
C GLY A 1870 -26.88 -45.17 -7.47
N TYR A 1871 -25.79 -44.64 -6.92
CA TYR A 1871 -24.49 -44.70 -7.56
C TYR A 1871 -23.41 -45.08 -6.55
N CYS A 1872 -22.32 -45.63 -7.07
CA CYS A 1872 -21.13 -45.95 -6.28
C CYS A 1872 -19.92 -46.04 -7.20
N PRO A 1873 -19.16 -44.96 -7.36
CA PRO A 1873 -18.08 -44.95 -8.36
C PRO A 1873 -16.90 -45.81 -7.93
N GLN A 1874 -15.99 -46.03 -8.89
CA GLN A 1874 -14.78 -46.78 -8.61
C GLN A 1874 -13.91 -46.09 -7.58
N SER A 1875 -13.75 -44.78 -7.71
CA SER A 1875 -13.03 -43.98 -6.72
C SER A 1875 -14.02 -43.53 -5.65
N ASP A 1876 -13.83 -44.01 -4.43
CA ASP A 1876 -14.83 -43.81 -3.38
C ASP A 1876 -14.99 -42.33 -3.06
N ALA A 1877 -16.23 -41.95 -2.75
CA ALA A 1877 -16.62 -40.56 -2.49
C ALA A 1877 -17.15 -40.46 -1.07
N ILE A 1878 -16.29 -40.00 -0.15
CA ILE A 1878 -16.66 -39.85 1.26
C ILE A 1878 -16.08 -38.54 1.77
N PHE A 1879 -16.53 -38.15 2.97
CA PHE A 1879 -16.00 -36.99 3.67
C PHE A 1879 -15.01 -37.47 4.72
N GLU A 1880 -13.82 -36.86 4.74
CA GLU A 1880 -12.77 -37.34 5.63
C GLU A 1880 -13.07 -37.05 7.09
N LEU A 1881 -13.85 -36.01 7.38
CA LEU A 1881 -14.07 -35.60 8.75
C LEU A 1881 -15.33 -36.20 9.37
N LEU A 1882 -16.38 -36.40 8.57
CA LEU A 1882 -17.61 -36.98 9.08
C LEU A 1882 -17.42 -38.47 9.38
N THR A 1883 -18.47 -39.08 9.92
CA THR A 1883 -18.47 -40.51 10.19
C THR A 1883 -19.50 -41.20 9.28
N GLY A 1884 -19.57 -42.53 9.39
CA GLY A 1884 -20.50 -43.29 8.58
C GLY A 1884 -21.95 -43.01 8.95
N ARG A 1885 -22.24 -42.94 10.24
CA ARG A 1885 -23.61 -42.69 10.68
C ARG A 1885 -24.09 -41.33 10.19
N GLU A 1886 -23.22 -40.31 10.24
CA GLU A 1886 -23.59 -39.01 9.70
C GLU A 1886 -23.90 -39.10 8.21
N HIS A 1887 -23.10 -39.86 7.47
CA HIS A 1887 -23.35 -40.03 6.03
C HIS A 1887 -24.73 -40.63 5.79
N LEU A 1888 -25.02 -41.74 6.46
CA LEU A 1888 -26.29 -42.41 6.24
C LEU A 1888 -27.47 -41.55 6.66
N GLU A 1889 -27.36 -40.88 7.80
CA GLU A 1889 -28.44 -40.00 8.25
C GLU A 1889 -28.64 -38.85 7.28
N LEU A 1890 -27.55 -38.29 6.75
CA LEU A 1890 -27.67 -37.18 5.80
C LEU A 1890 -28.38 -37.62 4.55
N LEU A 1891 -27.98 -38.77 3.98
CA LEU A 1891 -28.66 -39.25 2.79
C LEU A 1891 -30.12 -39.58 3.07
N ALA A 1892 -30.42 -40.18 4.23
CA ALA A 1892 -31.80 -40.49 4.56
C ALA A 1892 -32.64 -39.22 4.66
N ARG A 1893 -32.12 -38.19 5.33
CA ARG A 1893 -32.85 -36.93 5.45
C ARG A 1893 -33.04 -36.28 4.09
N LEU A 1894 -32.01 -36.28 3.26
CA LEU A 1894 -32.10 -35.63 1.96
C LEU A 1894 -33.08 -36.34 1.04
N ARG A 1895 -33.18 -37.67 1.15
CA ARG A 1895 -34.08 -38.40 0.27
C ARG A 1895 -35.54 -38.04 0.53
N GLY A 1896 -35.92 -37.89 1.79
CA GLY A 1896 -37.27 -37.45 2.11
C GLY A 1896 -38.01 -38.32 3.11
N VAL A 1897 -37.29 -39.19 3.82
CA VAL A 1897 -37.92 -40.07 4.80
C VAL A 1897 -38.37 -39.22 5.99
N PRO A 1898 -39.37 -39.66 6.74
CA PRO A 1898 -39.78 -38.91 7.94
C PRO A 1898 -38.66 -38.87 8.98
N GLU A 1899 -38.65 -37.80 9.77
CA GLU A 1899 -37.58 -37.58 10.73
C GLU A 1899 -37.53 -38.69 11.78
N ALA A 1900 -38.67 -39.29 12.10
CA ALA A 1900 -38.70 -40.29 13.17
C ALA A 1900 -37.87 -41.51 12.83
N GLN A 1901 -37.91 -41.95 11.57
CA GLN A 1901 -37.29 -43.20 11.16
C GLN A 1901 -35.86 -43.04 10.65
N VAL A 1902 -35.30 -41.83 10.71
CA VAL A 1902 -33.95 -41.61 10.16
C VAL A 1902 -32.92 -42.43 10.91
N ALA A 1903 -32.97 -42.39 12.25
CA ALA A 1903 -32.00 -43.14 13.05
C ALA A 1903 -32.14 -44.64 12.82
N GLN A 1904 -33.39 -45.13 12.75
CA GLN A 1904 -33.61 -46.55 12.51
C GLN A 1904 -33.06 -46.98 11.16
N THR A 1905 -33.31 -46.18 10.11
CA THR A 1905 -32.81 -46.52 8.79
C THR A 1905 -31.28 -46.51 8.77
N ALA A 1906 -30.66 -45.52 9.41
CA ALA A 1906 -29.21 -45.46 9.46
C ALA A 1906 -28.63 -46.68 10.18
N GLY A 1907 -29.23 -47.05 11.31
CA GLY A 1907 -28.75 -48.22 12.04
C GLY A 1907 -28.89 -49.50 11.25
N SER A 1908 -30.04 -49.67 10.59
CA SER A 1908 -30.23 -50.87 9.77
C SER A 1908 -29.25 -50.92 8.61
N GLY A 1909 -29.03 -49.78 7.94
CA GLY A 1909 -28.07 -49.75 6.85
C GLY A 1909 -26.65 -50.06 7.31
N LEU A 1910 -26.25 -49.51 8.46
CA LEU A 1910 -24.92 -49.80 8.97
C LEU A 1910 -24.78 -51.27 9.35
N ALA A 1911 -25.79 -51.85 9.99
CA ALA A 1911 -25.70 -53.23 10.44
C ALA A 1911 -25.81 -54.22 9.29
N ARG A 1912 -26.44 -53.83 8.18
CA ARG A 1912 -26.65 -54.76 7.08
C ARG A 1912 -25.34 -55.20 6.44
N LEU A 1913 -24.39 -54.26 6.29
CA LEU A 1913 -23.15 -54.53 5.58
C LEU A 1913 -21.99 -54.87 6.51
N GLY A 1914 -22.26 -55.16 7.78
CA GLY A 1914 -21.21 -55.51 8.71
C GLY A 1914 -20.47 -54.34 9.32
N LEU A 1915 -20.88 -53.11 9.03
CA LEU A 1915 -20.26 -51.92 9.60
C LEU A 1915 -21.00 -51.55 10.88
N SER A 1916 -20.43 -51.95 12.02
CA SER A 1916 -21.00 -51.50 13.33
C SER A 1916 -19.87 -51.16 14.30
N TRP A 1917 -18.87 -52.03 14.42
CA TRP A 1917 -17.76 -51.80 15.38
C TRP A 1917 -16.97 -50.57 14.96
N TYR A 1918 -17.07 -50.21 13.70
CA TYR A 1918 -16.38 -48.99 13.19
C TYR A 1918 -17.43 -48.03 12.62
N ALA A 1919 -18.49 -47.71 13.38
CA ALA A 1919 -19.55 -46.84 12.81
C ALA A 1919 -19.57 -45.50 13.53
N ASP A 1920 -18.55 -45.20 14.33
CA ASP A 1920 -18.49 -43.92 15.10
C ASP A 1920 -17.17 -43.18 14.80
N ARG A 1921 -16.13 -43.88 14.41
CA ARG A 1921 -14.89 -43.20 14.08
C ARG A 1921 -15.08 -42.34 12.83
N PRO A 1922 -14.25 -41.32 12.65
CA PRO A 1922 -14.36 -40.50 11.44
C PRO A 1922 -14.05 -41.33 10.20
N ALA A 1923 -14.71 -40.99 9.09
CA ALA A 1923 -14.54 -41.76 7.86
C ALA A 1923 -13.14 -41.66 7.29
N GLY A 1924 -12.36 -40.66 7.70
CA GLY A 1924 -11.02 -40.51 7.18
C GLY A 1924 -9.98 -41.45 7.74
N THR A 1925 -10.35 -42.27 8.73
CA THR A 1925 -9.41 -43.20 9.35
C THR A 1925 -9.68 -44.65 8.97
N TYR A 1926 -10.67 -44.91 8.12
CA TYR A 1926 -10.92 -46.27 7.66
C TYR A 1926 -9.81 -46.72 6.71
N SER A 1927 -9.75 -48.04 6.49
CA SER A 1927 -8.85 -48.60 5.50
C SER A 1927 -9.58 -48.70 4.15
N GLY A 1928 -8.95 -49.38 3.18
CA GLY A 1928 -9.56 -49.48 1.87
C GLY A 1928 -10.84 -50.29 1.87
N GLY A 1929 -10.83 -51.44 2.55
CA GLY A 1929 -12.02 -52.29 2.57
C GLY A 1929 -13.20 -51.63 3.24
N ASN A 1930 -12.96 -50.98 4.38
CA ASN A 1930 -14.03 -50.29 5.09
C ASN A 1930 -14.59 -49.14 4.26
N LYS A 1931 -13.70 -48.41 3.57
CA LYS A 1931 -14.17 -47.33 2.69
C LYS A 1931 -15.01 -47.89 1.56
N ARG A 1932 -14.61 -49.01 0.97
CA ARG A 1932 -15.42 -49.63 -0.09
C ARG A 1932 -16.78 -50.05 0.45
N LYS A 1933 -16.81 -50.65 1.63
CA LYS A 1933 -18.09 -51.05 2.23
C LYS A 1933 -18.99 -49.84 2.48
N LEU A 1934 -18.41 -48.75 2.98
CA LEU A 1934 -19.19 -47.54 3.22
C LEU A 1934 -19.72 -46.96 1.93
N ALA A 1935 -18.89 -46.92 0.88
CA ALA A 1935 -19.35 -46.38 -0.40
C ALA A 1935 -20.46 -47.24 -0.98
N THR A 1936 -20.37 -48.56 -0.83
CA THR A 1936 -21.46 -49.42 -1.26
C THR A 1936 -22.72 -49.16 -0.44
N ALA A 1937 -22.57 -48.97 0.87
CA ALA A 1937 -23.74 -48.75 1.73
C ALA A 1937 -24.47 -47.48 1.36
N LEU A 1938 -23.74 -46.42 1.03
CA LEU A 1938 -24.44 -45.20 0.59
C LEU A 1938 -25.10 -45.34 -0.79
N ALA A 1939 -25.14 -46.52 -1.42
CA ALA A 1939 -25.79 -46.66 -2.72
C ALA A 1939 -27.14 -47.37 -2.64
N LEU A 1940 -27.44 -48.03 -1.52
CA LEU A 1940 -28.68 -48.78 -1.37
C LEU A 1940 -29.65 -48.16 -0.37
N VAL A 1941 -29.21 -47.19 0.43
CA VAL A 1941 -30.07 -46.62 1.46
C VAL A 1941 -31.21 -45.83 0.82
N GLY A 1942 -32.41 -46.00 1.35
CA GLY A 1942 -33.58 -45.30 0.86
C GLY A 1942 -34.35 -46.01 -0.24
N ASP A 1943 -33.89 -47.17 -0.68
CA ASP A 1943 -34.57 -47.99 -1.67
C ASP A 1943 -34.78 -47.24 -2.98
N PRO A 1944 -33.73 -46.99 -3.75
CA PRO A 1944 -33.90 -46.34 -5.05
C PRO A 1944 -34.42 -47.33 -6.09
N ALA A 1945 -34.55 -46.85 -7.33
CA ALA A 1945 -35.10 -47.68 -8.39
C ALA A 1945 -34.05 -48.57 -9.02
N VAL A 1946 -32.98 -47.98 -9.55
CA VAL A 1946 -31.91 -48.72 -10.20
C VAL A 1946 -30.60 -48.39 -9.51
N VAL A 1947 -29.75 -49.40 -9.34
CA VAL A 1947 -28.47 -49.25 -8.66
C VAL A 1947 -27.37 -49.42 -9.70
N PHE A 1948 -26.60 -48.35 -9.93
CA PHE A 1948 -25.50 -48.38 -10.90
C PHE A 1948 -24.18 -48.67 -10.18
N LEU A 1949 -24.09 -49.83 -9.57
CA LEU A 1949 -22.88 -50.21 -8.86
C LEU A 1949 -21.72 -50.35 -9.84
N ASP A 1950 -20.64 -49.63 -9.58
CA ASP A 1950 -19.39 -49.83 -10.30
C ASP A 1950 -18.66 -50.97 -9.59
N GLN A 1951 -17.38 -51.18 -9.90
CA GLN A 1951 -16.62 -52.29 -9.32
C GLN A 1951 -16.66 -52.22 -7.79
N PRO A 1952 -17.41 -53.11 -7.14
CA PRO A 1952 -17.63 -52.96 -5.70
C PRO A 1952 -16.74 -53.81 -4.83
N THR A 1953 -16.04 -54.78 -5.43
CA THR A 1953 -15.29 -55.77 -4.68
C THR A 1953 -13.78 -55.58 -4.78
N THR A 1954 -13.33 -54.36 -5.08
CA THR A 1954 -11.91 -54.07 -5.22
C THR A 1954 -11.29 -53.97 -3.83
N GLY A 1955 -11.05 -55.13 -3.24
CA GLY A 1955 -10.40 -55.22 -1.94
C GLY A 1955 -11.28 -55.76 -0.82
N MET A 1956 -12.56 -56.03 -1.05
CA MET A 1956 -13.39 -56.54 0.02
C MET A 1956 -12.99 -57.97 0.39
N ASP A 1957 -13.30 -58.33 1.62
CA ASP A 1957 -12.96 -59.64 2.17
C ASP A 1957 -14.08 -60.64 1.89
N PRO A 1958 -13.80 -61.95 2.03
CA PRO A 1958 -14.85 -62.94 1.75
C PRO A 1958 -16.12 -62.75 2.55
N SER A 1959 -16.02 -62.39 3.83
CA SER A 1959 -17.22 -62.12 4.63
C SER A 1959 -17.95 -60.89 4.12
N ALA A 1960 -17.20 -59.82 3.85
CA ALA A 1960 -17.82 -58.59 3.36
C ALA A 1960 -18.45 -58.81 1.99
N ARG A 1961 -17.76 -59.54 1.11
CA ARG A 1961 -18.35 -59.79 -0.21
C ARG A 1961 -19.55 -60.73 -0.12
N ARG A 1962 -19.56 -61.65 0.85
CA ARG A 1962 -20.77 -62.44 1.07
C ARG A 1962 -21.92 -61.57 1.52
N PHE A 1963 -21.66 -60.61 2.41
CA PHE A 1963 -22.70 -59.67 2.82
C PHE A 1963 -23.22 -58.89 1.62
N LEU A 1964 -22.31 -58.42 0.75
CA LEU A 1964 -22.72 -57.67 -0.42
C LEU A 1964 -23.57 -58.53 -1.37
N TRP A 1965 -23.17 -59.79 -1.57
CA TRP A 1965 -23.95 -60.68 -2.43
C TRP A 1965 -25.33 -60.92 -1.87
N ASN A 1966 -25.43 -61.13 -0.55
CA ASN A 1966 -26.75 -61.32 0.07
C ASN A 1966 -27.61 -60.08 -0.10
N SER A 1967 -27.03 -58.89 0.10
CA SER A 1967 -27.79 -57.66 -0.06
C SER A 1967 -28.28 -57.48 -1.49
N LEU A 1968 -27.43 -57.76 -2.46
CA LEU A 1968 -27.84 -57.65 -3.85
C LEU A 1968 -28.93 -58.67 -4.20
N LEU A 1969 -28.82 -59.88 -3.67
CA LEU A 1969 -29.85 -60.88 -3.91
C LEU A 1969 -31.18 -60.43 -3.33
N ALA A 1970 -31.16 -59.86 -2.12
CA ALA A 1970 -32.40 -59.35 -1.53
C ALA A 1970 -32.98 -58.22 -2.35
N VAL A 1971 -32.14 -57.28 -2.80
CA VAL A 1971 -32.67 -56.13 -3.53
C VAL A 1971 -33.19 -56.52 -4.89
N VAL A 1972 -32.60 -57.56 -5.51
CA VAL A 1972 -33.14 -58.01 -6.80
C VAL A 1972 -34.38 -58.87 -6.59
N ARG A 1973 -34.50 -59.52 -5.44
CA ARG A 1973 -35.73 -60.21 -5.12
C ARG A 1973 -36.88 -59.24 -4.91
N GLU A 1974 -36.59 -58.07 -4.31
CA GLU A 1974 -37.62 -57.07 -4.11
C GLU A 1974 -38.19 -56.57 -5.43
N GLY A 1975 -37.38 -56.55 -6.49
CA GLY A 1975 -37.86 -56.13 -7.79
C GLY A 1975 -37.19 -54.89 -8.34
N ARG A 1976 -35.92 -54.68 -7.98
CA ARG A 1976 -35.14 -53.55 -8.46
C ARG A 1976 -33.86 -54.07 -9.10
N SER A 1977 -33.56 -53.56 -10.30
CA SER A 1977 -32.45 -54.07 -11.09
C SER A 1977 -31.11 -53.58 -10.57
N VAL A 1978 -30.06 -54.32 -10.92
CA VAL A 1978 -28.69 -54.02 -10.53
C VAL A 1978 -27.82 -54.07 -11.77
N MET A 1979 -26.83 -53.17 -11.85
CA MET A 1979 -25.97 -53.10 -13.01
C MET A 1979 -24.50 -53.30 -12.60
N LEU A 1980 -24.25 -54.30 -11.78
CA LEU A 1980 -22.90 -54.56 -11.30
C LEU A 1980 -21.96 -54.89 -12.44
N THR A 1981 -20.73 -54.38 -12.36
CA THR A 1981 -19.66 -54.70 -13.30
C THR A 1981 -18.37 -54.93 -12.53
N SER A 1982 -17.75 -56.08 -12.76
CA SER A 1982 -16.51 -56.43 -12.07
C SER A 1982 -15.84 -57.56 -12.83
N HIS A 1983 -14.67 -57.96 -12.35
CA HIS A 1983 -13.92 -59.08 -12.90
C HIS A 1983 -14.06 -60.34 -12.06
N SER A 1984 -14.95 -60.33 -11.07
CA SER A 1984 -15.10 -61.42 -10.13
C SER A 1984 -16.15 -62.42 -10.61
N MET A 1985 -16.60 -63.28 -9.71
CA MET A 1985 -17.51 -64.39 -10.00
C MET A 1985 -18.76 -64.27 -9.14
N GLU A 1986 -19.55 -65.34 -9.12
CA GLU A 1986 -20.79 -65.43 -8.34
C GLU A 1986 -21.86 -64.51 -8.91
N GLU A 1987 -22.28 -63.51 -8.13
CA GLU A 1987 -23.33 -62.60 -8.58
C GLU A 1987 -22.96 -61.91 -9.88
N CYS A 1988 -21.66 -61.62 -10.06
CA CYS A 1988 -21.21 -61.08 -11.35
C CYS A 1988 -21.30 -62.12 -12.45
N GLU A 1989 -20.92 -63.37 -12.15
CA GLU A 1989 -20.84 -64.41 -13.17
C GLU A 1989 -21.81 -65.56 -12.92
N ALA A 1990 -21.73 -66.23 -11.78
CA ALA A 1990 -22.53 -67.43 -11.56
C ALA A 1990 -24.00 -67.11 -11.30
N LEU A 1991 -24.27 -66.10 -10.47
CA LEU A 1991 -25.63 -65.73 -10.09
C LEU A 1991 -26.20 -64.62 -10.96
N CYS A 1992 -25.47 -64.20 -11.99
CA CYS A 1992 -25.93 -63.11 -12.84
C CYS A 1992 -27.08 -63.58 -13.72
N SER A 1993 -27.59 -62.65 -14.53
CA SER A 1993 -28.71 -62.94 -15.42
C SER A 1993 -28.37 -62.78 -16.89
N ARG A 1994 -27.70 -61.69 -17.27
CA ARG A 1994 -27.37 -61.44 -18.67
C ARG A 1994 -26.01 -60.77 -18.74
N LEU A 1995 -24.97 -61.58 -18.92
CA LEU A 1995 -23.63 -61.06 -19.12
C LEU A 1995 -23.49 -60.47 -20.52
N ALA A 1996 -22.51 -59.58 -20.67
CA ALA A 1996 -22.24 -58.97 -21.98
C ALA A 1996 -20.78 -58.51 -21.99
N ILE A 1997 -19.92 -59.28 -22.67
CA ILE A 1997 -18.51 -58.94 -22.73
C ILE A 1997 -18.32 -57.74 -23.65
N MET A 1998 -17.59 -56.74 -23.17
CA MET A 1998 -17.33 -55.52 -23.92
C MET A 1998 -15.83 -55.38 -24.13
N VAL A 1999 -15.42 -55.22 -25.39
CA VAL A 1999 -14.02 -55.02 -25.74
C VAL A 1999 -13.91 -53.90 -26.77
N ASN A 2000 -13.05 -52.93 -26.48
CA ASN A 2000 -12.77 -51.81 -27.40
C ASN A 2000 -14.05 -51.10 -27.84
N GLY A 2001 -14.97 -50.92 -26.90
CA GLY A 2001 -16.18 -50.17 -27.19
C GLY A 2001 -17.19 -50.90 -28.04
N ARG A 2002 -17.16 -52.23 -28.06
CA ARG A 2002 -18.14 -53.01 -28.82
C ARG A 2002 -18.58 -54.21 -28.01
N PHE A 2003 -19.88 -54.47 -28.02
CA PHE A 2003 -20.42 -55.66 -27.36
C PHE A 2003 -20.07 -56.91 -28.15
N ARG A 2004 -20.04 -58.06 -27.47
CA ARG A 2004 -19.63 -59.30 -28.10
C ARG A 2004 -20.78 -60.32 -28.15
N CYS A 2005 -21.36 -60.69 -27.01
CA CYS A 2005 -22.40 -61.72 -27.00
C CYS A 2005 -23.75 -61.20 -26.55
N LEU A 2006 -23.83 -60.59 -25.37
CA LEU A 2006 -25.10 -60.20 -24.75
C LEU A 2006 -26.01 -61.43 -24.64
N GLY A 2007 -25.57 -62.35 -23.78
CA GLY A 2007 -26.27 -63.61 -23.60
C GLY A 2007 -26.19 -64.08 -22.16
N SER A 2008 -27.05 -65.06 -21.86
CA SER A 2008 -27.11 -65.62 -20.51
C SER A 2008 -25.84 -66.42 -20.21
N PRO A 2009 -25.49 -66.59 -18.93
CA PRO A 2009 -24.27 -67.35 -18.61
C PRO A 2009 -24.33 -68.80 -19.04
N GLN A 2010 -25.42 -69.51 -18.72
CA GLN A 2010 -25.56 -70.88 -19.17
C GLN A 2010 -25.64 -70.94 -20.70
N HIS A 2011 -26.26 -69.94 -21.32
CA HIS A 2011 -26.27 -69.86 -22.78
C HIS A 2011 -24.86 -69.71 -23.33
N LEU A 2012 -24.04 -68.86 -22.71
CA LEU A 2012 -22.66 -68.69 -23.14
C LEU A 2012 -21.87 -69.98 -22.99
N LYS A 2013 -22.07 -70.69 -21.87
CA LYS A 2013 -21.39 -71.96 -21.67
C LYS A 2013 -21.81 -72.99 -22.71
N GLY A 2014 -23.10 -73.05 -23.02
CA GLY A 2014 -23.57 -74.01 -24.02
C GLY A 2014 -23.07 -73.70 -25.42
N ARG A 2015 -23.13 -72.43 -25.82
CA ARG A 2015 -22.72 -72.08 -27.18
C ARG A 2015 -21.20 -72.07 -27.33
N PHE A 2016 -20.48 -71.69 -26.28
CA PHE A 2016 -19.03 -71.65 -26.32
C PHE A 2016 -18.41 -72.02 -24.98
N LEU A 2093 -14.70 -70.53 -14.82
CA LEU A 2093 -15.22 -69.97 -16.06
C LEU A 2093 -14.26 -68.94 -16.64
N GLU A 2094 -13.14 -68.73 -15.95
CA GLU A 2094 -12.11 -67.81 -16.45
C GLU A 2094 -11.55 -68.29 -17.77
N GLU A 2095 -11.24 -69.59 -17.87
CA GLU A 2095 -10.75 -70.15 -19.13
C GLU A 2095 -11.81 -70.08 -20.22
N VAL A 2096 -13.08 -70.27 -19.86
CA VAL A 2096 -14.17 -70.12 -20.83
C VAL A 2096 -14.25 -68.68 -21.31
N PHE A 2097 -14.08 -67.72 -20.41
CA PHE A 2097 -14.07 -66.31 -20.80
C PHE A 2097 -12.91 -66.01 -21.74
N LEU A 2098 -11.72 -66.56 -21.45
CA LEU A 2098 -10.58 -66.36 -22.33
C LEU A 2098 -10.82 -66.98 -23.70
N TYR A 2099 -11.40 -68.18 -23.73
CA TYR A 2099 -11.72 -68.83 -25.00
C TYR A 2099 -12.72 -68.00 -25.81
N PHE A 2100 -13.74 -67.46 -25.14
CA PHE A 2100 -14.72 -66.62 -25.83
C PHE A 2100 -14.09 -65.34 -26.34
N SER A 2101 -13.14 -64.76 -25.58
CA SER A 2101 -12.40 -63.62 -26.09
C SER A 2101 -11.60 -64.00 -27.33
N LYS A 2102 -10.99 -65.19 -27.32
CA LYS A 2102 -10.30 -65.70 -28.49
C LYS A 2102 -11.25 -66.31 -29.53
N ASP A 2103 -12.52 -66.50 -29.18
CA ASP A 2103 -13.48 -67.07 -30.12
C ASP A 2103 -13.69 -66.17 -31.33
N GLN A 2104 -13.78 -64.87 -31.12
CA GLN A 2104 -14.00 -63.92 -32.21
C GLN A 2104 -12.68 -63.33 -32.70
#